data_6GX3
#
_entry.id   6GX3
#
_cell.length_a   70.449
_cell.length_b   70.670
_cell.length_c   98.413
_cell.angle_alpha   75.71
_cell.angle_beta   78.40
_cell.angle_gamma   85.55
#
_symmetry.space_group_name_H-M   'P 1'
#
loop_
_entity.id
_entity.type
_entity.pdbx_description
1 polymer 'Histone deacetylase'
2 non-polymer 'ZINC ION'
3 non-polymer 'POTASSIUM ION'
4 non-polymer 4-chloranyl-~{N}-oxidanyl-1-benzothiophene-2-carboxamide
5 non-polymer GLYCEROL
6 non-polymer DIMETHYLFORMAMIDE
7 water water
#
_entity_poly.entity_id   1
_entity_poly.type   'polypeptide(L)'
_entity_poly.pdbx_seq_one_letter_code
;HMSVGIVYGDQYRQLCCSSPKFGDRYALVMDLINAYKLIPELSRVPPLQWDSPSRMYEAVTAFHSTEYVDALKKLQMLHC
EEKELTADDELLMDSFSLNYDCPGFPSVFDYSLAAVQGSLAAASALICRHCEVVINWGGGWHHAKRSEASGFCYLNDIVL
AIHRLVSSTPPETSPNRQTRVLYVDLDLHHGDGVEEAFWYSPRVVTFSVHHASPGFFPGTGTWNMVDNDKLPIFLNGAGR
GRFSAFNLPLEEGINDLDWSNAIGPILDSLNIVIQPSYVVVQCGADCLATDPHRIFRLTNFYPNLNLDSDCDSECSLSGY
LYAIKKILSWKVPTLILGGGGYNFPDTARLWTRVTALTIEEVKGKKMTISPEIPEHSYFSRYGPDFELDIDYFPHESHNK
TLDSIQKHHRRILEQLRNYADLNKLIYDYDQVYQLYNLTGMGSLVPR
;
_entity_poly.pdbx_strand_id   A,B,C,D
#
# COMPACT_ATOMS: atom_id res chain seq x y z
N SER A 3 30.90 -21.25 5.42
CA SER A 3 30.47 -22.51 6.02
C SER A 3 29.31 -23.09 5.22
N VAL A 4 28.83 -24.27 5.62
CA VAL A 4 27.68 -24.84 4.97
C VAL A 4 26.49 -24.77 5.93
N GLY A 5 25.41 -24.13 5.48
CA GLY A 5 24.24 -23.95 6.31
C GLY A 5 23.20 -25.01 6.00
N ILE A 6 22.34 -25.29 6.98
CA ILE A 6 21.22 -26.17 6.72
C ILE A 6 20.04 -25.73 7.56
N VAL A 7 18.87 -25.67 6.92
CA VAL A 7 17.67 -25.14 7.57
C VAL A 7 16.98 -26.22 8.39
N TYR A 8 16.88 -26.01 9.69
CA TYR A 8 16.02 -26.85 10.52
C TYR A 8 15.64 -26.14 11.82
N GLY A 9 14.72 -26.76 12.55
CA GLY A 9 14.18 -26.24 13.80
C GLY A 9 13.09 -27.18 14.28
N ASP A 10 12.73 -27.12 15.55
CA ASP A 10 11.73 -28.05 16.09
C ASP A 10 10.34 -27.83 15.51
N GLN A 11 9.87 -26.59 15.53
CA GLN A 11 8.60 -26.26 14.90
C GLN A 11 8.66 -26.56 13.42
N TYR A 12 9.80 -26.25 12.80
CA TYR A 12 9.98 -26.40 11.37
C TYR A 12 9.82 -27.87 10.98
N ARG A 13 10.41 -28.75 11.77
CA ARG A 13 10.28 -30.19 11.57
C ARG A 13 8.84 -30.69 11.67
N GLN A 14 8.11 -30.21 12.67
CA GLN A 14 6.72 -30.61 12.83
C GLN A 14 5.86 -30.17 11.65
N LEU A 15 6.09 -28.95 11.16
CA LEU A 15 5.30 -28.42 10.05
C LEU A 15 5.66 -29.10 8.73
N CYS A 16 6.94 -29.39 8.50
CA CYS A 16 7.36 -30.07 7.28
C CYS A 16 6.87 -31.51 7.25
N CYS A 17 6.52 -32.04 8.41
CA CYS A 17 6.01 -33.40 8.50
C CYS A 17 4.50 -33.44 8.64
N SER A 18 3.83 -32.32 8.38
CA SER A 18 2.39 -32.24 8.65
C SER A 18 1.54 -32.53 7.41
N SER A 19 2.19 -32.74 6.27
CA SER A 19 1.43 -32.96 5.04
C SER A 19 1.03 -34.43 4.87
N PRO A 20 -0.14 -34.66 4.27
CA PRO A 20 -0.61 -36.02 3.96
C PRO A 20 0.29 -36.75 2.95
N LYS A 21 0.75 -36.05 1.91
CA LYS A 21 1.51 -36.64 0.82
C LYS A 21 2.97 -36.95 1.19
N PHE A 22 3.63 -36.02 1.87
CA PHE A 22 5.07 -36.21 2.13
C PHE A 22 5.33 -36.72 3.54
N GLY A 23 4.27 -36.87 4.32
CA GLY A 23 4.33 -37.42 5.66
C GLY A 23 5.60 -37.06 6.42
N ASP A 24 6.27 -38.08 6.94
CA ASP A 24 7.43 -37.85 7.82
C ASP A 24 8.76 -37.86 7.07
N ARG A 25 8.71 -37.67 5.76
CA ARG A 25 9.92 -37.69 4.93
C ARG A 25 11.04 -36.77 5.45
N TYR A 26 10.69 -35.54 5.80
CA TYR A 26 11.68 -34.57 6.26
C TYR A 26 12.38 -35.04 7.51
N ALA A 27 11.62 -35.69 8.40
CA ALA A 27 12.21 -36.24 9.61
C ALA A 27 13.16 -37.39 9.30
N LEU A 28 12.84 -38.25 8.33
CA LEU A 28 13.80 -39.30 7.93
C LEU A 28 15.10 -38.68 7.41
N VAL A 29 14.98 -37.67 6.57
CA VAL A 29 16.14 -37.03 5.99
C VAL A 29 17.04 -36.40 7.07
N MET A 30 16.44 -35.62 7.96
CA MET A 30 17.25 -34.90 8.94
C MET A 30 17.84 -35.86 9.99
N ASP A 31 17.07 -36.86 10.39
CA ASP A 31 17.56 -37.88 11.33
C ASP A 31 18.67 -38.73 10.72
N LEU A 32 18.61 -38.99 9.42
CA LEU A 32 19.69 -39.73 8.77
C LEU A 32 20.98 -38.88 8.68
N ILE A 33 20.81 -37.61 8.32
CA ILE A 33 21.90 -36.64 8.35
C ILE A 33 22.48 -36.53 9.78
N ASN A 34 21.59 -36.55 10.76
CA ASN A 34 22.02 -36.52 12.15
C ASN A 34 22.70 -37.83 12.58
N ALA A 35 22.14 -38.96 12.13
CA ALA A 35 22.67 -40.28 12.43
C ALA A 35 24.07 -40.48 11.86
N TYR A 36 24.35 -39.81 10.75
CA TYR A 36 25.67 -39.88 10.12
C TYR A 36 26.63 -38.79 10.62
N LYS A 37 26.22 -38.12 11.70
CA LYS A 37 27.03 -37.11 12.39
C LYS A 37 27.40 -35.89 11.55
N LEU A 38 26.59 -35.56 10.56
CA LEU A 38 26.89 -34.41 9.72
C LEU A 38 26.48 -33.10 10.36
N ILE A 39 25.55 -33.16 11.31
CA ILE A 39 25.02 -31.92 11.92
C ILE A 39 26.11 -31.03 12.55
N PRO A 40 27.09 -31.60 13.29
CA PRO A 40 28.15 -30.74 13.83
C PRO A 40 28.99 -29.98 12.78
N GLU A 41 29.02 -30.49 11.55
CA GLU A 41 29.76 -29.82 10.49
C GLU A 41 28.99 -28.61 9.93
N LEU A 42 27.71 -28.49 10.28
CA LEU A 42 26.80 -27.57 9.58
C LEU A 42 26.31 -26.40 10.43
N SER A 43 26.20 -25.24 9.81
CA SER A 43 25.61 -24.07 10.46
C SER A 43 24.08 -24.14 10.41
N ARG A 44 23.41 -24.33 11.55
CA ARG A 44 21.94 -24.30 11.56
C ARG A 44 21.44 -22.91 11.16
N VAL A 45 20.56 -22.90 10.17
CA VAL A 45 19.89 -21.68 9.71
C VAL A 45 18.43 -21.74 10.15
N PRO A 46 18.02 -20.82 11.04
CA PRO A 46 16.64 -20.85 11.53
C PRO A 46 15.70 -20.27 10.50
N PRO A 47 14.49 -20.84 10.35
CA PRO A 47 13.57 -20.29 9.36
C PRO A 47 13.17 -18.86 9.69
N LEU A 48 12.88 -18.07 8.66
CA LEU A 48 12.49 -16.68 8.84
C LEU A 48 11.17 -16.57 9.59
N GLN A 49 11.09 -15.61 10.50
CA GLN A 49 9.80 -15.24 11.04
C GLN A 49 9.64 -13.75 10.91
N TRP A 50 8.38 -13.30 11.00
CA TRP A 50 8.01 -11.93 10.68
C TRP A 50 7.38 -11.22 11.86
N ASP A 51 7.41 -9.90 11.79
CA ASP A 51 7.06 -9.04 12.92
C ASP A 51 5.58 -8.71 12.96
N SER A 52 4.84 -9.16 11.95
CA SER A 52 3.41 -8.86 11.86
C SER A 52 2.78 -9.60 10.69
N PRO A 53 1.45 -9.78 10.72
CA PRO A 53 0.77 -10.38 9.57
C PRO A 53 0.98 -9.60 8.27
N SER A 54 1.05 -8.27 8.34
CA SER A 54 1.28 -7.42 7.16
C SER A 54 2.63 -7.67 6.51
N ARG A 55 3.64 -7.85 7.34
CA ARG A 55 5.00 -8.12 6.86
C ARG A 55 5.09 -9.51 6.21
N MET A 56 4.42 -10.50 6.79
CA MET A 56 4.34 -11.81 6.16
C MET A 56 3.64 -11.70 4.79
N TYR A 57 2.48 -11.06 4.76
CA TYR A 57 1.78 -10.85 3.50
C TYR A 57 2.64 -10.12 2.48
N GLU A 58 3.41 -9.14 2.95
CA GLU A 58 4.29 -8.39 2.06
C GLU A 58 5.34 -9.33 1.42
N ALA A 59 5.88 -10.23 2.22
CA ALA A 59 6.89 -11.17 1.75
C ALA A 59 6.32 -12.14 0.73
N VAL A 60 5.14 -12.68 1.04
CA VAL A 60 4.58 -13.76 0.21
C VAL A 60 3.95 -13.18 -1.04
N THR A 61 3.35 -11.99 -0.93
CA THR A 61 2.72 -11.39 -2.12
C THR A 61 3.71 -10.64 -3.01
N ALA A 62 5.00 -10.79 -2.71
CA ALA A 62 6.04 -10.42 -3.66
C ALA A 62 5.91 -11.26 -4.94
N PHE A 63 5.41 -12.48 -4.81
CA PHE A 63 5.12 -13.31 -5.98
C PHE A 63 3.63 -13.64 -6.07
N HIS A 64 3.06 -14.18 -4.99
CA HIS A 64 1.66 -14.63 -5.03
C HIS A 64 0.63 -13.49 -4.89
N SER A 65 -0.52 -13.66 -5.52
CA SER A 65 -1.59 -12.66 -5.38
C SER A 65 -2.14 -12.67 -3.97
N THR A 66 -2.59 -11.52 -3.51
CA THR A 66 -3.17 -11.41 -2.18
C THR A 66 -4.41 -12.31 -2.05
N GLU A 67 -5.29 -12.31 -3.06
CA GLU A 67 -6.49 -13.16 -2.96
C GLU A 67 -6.14 -14.65 -2.86
N TYR A 68 -5.10 -15.09 -3.57
CA TYR A 68 -4.68 -16.49 -3.45
C TYR A 68 -4.22 -16.80 -2.02
N VAL A 69 -3.42 -15.89 -1.44
CA VAL A 69 -2.94 -16.10 -0.08
C VAL A 69 -4.10 -16.11 0.91
N ASP A 70 -5.06 -15.21 0.72
CA ASP A 70 -6.29 -15.18 1.53
C ASP A 70 -7.02 -16.52 1.46
N ALA A 71 -7.19 -17.02 0.23
CA ALA A 71 -7.82 -18.32 -0.01
C ALA A 71 -7.10 -19.44 0.73
N LEU A 72 -5.79 -19.52 0.53
CA LEU A 72 -4.98 -20.54 1.18
C LEU A 72 -5.15 -20.48 2.71
N LYS A 73 -5.13 -19.27 3.28
CA LYS A 73 -5.32 -19.14 4.71
C LYS A 73 -6.74 -19.53 5.14
N LYS A 74 -7.74 -19.16 4.34
CA LYS A 74 -9.12 -19.56 4.64
C LYS A 74 -9.25 -21.09 4.60
N LEU A 75 -8.55 -21.72 3.66
CA LEU A 75 -8.56 -23.18 3.50
C LEU A 75 -8.08 -23.86 4.78
N GLN A 76 -7.09 -23.28 5.43
CA GLN A 76 -6.59 -23.84 6.67
C GLN A 76 -7.64 -23.78 7.78
N MET A 77 -8.18 -22.58 8.00
CA MET A 77 -9.20 -22.39 9.02
C MET A 77 -10.37 -23.34 8.81
N LEU A 78 -10.74 -23.54 7.55
CA LEU A 78 -11.90 -24.40 7.24
C LEU A 78 -11.60 -25.84 7.64
N HIS A 79 -10.38 -26.31 7.37
CA HIS A 79 -10.01 -27.68 7.72
C HIS A 79 -9.71 -27.83 9.21
N CYS A 80 -9.81 -26.74 9.96
CA CYS A 80 -9.62 -26.80 11.41
C CYS A 80 -10.91 -26.67 12.20
N GLU A 81 -12.05 -26.78 11.52
CA GLU A 81 -13.33 -26.61 12.19
C GLU A 81 -14.37 -27.62 11.70
N GLU A 82 -14.33 -27.93 10.42
CA GLU A 82 -15.31 -28.83 9.81
C GLU A 82 -15.08 -30.28 10.25
N GLU A 84 -17.83 -29.40 6.69
CA GLU A 84 -17.59 -29.46 5.25
C GLU A 84 -17.77 -28.08 4.61
N LEU A 85 -17.00 -27.83 3.55
CA LEU A 85 -17.07 -26.55 2.86
C LEU A 85 -18.43 -26.35 2.20
N THR A 86 -18.85 -25.10 2.10
CA THR A 86 -20.10 -24.79 1.41
C THR A 86 -19.84 -24.73 -0.09
N ALA A 87 -20.89 -24.56 -0.89
CA ALA A 87 -20.73 -24.50 -2.34
C ALA A 87 -19.88 -23.29 -2.73
N ASP A 88 -20.09 -22.16 -2.06
CA ASP A 88 -19.36 -20.95 -2.39
C ASP A 88 -17.86 -21.10 -2.05
N ASP A 89 -17.55 -21.73 -0.93
CA ASP A 89 -16.14 -21.98 -0.58
C ASP A 89 -15.48 -22.93 -1.57
N GLU A 90 -16.12 -24.06 -1.88
CA GLU A 90 -15.62 -24.98 -2.89
C GLU A 90 -15.31 -24.23 -4.19
N LEU A 91 -16.23 -23.38 -4.60
CA LEU A 91 -16.02 -22.57 -5.81
C LEU A 91 -14.80 -21.65 -5.69
N LEU A 92 -14.68 -20.97 -4.55
CA LEU A 92 -13.51 -20.13 -4.29
C LEU A 92 -12.22 -20.95 -4.40
N MET A 93 -12.20 -22.09 -3.71
CA MET A 93 -11.00 -22.93 -3.69
C MET A 93 -10.63 -23.45 -5.11
N ASP A 94 -11.63 -23.88 -5.87
CA ASP A 94 -11.42 -24.36 -7.24
C ASP A 94 -10.74 -23.32 -8.15
N SER A 95 -11.11 -22.06 -7.98
CA SER A 95 -10.60 -21.00 -8.84
C SER A 95 -9.13 -20.75 -8.58
N PHE A 96 -8.62 -21.34 -7.50
CA PHE A 96 -7.18 -21.31 -7.20
C PHE A 96 -6.53 -22.70 -7.31
N SER A 97 -7.28 -23.69 -7.78
CA SER A 97 -6.87 -25.10 -7.85
C SER A 97 -6.52 -25.66 -6.47
N LEU A 98 -7.18 -25.15 -5.45
CA LEU A 98 -6.97 -25.69 -4.11
C LEU A 98 -7.87 -26.92 -3.95
N ASN A 99 -7.57 -27.93 -4.75
CA ASN A 99 -8.41 -29.11 -4.93
C ASN A 99 -7.63 -30.27 -5.57
N TYR A 100 -8.26 -31.44 -5.62
CA TYR A 100 -7.70 -32.64 -6.25
C TYR A 100 -6.27 -32.97 -5.76
N ASP A 101 -5.27 -32.68 -6.57
CA ASP A 101 -3.88 -32.92 -6.18
C ASP A 101 -3.40 -32.00 -5.06
N CYS A 102 -4.07 -30.87 -4.88
CA CYS A 102 -3.65 -29.90 -3.88
C CYS A 102 -4.75 -29.59 -2.87
N PRO A 103 -5.21 -30.62 -2.14
CA PRO A 103 -6.36 -30.42 -1.24
C PRO A 103 -5.97 -29.62 -0.01
N GLY A 104 -6.94 -29.30 0.82
CA GLY A 104 -6.66 -28.65 2.09
C GLY A 104 -6.40 -29.68 3.15
N PHE A 105 -5.70 -29.28 4.20
CA PHE A 105 -5.58 -30.12 5.37
C PHE A 105 -5.39 -29.16 6.54
N PRO A 106 -5.57 -29.64 7.79
CA PRO A 106 -5.58 -28.76 8.97
C PRO A 106 -4.44 -27.72 9.07
N SER A 107 -3.28 -28.01 8.53
CA SER A 107 -2.19 -27.05 8.66
C SER A 107 -1.59 -26.66 7.31
N VAL A 108 -2.39 -26.76 6.24
CA VAL A 108 -1.91 -26.49 4.89
C VAL A 108 -1.24 -25.10 4.69
N PHE A 109 -1.74 -24.05 5.32
CA PHE A 109 -1.08 -22.75 5.16
C PHE A 109 0.23 -22.71 5.96
N ASP A 110 0.18 -23.12 7.22
CA ASP A 110 1.39 -23.15 8.05
C ASP A 110 2.46 -24.01 7.38
N TYR A 111 2.03 -25.15 6.85
CA TYR A 111 2.92 -26.11 6.19
C TYR A 111 3.62 -25.47 4.99
N SER A 112 2.82 -24.84 4.13
CA SER A 112 3.28 -24.13 2.95
C SER A 112 4.18 -22.95 3.27
N LEU A 113 3.80 -22.18 4.27
CA LEU A 113 4.56 -21.00 4.63
C LEU A 113 5.94 -21.39 5.20
N ALA A 114 5.99 -22.55 5.86
CA ALA A 114 7.24 -23.01 6.48
C ALA A 114 8.34 -23.12 5.44
N ALA A 115 8.02 -23.71 4.29
CA ALA A 115 9.03 -23.88 3.23
C ALA A 115 9.53 -22.50 2.77
N VAL A 116 8.61 -21.55 2.70
CA VAL A 116 8.96 -20.17 2.36
C VAL A 116 9.87 -19.54 3.44
N GLN A 117 9.51 -19.74 4.71
CA GLN A 117 10.31 -19.24 5.83
C GLN A 117 11.72 -19.82 5.76
N GLY A 118 11.82 -21.09 5.37
CA GLY A 118 13.08 -21.77 5.36
C GLY A 118 14.00 -21.27 4.26
N SER A 119 13.46 -21.19 3.05
CA SER A 119 14.27 -20.78 1.91
C SER A 119 14.56 -19.27 1.86
N LEU A 120 13.76 -18.44 2.56
CA LEU A 120 14.08 -17.01 2.64
C LEU A 120 15.27 -16.77 3.58
N ALA A 121 15.29 -17.49 4.69
CA ALA A 121 16.42 -17.43 5.62
C ALA A 121 17.68 -17.93 4.92
N ALA A 122 17.53 -19.02 4.18
CA ALA A 122 18.63 -19.60 3.41
C ALA A 122 19.24 -18.56 2.47
N ALA A 123 18.38 -17.88 1.72
CA ALA A 123 18.80 -16.76 0.88
C ALA A 123 19.48 -15.67 1.70
N SER A 124 18.87 -15.27 2.82
CA SER A 124 19.48 -14.25 3.66
C SER A 124 20.88 -14.63 4.15
N ALA A 125 21.07 -15.90 4.50
CA ALA A 125 22.37 -16.36 5.01
C ALA A 125 23.42 -16.24 3.92
N LEU A 126 23.03 -16.56 2.69
CA LEU A 126 23.91 -16.36 1.54
C LEU A 126 24.23 -14.87 1.30
N ILE A 127 23.22 -14.02 1.37
CA ILE A 127 23.40 -12.59 1.07
C ILE A 127 24.30 -11.89 2.09
N CYS A 128 24.10 -12.18 3.37
N CYS A 128 24.09 -12.18 3.37
CA CYS A 128 24.93 -11.60 4.42
CA CYS A 128 24.92 -11.62 4.44
C CYS A 128 26.27 -12.33 4.50
C CYS A 128 26.27 -12.32 4.50
N ARG A 129 26.46 -13.29 3.59
CA ARG A 129 27.68 -14.08 3.50
C ARG A 129 28.05 -14.86 4.77
N HIS A 130 27.04 -15.21 5.58
CA HIS A 130 27.26 -16.07 6.74
C HIS A 130 27.60 -17.50 6.30
N CYS A 131 26.95 -17.96 5.23
CA CYS A 131 27.22 -19.26 4.66
C CYS A 131 27.56 -19.15 3.18
N GLU A 132 28.42 -20.05 2.71
CA GLU A 132 28.76 -20.14 1.30
C GLU A 132 27.73 -21.00 0.56
N VAL A 133 27.12 -21.91 1.32
CA VAL A 133 26.10 -22.82 0.78
C VAL A 133 25.06 -23.03 1.83
N VAL A 134 23.79 -22.96 1.45
CA VAL A 134 22.73 -23.33 2.38
C VAL A 134 21.83 -24.39 1.77
N ILE A 135 21.54 -25.38 2.58
CA ILE A 135 20.68 -26.50 2.23
C ILE A 135 19.31 -26.35 2.90
N ASN A 136 18.24 -26.47 2.12
CA ASN A 136 16.91 -26.56 2.73
C ASN A 136 16.15 -27.77 2.18
N TRP A 137 16.20 -28.87 2.91
CA TRP A 137 15.56 -30.09 2.43
C TRP A 137 14.05 -30.04 2.66
N GLY A 138 13.58 -28.98 3.32
CA GLY A 138 12.15 -28.75 3.49
C GLY A 138 11.55 -27.88 2.39
N GLY A 139 12.39 -27.32 1.53
CA GLY A 139 11.94 -26.46 0.45
C GLY A 139 12.11 -27.08 -0.93
N GLY A 140 11.77 -26.31 -1.98
CA GLY A 140 11.93 -26.76 -3.36
C GLY A 140 10.63 -27.00 -4.12
N TRP A 141 9.59 -26.25 -3.77
CA TRP A 141 8.25 -26.49 -4.31
C TRP A 141 8.00 -25.70 -5.60
N HIS A 142 8.54 -26.25 -6.68
CA HIS A 142 8.73 -25.49 -7.91
C HIS A 142 7.49 -25.35 -8.80
N HIS A 143 6.40 -26.01 -8.45
CA HIS A 143 5.22 -26.02 -9.34
C HIS A 143 4.25 -24.86 -9.08
N ALA A 144 4.32 -24.25 -7.89
CA ALA A 144 3.30 -23.29 -7.48
C ALA A 144 3.39 -22.01 -8.33
N LYS A 145 2.22 -21.49 -8.71
CA LYS A 145 2.11 -20.31 -9.53
C LYS A 145 1.57 -19.13 -8.72
N ARG A 146 1.59 -17.94 -9.32
CA ARG A 146 1.15 -16.71 -8.68
C ARG A 146 -0.19 -16.85 -7.93
N SER A 147 -1.16 -17.45 -8.62
CA SER A 147 -2.50 -17.61 -8.09
C SER A 147 -3.02 -19.03 -8.28
N GLU A 148 -2.14 -20.03 -8.11
CA GLU A 148 -2.55 -21.41 -8.29
C GLU A 148 -1.62 -22.40 -7.60
N ALA A 149 -2.21 -23.29 -6.79
CA ALA A 149 -1.50 -24.47 -6.29
C ALA A 149 -1.36 -25.49 -7.40
N SER A 150 -0.23 -26.19 -7.43
CA SER A 150 0.00 -27.18 -8.46
C SER A 150 1.03 -28.19 -7.97
N GLY A 151 0.82 -29.47 -8.30
CA GLY A 151 1.81 -30.51 -8.01
C GLY A 151 2.24 -30.63 -6.56
N PHE A 152 1.26 -30.56 -5.65
CA PHE A 152 1.38 -30.46 -4.19
CA PHE A 152 1.53 -30.58 -4.21
C PHE A 152 2.29 -29.34 -3.72
N CYS A 153 2.45 -28.34 -4.58
CA CYS A 153 3.10 -27.10 -4.20
C CYS A 153 2.03 -26.02 -3.98
N TYR A 154 2.04 -25.37 -2.83
CA TYR A 154 1.02 -24.36 -2.54
C TYR A 154 1.62 -22.96 -2.60
N LEU A 155 2.87 -22.83 -2.15
CA LEU A 155 3.57 -21.56 -2.21
C LEU A 155 4.96 -21.81 -2.80
N ASN A 156 5.41 -20.89 -3.65
CA ASN A 156 6.64 -21.17 -4.36
C ASN A 156 7.83 -20.57 -3.61
N ASP A 157 8.38 -21.35 -2.68
CA ASP A 157 9.49 -20.88 -1.88
C ASP A 157 10.73 -20.56 -2.75
N ILE A 158 10.86 -21.21 -3.89
CA ILE A 158 12.04 -20.99 -4.75
C ILE A 158 11.99 -19.62 -5.43
N VAL A 159 10.83 -19.29 -6.01
CA VAL A 159 10.64 -17.97 -6.61
C VAL A 159 10.90 -16.86 -5.60
N LEU A 160 10.38 -17.03 -4.39
CA LEU A 160 10.56 -16.02 -3.37
C LEU A 160 12.04 -15.95 -2.94
N ALA A 161 12.69 -17.10 -2.79
CA ALA A 161 14.11 -17.07 -2.45
C ALA A 161 14.92 -16.38 -3.54
N ILE A 162 14.65 -16.71 -4.80
CA ILE A 162 15.38 -16.11 -5.92
C ILE A 162 15.11 -14.62 -6.02
N HIS A 163 13.86 -14.22 -5.80
CA HIS A 163 13.52 -12.81 -5.81
C HIS A 163 14.37 -12.07 -4.78
N ARG A 164 14.40 -12.57 -3.55
CA ARG A 164 15.24 -11.94 -2.53
C ARG A 164 16.71 -11.86 -2.98
N LEU A 165 17.20 -12.88 -3.66
CA LEU A 165 18.59 -12.90 -4.12
C LEU A 165 18.85 -11.82 -5.18
N VAL A 166 17.96 -11.70 -6.18
CA VAL A 166 18.15 -10.68 -7.22
C VAL A 166 17.84 -9.28 -6.72
N SER A 167 17.18 -9.16 -5.58
CA SER A 167 16.79 -7.85 -5.10
C SER A 167 17.77 -7.29 -4.07
N SER A 168 18.91 -7.96 -3.89
CA SER A 168 19.88 -7.54 -2.89
C SER A 168 21.01 -6.72 -3.51
N GLN A 178 25.43 -5.89 -10.84
CA GLN A 178 24.08 -6.32 -11.21
C GLN A 178 23.91 -7.83 -11.06
N THR A 179 23.02 -8.23 -10.16
CA THR A 179 22.88 -9.63 -9.78
C THR A 179 22.23 -10.50 -10.86
N ARG A 180 22.90 -11.61 -11.18
CA ARG A 180 22.30 -12.65 -12.00
C ARG A 180 22.24 -13.97 -11.23
N VAL A 181 21.13 -14.66 -11.38
CA VAL A 181 20.90 -15.94 -10.71
C VAL A 181 20.71 -17.06 -11.72
N LEU A 182 21.39 -18.17 -11.49
CA LEU A 182 21.19 -19.38 -12.28
C LEU A 182 20.40 -20.37 -11.47
N TYR A 183 19.24 -20.75 -11.98
CA TYR A 183 18.36 -21.76 -11.38
C TYR A 183 18.55 -23.09 -12.10
N VAL A 184 18.87 -24.13 -11.32
CA VAL A 184 19.08 -25.45 -11.87
C VAL A 184 18.11 -26.43 -11.24
N ASP A 185 17.23 -26.97 -12.07
CA ASP A 185 16.14 -27.82 -11.59
C ASP A 185 16.36 -29.27 -12.03
N LEU A 186 16.79 -30.10 -11.09
CA LEU A 186 17.12 -31.50 -11.37
C LEU A 186 15.96 -32.48 -11.13
N ASP A 187 14.82 -31.98 -10.67
CA ASP A 187 13.65 -32.81 -10.37
C ASP A 187 13.23 -33.61 -11.62
N LEU A 188 12.59 -34.76 -11.42
CA LEU A 188 12.04 -35.51 -12.54
C LEU A 188 11.04 -34.66 -13.37
N HIS A 189 10.36 -33.74 -12.71
CA HIS A 189 9.31 -32.94 -13.36
C HIS A 189 9.80 -31.56 -13.82
N HIS A 190 9.21 -31.01 -14.87
CA HIS A 190 9.59 -29.70 -15.34
C HIS A 190 9.32 -28.65 -14.25
N GLY A 191 10.28 -27.75 -14.04
CA GLY A 191 10.11 -26.72 -13.03
C GLY A 191 9.38 -25.52 -13.61
N ASP A 192 8.08 -25.69 -13.85
CA ASP A 192 7.30 -24.70 -14.60
C ASP A 192 6.95 -23.43 -13.82
N GLY A 193 6.61 -23.57 -12.54
CA GLY A 193 6.30 -22.44 -11.68
C GLY A 193 7.44 -21.43 -11.64
N VAL A 194 8.66 -21.92 -11.40
CA VAL A 194 9.81 -21.01 -11.37
C VAL A 194 10.12 -20.44 -12.75
N GLU A 195 10.03 -21.29 -13.75
CA GLU A 195 10.33 -20.82 -15.09
C GLU A 195 9.33 -19.72 -15.50
N GLU A 196 8.06 -19.93 -15.20
CA GLU A 196 7.04 -18.94 -15.57
C GLU A 196 7.29 -17.59 -14.88
N ALA A 197 7.64 -17.65 -13.60
CA ALA A 197 7.83 -16.46 -12.79
C ALA A 197 8.88 -15.52 -13.36
N PHE A 198 9.93 -16.07 -13.97
CA PHE A 198 11.03 -15.24 -14.48
C PHE A 198 11.09 -15.29 -16.01
N TRP A 199 9.96 -15.64 -16.62
CA TRP A 199 9.83 -15.69 -18.07
C TRP A 199 10.25 -14.38 -18.76
N TYR A 200 10.04 -13.25 -18.08
CA TYR A 200 10.33 -11.93 -18.65
C TYR A 200 11.61 -11.31 -18.08
N SER A 201 12.33 -12.11 -17.29
CA SER A 201 13.46 -11.59 -16.53
C SER A 201 14.77 -12.24 -16.96
N PRO A 202 15.69 -11.45 -17.56
CA PRO A 202 16.97 -12.01 -18.02
C PRO A 202 17.98 -12.23 -16.88
N ARG A 203 17.77 -11.57 -15.74
CA ARG A 203 18.65 -11.67 -14.57
C ARG A 203 18.54 -13.01 -13.87
N VAL A 204 17.47 -13.75 -14.15
CA VAL A 204 17.30 -15.06 -13.56
C VAL A 204 17.21 -16.08 -14.67
N VAL A 205 18.28 -16.84 -14.88
CA VAL A 205 18.21 -17.84 -15.91
C VAL A 205 17.78 -19.16 -15.30
N THR A 206 16.74 -19.77 -15.87
CA THR A 206 16.25 -21.04 -15.39
C THR A 206 16.67 -22.17 -16.31
N PHE A 207 16.96 -23.33 -15.73
CA PHE A 207 17.37 -24.52 -16.49
C PHE A 207 16.83 -25.73 -15.76
N SER A 208 15.93 -26.45 -16.44
CA SER A 208 15.31 -27.64 -15.89
C SER A 208 15.67 -28.82 -16.77
N VAL A 209 16.08 -29.91 -16.14
CA VAL A 209 16.21 -31.19 -16.84
C VAL A 209 15.15 -32.09 -16.27
N HIS A 210 14.52 -32.89 -17.12
CA HIS A 210 13.32 -33.57 -16.67
C HIS A 210 12.85 -34.58 -17.67
N HIS A 211 11.93 -35.44 -17.24
CA HIS A 211 11.20 -36.24 -18.21
C HIS A 211 10.05 -35.40 -18.76
N ALA A 212 9.78 -35.56 -20.05
CA ALA A 212 8.56 -35.01 -20.64
C ALA A 212 8.04 -36.02 -21.68
N SER A 213 6.72 -36.20 -21.72
CA SER A 213 6.06 -37.13 -22.65
C SER A 213 4.57 -36.86 -22.58
N PRO A 214 3.81 -37.19 -23.64
CA PRO A 214 2.38 -36.80 -23.70
C PRO A 214 1.58 -37.24 -22.46
N GLY A 215 0.98 -36.26 -21.79
CA GLY A 215 0.16 -36.55 -20.62
C GLY A 215 0.90 -36.60 -19.30
N PHE A 216 2.22 -36.45 -19.36
CA PHE A 216 3.04 -36.48 -18.14
C PHE A 216 3.10 -35.09 -17.46
N PHE A 217 2.84 -35.05 -16.16
CA PHE A 217 2.85 -33.80 -15.41
C PHE A 217 4.17 -33.04 -15.49
N PRO A 218 4.12 -31.70 -15.64
CA PRO A 218 2.92 -30.88 -15.86
C PRO A 218 2.66 -30.56 -17.33
N GLY A 219 3.51 -31.05 -18.22
CA GLY A 219 3.22 -30.96 -19.65
C GLY A 219 4.13 -30.03 -20.40
N THR A 220 4.82 -29.16 -19.68
CA THR A 220 5.65 -28.13 -20.31
C THR A 220 7.12 -28.54 -20.28
N GLY A 221 8.00 -27.64 -20.73
CA GLY A 221 9.43 -27.90 -20.75
C GLY A 221 9.86 -28.77 -21.92
N THR A 222 9.10 -28.69 -23.00
CA THR A 222 9.40 -29.43 -24.21
C THR A 222 8.83 -28.72 -25.41
N TRP A 223 9.00 -29.33 -26.59
CA TRP A 223 8.47 -28.77 -27.84
C TRP A 223 7.02 -28.34 -27.65
N ASN A 224 6.66 -27.19 -28.19
CA ASN A 224 5.40 -26.55 -27.87
C ASN A 224 4.54 -26.28 -29.09
N LEU A 231 6.36 -27.81 -37.84
CA LEU A 231 7.49 -27.99 -36.94
C LEU A 231 7.35 -27.11 -35.70
N PRO A 232 7.12 -27.73 -34.54
CA PRO A 232 7.02 -26.98 -33.29
C PRO A 232 8.41 -26.58 -32.77
N ILE A 233 8.46 -25.57 -31.90
CA ILE A 233 9.73 -25.04 -31.38
C ILE A 233 9.71 -25.00 -29.85
N PHE A 234 10.86 -24.75 -29.24
CA PHE A 234 10.96 -24.49 -27.80
C PHE A 234 10.73 -23.01 -27.49
N LEU A 235 9.70 -22.71 -26.69
CA LEU A 235 9.59 -21.36 -26.13
C LEU A 235 10.69 -21.22 -25.09
N ASN A 236 11.16 -20.00 -24.84
CA ASN A 236 12.35 -19.83 -24.01
C ASN A 236 12.45 -18.50 -23.25
N GLY A 237 11.33 -17.84 -23.03
CA GLY A 237 11.37 -16.53 -22.42
C GLY A 237 10.74 -15.53 -23.38
N ALA A 238 10.38 -14.36 -22.87
CA ALA A 238 9.76 -13.32 -23.68
C ALA A 238 10.19 -11.95 -23.18
N GLY A 239 10.02 -10.94 -24.03
CA GLY A 239 10.42 -9.59 -23.67
C GLY A 239 11.93 -9.55 -23.54
N ARG A 240 12.41 -8.91 -22.49
CA ARG A 240 13.86 -8.87 -22.29
C ARG A 240 14.36 -10.19 -21.75
N GLY A 241 13.43 -11.09 -21.45
CA GLY A 241 13.76 -12.40 -20.93
C GLY A 241 13.87 -13.47 -22.00
N ARG A 242 13.80 -13.05 -23.27
CA ARG A 242 13.94 -13.99 -24.39
C ARG A 242 15.25 -14.77 -24.23
N PHE A 243 15.21 -16.06 -24.57
CA PHE A 243 16.34 -17.00 -24.45
C PHE A 243 16.82 -17.30 -23.03
N SER A 244 16.10 -16.84 -22.01
CA SER A 244 16.58 -16.98 -20.63
C SER A 244 15.97 -18.17 -19.91
N ALA A 245 15.10 -18.94 -20.59
CA ALA A 245 14.58 -20.17 -20.00
C ALA A 245 15.08 -21.38 -20.79
N PHE A 246 15.85 -22.24 -20.13
CA PHE A 246 16.48 -23.40 -20.76
C PHE A 246 15.79 -24.70 -20.33
N ASN A 247 15.63 -25.62 -21.28
CA ASN A 247 14.97 -26.89 -21.00
C ASN A 247 15.59 -28.05 -21.75
N LEU A 248 15.80 -29.16 -21.02
CA LEU A 248 16.29 -30.40 -21.59
C LEU A 248 15.38 -31.56 -21.20
N PRO A 249 14.40 -31.86 -22.07
CA PRO A 249 13.50 -33.00 -21.83
C PRO A 249 14.21 -34.31 -22.21
N LEU A 250 14.06 -35.33 -21.39
CA LEU A 250 14.74 -36.61 -21.60
C LEU A 250 13.77 -37.78 -21.54
N GLU A 251 14.04 -38.80 -22.34
CA GLU A 251 13.17 -39.97 -22.42
C GLU A 251 13.38 -40.86 -21.20
N GLU A 252 12.36 -41.66 -20.87
CA GLU A 252 12.45 -42.57 -19.75
C GLU A 252 13.61 -43.54 -19.89
N GLY A 253 14.05 -44.04 -18.73
CA GLY A 253 15.07 -45.08 -18.66
C GLY A 253 16.50 -44.57 -18.54
N ILE A 254 16.71 -43.25 -18.57
CA ILE A 254 18.07 -42.73 -18.61
C ILE A 254 18.81 -43.07 -17.30
N ASN A 255 20.07 -43.47 -17.42
CA ASN A 255 20.87 -43.83 -16.26
C ASN A 255 21.77 -42.69 -15.83
N ASP A 256 22.52 -42.91 -14.76
CA ASP A 256 23.47 -41.92 -14.23
C ASP A 256 24.40 -41.30 -15.28
N LEU A 257 25.08 -42.16 -16.03
CA LEU A 257 26.12 -41.74 -16.94
C LEU A 257 25.56 -40.89 -18.07
N ASP A 258 24.51 -41.40 -18.71
CA ASP A 258 23.89 -40.68 -19.80
C ASP A 258 23.28 -39.36 -19.32
N TRP A 259 22.62 -39.38 -18.17
CA TRP A 259 22.04 -38.16 -17.57
C TRP A 259 23.15 -37.14 -17.30
N SER A 260 24.22 -37.59 -16.66
CA SER A 260 25.38 -36.74 -16.38
C SER A 260 25.97 -36.14 -17.66
N ASN A 261 26.18 -36.97 -18.67
CA ASN A 261 26.75 -36.46 -19.92
C ASN A 261 25.80 -35.51 -20.65
N ALA A 262 24.50 -35.73 -20.43
CA ALA A 262 23.50 -34.87 -21.03
C ALA A 262 23.58 -33.45 -20.49
N ILE A 263 23.68 -33.31 -19.16
CA ILE A 263 23.56 -31.98 -18.57
C ILE A 263 24.91 -31.36 -18.20
N GLY A 264 25.96 -32.17 -18.16
CA GLY A 264 27.31 -31.71 -17.82
C GLY A 264 27.83 -30.49 -18.57
N PRO A 265 27.95 -30.58 -19.90
CA PRO A 265 28.39 -29.45 -20.73
C PRO A 265 27.45 -28.25 -20.68
N ILE A 266 26.17 -28.50 -20.47
CA ILE A 266 25.22 -27.39 -20.36
C ILE A 266 25.46 -26.59 -19.08
N LEU A 267 25.57 -27.28 -17.94
CA LEU A 267 25.85 -26.60 -16.68
C LEU A 267 27.11 -25.78 -16.83
N ASP A 268 28.19 -26.40 -17.30
CA ASP A 268 29.47 -25.73 -17.46
C ASP A 268 29.37 -24.51 -18.41
N SER A 269 28.67 -24.66 -19.53
CA SER A 269 28.50 -23.52 -20.45
C SER A 269 27.64 -22.41 -19.85
N LEU A 270 26.63 -22.76 -19.05
CA LEU A 270 25.76 -21.75 -18.44
C LEU A 270 26.56 -20.91 -17.47
N ASN A 271 27.36 -21.57 -16.65
CA ASN A 271 28.22 -20.88 -15.70
C ASN A 271 29.23 -19.94 -16.38
N ILE A 272 29.87 -20.42 -17.44
CA ILE A 272 30.85 -19.63 -18.17
C ILE A 272 30.22 -18.35 -18.71
N VAL A 273 29.09 -18.48 -19.40
CA VAL A 273 28.48 -17.35 -20.06
C VAL A 273 27.70 -16.46 -19.09
N ILE A 274 26.82 -17.05 -18.28
CA ILE A 274 26.01 -16.25 -17.36
C ILE A 274 26.84 -15.60 -16.25
N GLN A 275 27.82 -16.36 -15.74
CA GLN A 275 28.59 -15.93 -14.58
C GLN A 275 27.64 -15.45 -13.47
N PRO A 276 26.88 -16.38 -12.89
CA PRO A 276 25.85 -16.00 -11.93
C PRO A 276 26.44 -15.57 -10.60
N SER A 277 25.75 -14.68 -9.87
CA SER A 277 26.17 -14.28 -8.52
C SER A 277 25.73 -15.33 -7.50
N TYR A 278 24.64 -16.04 -7.84
CA TYR A 278 24.12 -17.11 -7.00
C TYR A 278 23.61 -18.25 -7.87
N VAL A 279 23.72 -19.47 -7.34
CA VAL A 279 23.12 -20.64 -7.98
C VAL A 279 22.06 -21.23 -7.05
N VAL A 280 20.88 -21.48 -7.59
CA VAL A 280 19.83 -22.15 -6.83
C VAL A 280 19.53 -23.50 -7.46
N VAL A 281 19.71 -24.57 -6.70
CA VAL A 281 19.54 -25.92 -7.21
C VAL A 281 18.35 -26.60 -6.57
N GLN A 282 17.43 -27.05 -7.41
CA GLN A 282 16.34 -27.88 -6.91
C GLN A 282 16.77 -29.33 -7.12
N CYS A 283 16.79 -30.11 -6.05
CA CYS A 283 17.33 -31.46 -6.09
CA CYS A 283 17.32 -31.47 -6.09
C CYS A 283 16.28 -32.54 -5.79
N GLY A 284 15.10 -32.42 -6.41
CA GLY A 284 14.06 -33.43 -6.25
C GLY A 284 14.60 -34.83 -6.54
N ALA A 285 14.31 -35.79 -5.66
CA ALA A 285 14.91 -37.13 -5.73
C ALA A 285 14.03 -38.12 -6.46
N ASP A 286 13.05 -37.64 -7.21
CA ASP A 286 12.17 -38.58 -7.88
C ASP A 286 12.79 -39.12 -9.17
N CYS A 287 14.03 -38.74 -9.48
CA CYS A 287 14.73 -39.37 -10.60
C CYS A 287 15.36 -40.69 -10.21
N LEU A 288 15.36 -41.03 -8.92
CA LEU A 288 16.01 -42.27 -8.49
C LEU A 288 15.32 -43.46 -9.13
N ALA A 289 16.11 -44.47 -9.52
CA ALA A 289 15.60 -45.71 -10.09
C ALA A 289 14.55 -46.36 -9.19
N THR A 290 14.66 -46.09 -7.89
CA THR A 290 13.81 -46.72 -6.90
C THR A 290 12.63 -45.83 -6.50
N ASP A 291 12.48 -44.68 -7.15
CA ASP A 291 11.29 -43.87 -6.89
C ASP A 291 10.10 -44.60 -7.51
N PRO A 292 8.95 -44.61 -6.80
CA PRO A 292 7.74 -45.23 -7.34
C PRO A 292 7.35 -44.74 -8.75
N HIS A 293 7.79 -43.57 -9.19
CA HIS A 293 7.54 -43.14 -10.57
C HIS A 293 8.14 -44.14 -11.56
N ARG A 294 9.35 -44.60 -11.25
CA ARG A 294 10.05 -45.60 -12.08
C ARG A 294 10.24 -45.11 -13.50
N ILE A 295 10.75 -43.89 -13.64
CA ILE A 295 10.95 -43.34 -14.96
C ILE A 295 12.43 -43.19 -15.32
N PHE A 296 13.20 -42.43 -14.53
CA PHE A 296 14.64 -42.39 -14.73
C PHE A 296 15.28 -43.47 -13.86
N ARG A 297 16.59 -43.66 -14.03
CA ARG A 297 17.32 -44.68 -13.25
C ARG A 297 18.53 -44.09 -12.57
N LEU A 298 18.42 -42.87 -12.06
CA LEU A 298 19.54 -42.29 -11.33
C LEU A 298 19.74 -43.06 -10.03
N THR A 299 20.94 -42.93 -9.46
CA THR A 299 21.24 -43.61 -8.21
C THR A 299 21.78 -42.59 -7.21
N ASN A 300 22.11 -43.06 -6.00
CA ASN A 300 22.86 -42.25 -5.06
C ASN A 300 24.29 -42.78 -4.89
N PHE A 301 24.78 -43.54 -5.88
CA PHE A 301 26.07 -44.22 -5.76
C PHE A 301 27.23 -43.23 -5.69
N TYR A 302 28.16 -43.51 -4.79
CA TYR A 302 29.38 -42.71 -4.67
C TYR A 302 30.59 -43.64 -4.60
N PRO A 303 31.23 -43.91 -5.74
CA PRO A 303 32.43 -44.74 -5.77
C PRO A 303 33.65 -44.04 -5.19
N LEU A 317 28.70 -43.41 -10.80
CA LEU A 317 28.54 -42.20 -9.99
C LEU A 317 27.17 -41.58 -10.18
N SER A 318 26.50 -41.28 -9.07
CA SER A 318 25.18 -40.64 -9.06
C SER A 318 25.08 -39.38 -9.96
N GLY A 319 24.04 -39.31 -10.78
CA GLY A 319 23.79 -38.13 -11.59
C GLY A 319 23.76 -36.90 -10.69
N TYR A 320 22.99 -37.02 -9.61
CA TYR A 320 22.89 -35.95 -8.61
C TYR A 320 24.22 -35.52 -8.03
N LEU A 321 25.01 -36.48 -7.56
CA LEU A 321 26.29 -36.16 -6.93
C LEU A 321 27.23 -35.53 -7.97
N TYR A 322 27.22 -36.09 -9.19
CA TYR A 322 27.97 -35.48 -10.29
C TYR A 322 27.57 -34.01 -10.52
N ALA A 323 26.26 -33.73 -10.58
CA ALA A 323 25.81 -32.38 -10.88
C ALA A 323 26.13 -31.42 -9.74
N ILE A 324 25.91 -31.88 -8.51
CA ILE A 324 26.09 -30.99 -7.36
C ILE A 324 27.57 -30.61 -7.26
N LYS A 325 28.43 -31.59 -7.50
CA LYS A 325 29.87 -31.36 -7.39
C LYS A 325 30.34 -30.43 -8.50
N LYS A 326 29.81 -30.59 -9.70
CA LYS A 326 30.17 -29.71 -10.79
C LYS A 326 29.80 -28.27 -10.41
N ILE A 327 28.59 -28.09 -9.88
CA ILE A 327 28.10 -26.76 -9.49
C ILE A 327 28.88 -26.17 -8.32
N LEU A 328 29.17 -26.99 -7.31
CA LEU A 328 29.96 -26.54 -6.18
C LEU A 328 31.40 -26.22 -6.59
N SER A 329 31.87 -26.80 -7.69
CA SER A 329 33.23 -26.51 -8.15
C SER A 329 33.34 -25.06 -8.62
N TRP A 330 32.20 -24.45 -8.96
CA TRP A 330 32.20 -23.08 -9.46
C TRP A 330 32.47 -22.05 -8.37
N LYS A 331 32.26 -22.45 -7.12
CA LYS A 331 32.47 -21.58 -5.95
C LYS A 331 31.65 -20.29 -6.09
N VAL A 332 30.41 -20.48 -6.51
CA VAL A 332 29.39 -19.45 -6.42
C VAL A 332 28.48 -19.82 -5.24
N PRO A 333 28.20 -18.85 -4.35
CA PRO A 333 27.26 -19.07 -3.24
C PRO A 333 25.97 -19.70 -3.73
N THR A 334 25.59 -20.79 -3.08
CA THR A 334 24.61 -21.68 -3.66
C THR A 334 23.54 -22.13 -2.67
N LEU A 335 22.29 -22.09 -3.13
CA LEU A 335 21.18 -22.62 -2.36
C LEU A 335 20.83 -24.01 -2.91
N ILE A 336 20.76 -24.99 -2.03
CA ILE A 336 20.36 -26.34 -2.43
C ILE A 336 19.01 -26.69 -1.81
N LEU A 337 18.04 -27.01 -2.65
CA LEU A 337 16.70 -27.31 -2.17
C LEU A 337 16.24 -28.73 -2.52
N GLY A 338 15.28 -29.24 -1.75
CA GLY A 338 14.69 -30.54 -1.99
C GLY A 338 13.66 -30.50 -3.12
N GLY A 339 12.58 -31.25 -2.95
CA GLY A 339 11.51 -31.27 -3.94
C GLY A 339 10.83 -32.62 -3.94
N GLY A 340 10.61 -33.18 -5.12
CA GLY A 340 9.97 -34.48 -5.24
C GLY A 340 10.85 -35.58 -4.66
N GLY A 341 10.28 -36.77 -4.53
CA GLY A 341 10.99 -37.89 -3.93
C GLY A 341 10.01 -38.68 -3.10
N TYR A 342 9.51 -39.78 -3.65
CA TYR A 342 8.40 -40.45 -2.99
C TYR A 342 8.78 -41.79 -2.36
N ASN A 343 10.02 -42.21 -2.56
CA ASN A 343 10.59 -43.28 -1.74
C ASN A 343 11.37 -42.60 -0.63
N PHE A 344 10.78 -42.55 0.57
CA PHE A 344 11.33 -41.65 1.59
C PHE A 344 12.73 -42.06 2.09
N PRO A 345 12.96 -43.36 2.35
CA PRO A 345 14.31 -43.71 2.82
C PRO A 345 15.35 -43.52 1.73
N ASP A 346 15.00 -43.79 0.47
CA ASP A 346 15.96 -43.60 -0.61
C ASP A 346 16.21 -42.11 -0.89
N THR A 347 15.16 -41.29 -0.75
CA THR A 347 15.33 -39.84 -0.81
C THR A 347 16.32 -39.37 0.27
N ALA A 348 16.15 -39.93 1.47
CA ALA A 348 17.01 -39.56 2.58
C ALA A 348 18.44 -40.05 2.33
N ARG A 349 18.55 -41.26 1.79
CA ARG A 349 19.85 -41.82 1.41
C ARG A 349 20.54 -40.94 0.40
N LEU A 350 19.75 -40.42 -0.53
CA LEU A 350 20.30 -39.50 -1.54
C LEU A 350 20.69 -38.15 -0.94
N TRP A 351 19.79 -37.53 -0.18
CA TRP A 351 20.09 -36.16 0.29
C TRP A 351 21.14 -36.16 1.38
N THR A 352 21.36 -37.32 1.99
CA THR A 352 22.40 -37.46 3.00
C THR A 352 23.77 -37.43 2.32
N ARG A 353 23.89 -38.13 1.20
CA ARG A 353 25.12 -38.09 0.41
C ARG A 353 25.38 -36.69 -0.16
N VAL A 354 24.32 -36.02 -0.64
CA VAL A 354 24.45 -34.66 -1.13
C VAL A 354 24.95 -33.72 -0.04
N THR A 355 24.48 -33.94 1.18
CA THR A 355 24.85 -33.09 2.28
C THR A 355 26.31 -33.30 2.68
N ALA A 356 26.74 -34.56 2.71
CA ALA A 356 28.15 -34.91 2.96
C ALA A 356 29.08 -34.31 1.91
N LEU A 357 28.74 -34.51 0.64
CA LEU A 357 29.48 -33.97 -0.52
C LEU A 357 29.69 -32.46 -0.42
N THR A 358 28.63 -31.75 -0.02
CA THR A 358 28.70 -30.31 0.13
C THR A 358 29.68 -29.94 1.24
N ILE A 359 29.62 -30.66 2.34
CA ILE A 359 30.53 -30.44 3.44
C ILE A 359 31.96 -30.64 2.97
N GLU A 360 32.16 -31.63 2.10
CA GLU A 360 33.48 -31.93 1.56
C GLU A 360 33.97 -30.87 0.58
N GLU A 361 33.12 -30.45 -0.35
CA GLU A 361 33.57 -29.54 -1.40
C GLU A 361 33.71 -28.10 -0.93
N VAL A 362 33.00 -27.74 0.14
CA VAL A 362 33.07 -26.37 0.62
C VAL A 362 34.14 -26.20 1.70
N LYS A 363 34.15 -27.11 2.66
CA LYS A 363 35.10 -27.07 3.76
C LYS A 363 36.40 -27.80 3.44
N GLY A 364 36.40 -28.64 2.41
CA GLY A 364 37.61 -29.34 2.01
C GLY A 364 37.99 -30.41 3.00
N LYS A 365 36.99 -30.91 3.73
CA LYS A 365 37.18 -31.84 4.84
C LYS A 365 36.56 -33.19 4.51
N LYS A 366 37.35 -34.27 4.57
CA LYS A 366 36.86 -35.58 4.18
C LYS A 366 35.73 -36.10 5.05
N MET A 367 34.64 -36.51 4.41
CA MET A 367 33.52 -37.12 5.11
C MET A 367 33.48 -38.61 4.81
N THR A 368 33.56 -39.42 5.87
CA THR A 368 33.56 -40.88 5.72
C THR A 368 32.28 -41.48 6.19
N ILE A 369 31.37 -41.72 5.25
CA ILE A 369 30.10 -42.30 5.61
C ILE A 369 30.08 -43.85 5.55
N SER A 370 29.81 -44.48 6.68
CA SER A 370 29.62 -45.93 6.70
C SER A 370 28.60 -46.43 5.67
N PRO A 371 28.89 -47.57 5.01
CA PRO A 371 27.99 -48.17 4.03
C PRO A 371 26.70 -48.68 4.67
N GLU A 372 26.75 -48.94 5.96
CA GLU A 372 25.56 -49.44 6.66
C GLU A 372 24.85 -48.28 7.37
N ILE A 373 23.53 -48.28 7.30
CA ILE A 373 22.74 -47.29 8.00
C ILE A 373 22.94 -47.41 9.50
N PRO A 374 23.36 -46.31 10.16
CA PRO A 374 23.48 -46.31 11.61
C PRO A 374 22.14 -46.46 12.33
N GLU A 375 22.15 -47.06 13.51
CA GLU A 375 20.98 -47.11 14.37
C GLU A 375 20.51 -45.70 14.72
N HIS A 376 19.21 -45.49 14.58
CA HIS A 376 18.55 -44.24 14.94
C HIS A 376 17.05 -44.51 14.95
N SER A 377 16.26 -43.47 15.26
CA SER A 377 14.81 -43.61 15.39
C SER A 377 14.16 -44.37 14.23
N TYR A 378 14.61 -44.07 13.01
CA TYR A 378 14.00 -44.62 11.82
C TYR A 378 14.80 -45.74 11.15
N PHE A 379 15.72 -46.37 11.88
CA PHE A 379 16.54 -47.46 11.35
C PHE A 379 15.74 -48.54 10.60
N SER A 380 14.54 -48.86 11.08
CA SER A 380 13.77 -49.98 10.53
C SER A 380 13.18 -49.67 9.17
N ARG A 381 13.08 -48.39 8.81
CA ARG A 381 12.56 -48.01 7.50
C ARG A 381 13.57 -48.35 6.39
N TYR A 382 14.80 -48.68 6.77
CA TYR A 382 15.87 -48.80 5.80
C TYR A 382 16.10 -50.24 5.36
N GLY A 383 15.10 -51.08 5.64
CA GLY A 383 15.09 -52.44 5.14
C GLY A 383 15.11 -52.52 3.62
N PRO A 384 15.48 -53.70 3.09
CA PRO A 384 15.74 -54.87 3.92
C PRO A 384 17.20 -55.02 4.33
N ASP A 385 18.11 -54.36 3.61
CA ASP A 385 19.55 -54.59 3.78
C ASP A 385 20.26 -53.55 4.65
N PHE A 386 19.65 -52.37 4.80
CA PHE A 386 20.18 -51.34 5.68
C PHE A 386 21.53 -50.83 5.20
N GLU A 387 21.69 -50.76 3.87
CA GLU A 387 22.85 -50.12 3.25
C GLU A 387 22.51 -48.69 2.83
N LEU A 388 23.54 -47.85 2.73
CA LEU A 388 23.36 -46.48 2.29
C LEU A 388 23.06 -46.39 0.78
N ASP A 389 23.73 -47.20 -0.04
CA ASP A 389 23.37 -47.27 -1.46
C ASP A 389 21.92 -47.70 -1.60
N ILE A 390 21.20 -47.13 -2.57
CA ILE A 390 19.83 -47.58 -2.83
C ILE A 390 19.92 -49.03 -3.31
N ASP A 391 18.85 -49.78 -3.13
CA ASP A 391 18.81 -51.17 -3.53
C ASP A 391 18.47 -51.27 -5.02
N TYR A 392 19.47 -51.02 -5.87
CA TYR A 392 19.25 -51.07 -7.30
C TYR A 392 20.51 -51.49 -8.03
N PHE A 393 20.35 -52.32 -9.05
CA PHE A 393 21.49 -52.67 -9.88
C PHE A 393 21.32 -52.22 -11.31
N PRO A 394 22.21 -51.34 -11.78
CA PRO A 394 22.14 -50.79 -13.14
C PRO A 394 22.69 -51.77 -14.16
N ASP A 403 21.85 -39.14 -29.45
CA ASP A 403 21.53 -38.57 -30.76
C ASP A 403 20.48 -37.46 -30.61
N SER A 404 19.40 -37.75 -29.89
CA SER A 404 18.42 -36.75 -29.53
C SER A 404 19.09 -35.75 -28.58
N ILE A 405 19.88 -36.26 -27.65
CA ILE A 405 20.61 -35.41 -26.72
C ILE A 405 21.56 -34.46 -27.46
N GLN A 406 22.22 -34.95 -28.50
CA GLN A 406 23.06 -34.11 -29.36
C GLN A 406 22.29 -33.00 -30.07
N LYS A 407 21.08 -33.30 -30.52
CA LYS A 407 20.20 -32.31 -31.11
C LYS A 407 19.93 -31.16 -30.14
N HIS A 408 19.51 -31.54 -28.92
CA HIS A 408 19.18 -30.58 -27.86
C HIS A 408 20.38 -29.71 -27.50
N HIS A 409 21.55 -30.34 -27.40
CA HIS A 409 22.82 -29.68 -27.16
C HIS A 409 23.12 -28.56 -28.17
N ARG A 410 23.00 -28.89 -29.45
CA ARG A 410 23.18 -27.88 -30.48
C ARG A 410 22.14 -26.76 -30.34
N ARG A 411 20.91 -27.14 -30.00
CA ARG A 411 19.84 -26.16 -29.86
C ARG A 411 20.10 -25.29 -28.64
N ILE A 412 20.51 -25.92 -27.55
CA ILE A 412 20.70 -25.20 -26.29
C ILE A 412 21.88 -24.27 -26.44
N LEU A 413 22.82 -24.66 -27.29
CA LEU A 413 24.04 -23.89 -27.47
C LEU A 413 23.73 -22.63 -28.27
N GLU A 414 22.86 -22.75 -29.27
CA GLU A 414 22.44 -21.59 -30.06
C GLU A 414 21.53 -20.65 -29.25
N GLN A 415 20.76 -21.20 -28.31
CA GLN A 415 19.91 -20.38 -27.46
C GLN A 415 20.80 -19.57 -26.51
N LEU A 416 21.82 -20.23 -25.96
CA LEU A 416 22.74 -19.59 -25.04
C LEU A 416 23.48 -18.43 -25.70
N ARG A 417 24.02 -18.69 -26.89
CA ARG A 417 24.67 -17.64 -27.68
C ARG A 417 23.71 -16.49 -27.91
N ASN A 418 22.48 -16.82 -28.28
CA ASN A 418 21.42 -15.84 -28.49
C ASN A 418 21.13 -15.04 -27.25
N TYR A 419 21.01 -15.72 -26.10
CA TYR A 419 20.83 -15.05 -24.82
C TYR A 419 21.99 -14.10 -24.56
N ALA A 420 23.20 -14.63 -24.69
CA ALA A 420 24.42 -13.86 -24.48
C ALA A 420 24.49 -12.64 -25.40
N ASP A 421 24.20 -12.86 -26.68
CA ASP A 421 24.10 -11.77 -27.64
C ASP A 421 23.18 -10.69 -27.11
N LEU A 422 21.91 -11.06 -26.97
CA LEU A 422 20.85 -10.13 -26.58
C LEU A 422 21.16 -9.40 -25.27
N ASN A 423 21.96 -10.00 -24.39
CA ASN A 423 22.26 -9.33 -23.13
C ASN A 423 23.66 -8.68 -23.06
N LYS A 424 24.35 -8.61 -24.20
CA LYS A 424 25.69 -8.00 -24.28
C LYS A 424 26.62 -8.62 -23.25
N LEU A 425 26.83 -9.93 -23.36
CA LEU A 425 27.70 -10.63 -22.43
C LEU A 425 29.01 -11.04 -23.11
N ILE A 426 30.03 -11.32 -22.32
CA ILE A 426 31.30 -11.79 -22.85
C ILE A 426 31.30 -13.31 -22.92
N TYR A 427 31.55 -13.86 -24.10
CA TYR A 427 31.49 -15.31 -24.28
C TYR A 427 32.65 -15.85 -25.10
N ASP A 428 33.57 -16.57 -24.44
CA ASP A 428 34.57 -17.32 -25.17
C ASP A 428 33.88 -18.45 -25.91
N TYR A 429 33.34 -18.16 -27.09
CA TYR A 429 32.68 -19.18 -27.90
C TYR A 429 33.70 -20.25 -28.29
N ASP A 430 34.97 -19.83 -28.33
CA ASP A 430 36.08 -20.75 -28.54
C ASP A 430 36.19 -21.74 -27.39
N GLN A 431 35.59 -21.39 -26.26
CA GLN A 431 35.61 -22.25 -25.07
C GLN A 431 34.30 -23.00 -24.91
N VAL A 432 33.19 -22.30 -25.11
CA VAL A 432 31.86 -22.85 -24.86
C VAL A 432 31.58 -24.08 -25.73
N TYR A 433 32.02 -24.04 -26.99
CA TYR A 433 31.79 -25.13 -27.92
C TYR A 433 32.52 -26.41 -27.53
N GLN A 434 33.74 -26.27 -27.02
CA GLN A 434 34.56 -27.43 -26.69
C GLN A 434 34.00 -28.26 -25.54
N LEU A 435 33.06 -27.68 -24.80
CA LEU A 435 32.37 -28.41 -23.75
C LEU A 435 31.51 -29.51 -24.37
N TYR A 436 31.25 -29.39 -25.67
CA TYR A 436 30.50 -30.39 -26.42
C TYR A 436 31.41 -31.18 -27.37
N SER B 3 5.88 -2.64 51.17
CA SER B 3 6.97 -1.93 50.50
C SER B 3 7.05 -2.28 49.02
N VAL B 4 7.11 -1.26 48.16
CA VAL B 4 7.29 -1.50 46.74
C VAL B 4 8.76 -1.32 46.34
N GLY B 5 9.37 -2.40 45.84
CA GLY B 5 10.76 -2.35 45.42
C GLY B 5 10.93 -2.13 43.94
N ILE B 6 12.06 -1.57 43.55
CA ILE B 6 12.37 -1.44 42.13
C ILE B 6 13.86 -1.69 41.90
N VAL B 7 14.18 -2.56 40.94
CA VAL B 7 15.57 -2.90 40.70
C VAL B 7 16.30 -1.77 39.97
N TYR B 8 17.34 -1.25 40.62
CA TYR B 8 18.15 -0.20 40.01
C TYR B 8 19.61 -0.23 40.54
N GLY B 9 20.55 0.24 39.72
CA GLY B 9 21.94 0.42 40.12
C GLY B 9 22.68 1.17 39.03
N ASP B 10 23.76 1.87 39.37
CA ASP B 10 24.53 2.63 38.40
C ASP B 10 25.14 1.71 37.32
N GLN B 11 25.81 0.66 37.77
CA GLN B 11 26.36 -0.32 36.87
C GLN B 11 25.26 -1.04 36.11
N TYR B 12 24.24 -1.45 36.85
CA TYR B 12 23.07 -2.12 36.27
C TYR B 12 22.48 -1.31 35.13
N ARG B 13 22.40 0.01 35.32
CA ARG B 13 21.88 0.90 34.31
C ARG B 13 22.77 0.92 33.08
N GLN B 14 24.08 0.96 33.31
CA GLN B 14 25.03 0.99 32.22
C GLN B 14 24.92 -0.29 31.40
N LEU B 15 24.82 -1.43 32.08
CA LEU B 15 24.76 -2.73 31.41
C LEU B 15 23.45 -2.93 30.64
N CYS B 16 22.33 -2.58 31.28
CA CYS B 16 21.00 -2.65 30.64
C CYS B 16 20.91 -1.76 29.41
N CYS B 17 21.78 -0.74 29.35
CA CYS B 17 21.80 0.19 28.23
C CYS B 17 22.86 -0.11 27.18
N SER B 18 23.52 -1.26 27.30
CA SER B 18 24.66 -1.58 26.43
C SER B 18 24.34 -2.49 25.26
N SER B 19 23.06 -2.81 25.04
CA SER B 19 22.68 -3.69 23.93
C SER B 19 22.34 -2.89 22.70
N PRO B 20 22.68 -3.43 21.51
CA PRO B 20 22.40 -2.79 20.22
C PRO B 20 20.91 -2.71 19.91
N LYS B 21 20.14 -3.70 20.33
CA LYS B 21 18.71 -3.71 20.03
C LYS B 21 17.92 -2.77 20.95
N PHE B 22 18.25 -2.72 22.24
CA PHE B 22 17.43 -1.95 23.16
C PHE B 22 18.04 -0.63 23.63
N GLY B 23 19.21 -0.30 23.11
CA GLY B 23 19.85 0.98 23.36
C GLY B 23 19.66 1.51 24.77
N ASP B 24 19.20 2.75 24.87
CA ASP B 24 19.05 3.41 26.17
C ASP B 24 17.62 3.38 26.72
N ARG B 25 16.81 2.40 26.31
CA ARG B 25 15.42 2.33 26.74
C ARG B 25 15.26 2.31 28.27
N TYR B 26 16.05 1.46 28.92
CA TYR B 26 16.02 1.34 30.38
C TYR B 26 16.33 2.67 31.08
N ALA B 27 17.26 3.43 30.51
CA ALA B 27 17.56 4.76 31.05
C ALA B 27 16.35 5.68 30.91
N LEU B 28 15.69 5.66 29.75
CA LEU B 28 14.51 6.49 29.57
C LEU B 28 13.47 6.17 30.64
N VAL B 29 13.24 4.87 30.86
CA VAL B 29 12.19 4.41 31.77
C VAL B 29 12.44 4.91 33.19
N MET B 30 13.66 4.65 33.68
CA MET B 30 14.00 4.94 35.06
C MET B 30 14.04 6.45 35.31
N ASP B 31 14.56 7.20 34.34
CA ASP B 31 14.63 8.65 34.49
C ASP B 31 13.25 9.31 34.38
N LEU B 32 12.32 8.69 33.66
CA LEU B 32 10.97 9.25 33.61
C LEU B 32 10.30 8.98 34.95
N ILE B 33 10.52 7.78 35.47
CA ILE B 33 10.04 7.42 36.80
C ILE B 33 10.66 8.37 37.83
N ASN B 34 11.94 8.68 37.65
CA ASN B 34 12.66 9.61 38.51
C ASN B 34 12.09 11.03 38.38
N ALA B 35 11.79 11.43 37.15
CA ALA B 35 11.34 12.78 36.88
C ALA B 35 9.97 13.03 37.47
N TYR B 36 9.19 11.96 37.61
CA TYR B 36 7.86 12.11 38.16
C TYR B 36 7.90 11.97 39.68
N LYS B 37 9.11 11.96 40.23
CA LYS B 37 9.34 11.90 41.67
C LYS B 37 8.74 10.64 42.31
N LEU B 38 8.79 9.53 41.58
CA LEU B 38 8.31 8.25 42.10
C LEU B 38 9.40 7.54 42.92
N ILE B 39 10.65 7.77 42.56
CA ILE B 39 11.78 7.06 43.18
C ILE B 39 11.80 7.13 44.73
N PRO B 40 11.49 8.30 45.33
CA PRO B 40 11.48 8.28 46.80
C PRO B 40 10.42 7.37 47.44
N GLU B 41 9.42 6.96 46.66
CA GLU B 41 8.35 6.10 47.18
C GLU B 41 8.75 4.62 47.19
N LEU B 42 9.83 4.34 46.48
CA LEU B 42 10.23 2.97 46.18
C LEU B 42 11.49 2.55 46.94
N SER B 43 11.55 1.29 47.34
CA SER B 43 12.74 0.75 47.96
C SER B 43 13.69 0.26 46.87
N ARG B 44 14.91 0.79 46.81
CA ARG B 44 15.83 0.32 45.78
C ARG B 44 16.25 -1.10 46.08
N VAL B 45 16.10 -1.99 45.09
CA VAL B 45 16.52 -3.39 45.23
C VAL B 45 17.81 -3.58 44.42
N PRO B 46 18.95 -3.75 45.11
CA PRO B 46 20.21 -3.87 44.38
C PRO B 46 20.31 -5.21 43.64
N PRO B 47 20.87 -5.21 42.42
CA PRO B 47 21.02 -6.48 41.67
C PRO B 47 21.91 -7.46 42.44
N LEU B 48 21.66 -8.76 42.30
CA LEU B 48 22.41 -9.77 43.02
C LEU B 48 23.85 -9.85 42.50
N GLN B 49 24.80 -10.00 43.42
CA GLN B 49 26.17 -10.33 43.00
C GLN B 49 26.63 -11.55 43.74
N TRP B 50 27.60 -12.25 43.16
CA TRP B 50 28.05 -13.52 43.73
C TRP B 50 29.44 -13.42 44.29
N ASP B 51 29.82 -14.43 45.05
CA ASP B 51 31.09 -14.48 45.76
C ASP B 51 32.20 -15.12 44.93
N SER B 52 31.84 -15.64 43.75
CA SER B 52 32.85 -16.27 42.88
C SER B 52 32.23 -16.58 41.52
N PRO B 53 33.07 -16.83 40.50
CA PRO B 53 32.55 -17.32 39.22
C PRO B 53 31.76 -18.61 39.37
N SER B 54 32.21 -19.51 40.23
CA SER B 54 31.53 -20.79 40.38
C SER B 54 30.12 -20.62 40.94
N ARG B 55 29.93 -19.68 41.87
CA ARG B 55 28.58 -19.49 42.41
C ARG B 55 27.70 -18.81 41.35
N MET B 56 28.29 -17.92 40.57
CA MET B 56 27.59 -17.33 39.43
C MET B 56 27.14 -18.41 38.46
N TYR B 57 28.09 -19.23 38.05
CA TYR B 57 27.86 -20.32 37.11
C TYR B 57 26.75 -21.23 37.62
N GLU B 58 26.83 -21.60 38.89
CA GLU B 58 25.81 -22.45 39.53
C GLU B 58 24.42 -21.81 39.51
N ALA B 59 24.36 -20.52 39.75
CA ALA B 59 23.10 -19.81 39.71
C ALA B 59 22.50 -19.91 38.30
N VAL B 60 23.29 -19.60 37.28
CA VAL B 60 22.78 -19.50 35.92
C VAL B 60 22.44 -20.87 35.35
N THR B 61 23.25 -21.87 35.68
CA THR B 61 23.02 -23.19 35.12
C THR B 61 21.96 -23.97 35.89
N ALA B 62 21.28 -23.30 36.82
CA ALA B 62 20.10 -23.88 37.44
C ALA B 62 19.01 -24.12 36.37
N PHE B 63 19.10 -23.37 35.28
CA PHE B 63 18.23 -23.56 34.12
C PHE B 63 19.02 -23.83 32.85
N HIS B 64 19.99 -22.96 32.56
CA HIS B 64 20.72 -23.06 31.29
C HIS B 64 21.81 -24.11 31.35
N SER B 65 22.16 -24.65 30.19
CA SER B 65 23.18 -25.67 30.14
C SER B 65 24.56 -25.07 30.37
N THR B 66 25.46 -25.89 30.91
CA THR B 66 26.84 -25.51 31.04
C THR B 66 27.44 -25.15 29.68
N GLU B 67 27.15 -25.95 28.66
CA GLU B 67 27.74 -25.69 27.35
C GLU B 67 27.22 -24.37 26.78
N TYR B 68 25.94 -24.06 27.00
CA TYR B 68 25.40 -22.80 26.51
C TYR B 68 26.05 -21.59 27.20
N VAL B 69 26.19 -21.64 28.52
CA VAL B 69 26.77 -20.51 29.25
C VAL B 69 28.22 -20.27 28.86
N ASP B 70 28.98 -21.35 28.68
CA ASP B 70 30.37 -21.23 28.24
C ASP B 70 30.46 -20.52 26.89
N ALA B 71 29.59 -20.92 25.96
CA ALA B 71 29.59 -20.34 24.62
C ALA B 71 29.28 -18.82 24.68
N LEU B 72 28.33 -18.46 25.53
CA LEU B 72 27.93 -17.07 25.65
C LEU B 72 29.05 -16.26 26.25
N LYS B 73 29.77 -16.87 27.19
CA LYS B 73 30.97 -16.25 27.76
C LYS B 73 32.01 -15.97 26.67
N LYS B 74 32.35 -17.01 25.93
CA LYS B 74 33.31 -16.93 24.82
C LYS B 74 32.87 -15.92 23.75
N LEU B 75 31.57 -15.85 23.51
CA LEU B 75 31.03 -14.92 22.52
C LEU B 75 31.37 -13.49 22.95
N GLN B 76 31.13 -13.17 24.22
CA GLN B 76 31.51 -11.88 24.77
C GLN B 76 32.99 -11.64 24.61
N MET B 77 33.79 -12.58 25.11
CA MET B 77 35.24 -12.48 25.02
C MET B 77 35.70 -12.23 23.59
N LEU B 78 35.17 -13.01 22.65
CA LEU B 78 35.51 -12.83 21.25
C LEU B 78 35.25 -11.40 20.77
N HIS B 79 34.04 -10.89 20.99
CA HIS B 79 33.71 -9.55 20.51
C HIS B 79 34.50 -8.43 21.22
N CYS B 80 35.11 -8.76 22.36
CA CYS B 80 35.96 -7.82 23.07
C CYS B 80 37.38 -7.69 22.52
N GLU B 81 37.73 -8.55 21.55
CA GLU B 81 39.00 -8.41 20.84
C GLU B 81 38.76 -8.00 19.38
N LEU B 85 36.88 -14.53 14.40
CA LEU B 85 36.18 -15.78 14.67
C LEU B 85 36.62 -16.90 13.72
N THR B 86 37.11 -18.00 14.30
CA THR B 86 37.48 -19.18 13.51
C THR B 86 36.25 -19.91 12.98
N ALA B 87 36.50 -20.84 12.04
CA ALA B 87 35.44 -21.63 11.45
C ALA B 87 34.68 -22.43 12.50
N ASP B 88 35.37 -22.87 13.55
CA ASP B 88 34.73 -23.64 14.60
C ASP B 88 34.06 -22.75 15.65
N ASP B 89 34.58 -21.54 15.85
CA ASP B 89 33.90 -20.54 16.66
C ASP B 89 32.51 -20.24 16.08
N GLU B 90 32.45 -20.05 14.77
CA GLU B 90 31.20 -19.81 14.07
C GLU B 90 30.20 -20.93 14.30
N LEU B 91 30.62 -22.18 14.07
CA LEU B 91 29.73 -23.33 14.24
C LEU B 91 29.28 -23.52 15.69
N LEU B 92 30.17 -23.24 16.63
CA LEU B 92 29.80 -23.36 18.03
C LEU B 92 28.69 -22.35 18.40
N MET B 93 28.87 -21.08 18.03
CA MET B 93 27.85 -20.05 18.27
C MET B 93 26.52 -20.34 17.54
N ASP B 94 26.61 -20.77 16.28
CA ASP B 94 25.41 -21.13 15.53
C ASP B 94 24.65 -22.25 16.23
N SER B 95 25.36 -23.23 16.78
CA SER B 95 24.67 -24.34 17.44
C SER B 95 23.89 -23.88 18.68
N PHE B 96 24.05 -22.62 19.09
CA PHE B 96 23.30 -22.07 20.22
C PHE B 96 22.41 -20.87 19.79
N SER B 97 22.24 -20.71 18.48
CA SER B 97 21.55 -19.55 17.89
C SER B 97 22.12 -18.22 18.37
N LEU B 98 23.42 -18.18 18.63
CA LEU B 98 24.07 -16.91 18.94
C LEU B 98 24.44 -16.24 17.63
N ASN B 99 23.40 -15.88 16.88
CA ASN B 99 23.52 -15.28 15.57
C ASN B 99 22.21 -14.59 15.21
N TYR B 100 22.15 -14.05 14.00
CA TYR B 100 20.95 -13.41 13.41
C TYR B 100 20.20 -12.47 14.38
N ASP B 101 19.18 -13.01 15.05
CA ASP B 101 18.40 -12.21 16.00
C ASP B 101 19.16 -11.97 17.31
N CYS B 102 20.09 -12.87 17.63
CA CYS B 102 20.84 -12.73 18.87
C CYS B 102 22.34 -12.83 18.62
N PRO B 103 22.93 -11.78 18.02
CA PRO B 103 24.36 -11.77 17.72
C PRO B 103 25.17 -11.34 18.93
N GLY B 104 26.47 -11.54 18.84
CA GLY B 104 27.37 -11.05 19.88
C GLY B 104 27.50 -9.54 19.82
N PHE B 105 27.97 -8.98 20.91
CA PHE B 105 28.41 -7.60 20.97
C PHE B 105 29.29 -7.57 22.21
N PRO B 106 30.15 -6.53 22.35
CA PRO B 106 31.19 -6.59 23.38
C PRO B 106 30.71 -6.92 24.80
N SER B 107 29.47 -6.55 25.15
CA SER B 107 28.98 -6.83 26.49
C SER B 107 27.83 -7.83 26.55
N VAL B 108 27.75 -8.74 25.58
CA VAL B 108 26.60 -9.63 25.50
C VAL B 108 26.39 -10.49 26.76
N PHE B 109 27.46 -11.02 27.35
CA PHE B 109 27.27 -11.84 28.55
C PHE B 109 26.91 -11.00 29.77
N ASP B 110 27.66 -9.92 29.99
CA ASP B 110 27.38 -8.97 31.07
C ASP B 110 25.95 -8.40 30.98
N TYR B 111 25.58 -7.94 29.79
CA TYR B 111 24.23 -7.45 29.53
C TYR B 111 23.19 -8.48 29.97
N SER B 112 23.43 -9.72 29.55
CA SER B 112 22.47 -10.81 29.79
C SER B 112 22.47 -11.22 31.25
N LEU B 113 23.65 -11.29 31.85
CA LEU B 113 23.76 -11.65 33.26
C LEU B 113 23.03 -10.62 34.14
N ALA B 114 23.11 -9.36 33.76
CA ALA B 114 22.58 -8.28 34.59
C ALA B 114 21.08 -8.46 34.85
N ALA B 115 20.33 -8.83 33.82
CA ALA B 115 18.89 -9.03 34.00
C ALA B 115 18.65 -10.17 34.98
N VAL B 116 19.52 -11.16 34.97
CA VAL B 116 19.40 -12.28 35.90
C VAL B 116 19.67 -11.82 37.33
N GLN B 117 20.70 -10.99 37.49
CA GLN B 117 21.04 -10.42 38.80
C GLN B 117 19.86 -9.63 39.36
N GLY B 118 19.24 -8.85 38.48
CA GLY B 118 18.15 -7.98 38.87
C GLY B 118 16.94 -8.76 39.33
N SER B 119 16.53 -9.73 38.50
CA SER B 119 15.33 -10.52 38.79
C SER B 119 15.52 -11.51 39.94
N LEU B 120 16.71 -12.09 40.09
CA LEU B 120 16.97 -12.96 41.25
C LEU B 120 16.92 -12.14 42.54
N ALA B 121 17.52 -10.96 42.52
CA ALA B 121 17.44 -10.03 43.66
C ALA B 121 15.99 -9.65 43.98
N ALA B 122 15.21 -9.33 42.95
CA ALA B 122 13.80 -9.03 43.15
C ALA B 122 13.12 -10.22 43.83
N ALA B 123 13.40 -11.43 43.34
CA ALA B 123 12.77 -12.62 43.89
C ALA B 123 13.15 -12.77 45.35
N SER B 124 14.43 -12.56 45.65
CA SER B 124 14.91 -12.65 47.02
C SER B 124 14.23 -11.63 47.95
N ALA B 125 14.01 -10.43 47.45
CA ALA B 125 13.35 -9.38 48.23
C ALA B 125 11.92 -9.79 48.57
N LEU B 126 11.25 -10.49 47.65
CA LEU B 126 9.90 -11.00 47.94
C LEU B 126 9.94 -12.09 49.00
N ILE B 127 10.89 -13.02 48.87
CA ILE B 127 10.94 -14.20 49.72
C ILE B 127 11.15 -13.85 51.19
N CYS B 128 12.01 -12.86 51.45
CA CYS B 128 12.28 -12.46 52.83
C CYS B 128 11.28 -11.42 53.31
N ARG B 129 10.29 -11.14 52.47
CA ARG B 129 9.20 -10.20 52.78
C ARG B 129 9.71 -8.79 53.07
N HIS B 130 10.69 -8.33 52.30
CA HIS B 130 11.17 -6.95 52.40
C HIS B 130 10.29 -6.04 51.54
N CYS B 131 9.77 -6.59 50.45
CA CYS B 131 8.86 -5.87 49.56
C CYS B 131 7.64 -6.72 49.26
N GLU B 132 6.46 -6.10 49.21
CA GLU B 132 5.26 -6.82 48.79
C GLU B 132 5.30 -7.01 47.28
N VAL B 133 5.88 -6.03 46.60
CA VAL B 133 5.98 -6.04 45.15
C VAL B 133 7.35 -5.51 44.75
N VAL B 134 7.94 -6.11 43.72
CA VAL B 134 9.19 -5.59 43.19
C VAL B 134 9.11 -5.48 41.69
N ILE B 135 9.58 -4.34 41.19
CA ILE B 135 9.62 -4.08 39.76
C ILE B 135 11.05 -4.19 39.20
N ASN B 136 11.21 -4.92 38.10
CA ASN B 136 12.46 -4.85 37.36
C ASN B 136 12.24 -4.55 35.89
N TRP B 137 12.43 -3.31 35.50
CA TRP B 137 12.20 -2.95 34.09
C TRP B 137 13.39 -3.32 33.21
N GLY B 138 14.46 -3.83 33.80
CA GLY B 138 15.59 -4.31 33.03
C GLY B 138 15.52 -5.80 32.73
N GLY B 139 14.50 -6.47 33.28
CA GLY B 139 14.34 -7.90 33.11
C GLY B 139 13.13 -8.24 32.27
N GLY B 140 12.85 -9.54 32.13
CA GLY B 140 11.64 -10.01 31.46
C GLY B 140 11.90 -10.67 30.12
N TRP B 141 13.02 -11.37 30.01
CA TRP B 141 13.42 -11.94 28.73
C TRP B 141 12.91 -13.37 28.56
N HIS B 142 11.63 -13.46 28.19
CA HIS B 142 10.87 -14.69 28.26
C HIS B 142 11.20 -15.73 27.17
N HIS B 143 11.96 -15.36 26.14
CA HIS B 143 12.22 -16.27 25.02
C HIS B 143 13.45 -17.19 25.15
N ALA B 144 14.38 -16.93 26.08
CA ALA B 144 15.61 -17.73 26.14
C ALA B 144 15.32 -19.16 26.57
N LYS B 145 15.97 -20.11 25.90
CA LYS B 145 15.79 -21.54 26.20
C LYS B 145 17.00 -22.07 26.94
N ARG B 146 16.88 -23.28 27.45
CA ARG B 146 17.97 -23.94 28.15
C ARG B 146 19.32 -23.83 27.43
N SER B 147 19.35 -24.16 26.15
CA SER B 147 20.60 -24.06 25.40
C SER B 147 20.48 -23.30 24.11
N GLU B 148 19.70 -22.21 24.13
CA GLU B 148 19.51 -21.44 22.92
C GLU B 148 19.02 -20.02 23.21
N ALA B 149 19.66 -19.05 22.54
CA ALA B 149 19.23 -17.67 22.54
C ALA B 149 18.06 -17.50 21.58
N SER B 150 17.07 -16.70 21.95
CA SER B 150 15.93 -16.48 21.07
C SER B 150 15.32 -15.10 21.26
N GLY B 151 14.99 -14.45 20.14
CA GLY B 151 14.28 -13.18 20.13
C GLY B 151 14.91 -12.15 21.05
N PHE B 152 16.19 -11.91 20.80
CA PHE B 152 17.11 -11.08 21.59
CA PHE B 152 16.96 -10.95 21.61
C PHE B 152 17.09 -11.38 23.08
N CYS B 153 16.60 -12.57 23.43
CA CYS B 153 16.78 -13.04 24.80
C CYS B 153 17.95 -14.05 24.88
N TYR B 154 18.92 -13.80 25.76
CA TYR B 154 20.10 -14.69 25.86
C TYR B 154 20.08 -15.52 27.13
N LEU B 155 19.69 -14.93 28.25
CA LEU B 155 19.51 -15.68 29.49
C LEU B 155 18.10 -15.45 30.00
N ASN B 156 17.45 -16.51 30.44
CA ASN B 156 16.07 -16.36 30.84
C ASN B 156 15.96 -15.98 32.32
N ASP B 157 15.92 -14.67 32.58
CA ASP B 157 15.89 -14.16 33.93
C ASP B 157 14.61 -14.55 34.63
N ILE B 158 13.53 -14.64 33.85
CA ILE B 158 12.24 -15.00 34.43
C ILE B 158 12.25 -16.44 34.96
N VAL B 159 12.72 -17.39 34.16
CA VAL B 159 12.78 -18.78 34.62
C VAL B 159 13.59 -18.85 35.92
N LEU B 160 14.71 -18.16 35.94
CA LEU B 160 15.57 -18.27 37.11
C LEU B 160 14.89 -17.62 38.32
N ALA B 161 14.15 -16.52 38.13
CA ALA B 161 13.52 -15.86 39.28
C ALA B 161 12.39 -16.73 39.84
N ILE B 162 11.65 -17.35 38.93
CA ILE B 162 10.56 -18.24 39.30
C ILE B 162 11.09 -19.46 40.05
N HIS B 163 12.20 -19.99 39.56
CA HIS B 163 12.81 -21.15 40.19
C HIS B 163 13.21 -20.82 41.62
N ARG B 164 13.69 -19.61 41.85
CA ARG B 164 14.03 -19.21 43.21
C ARG B 164 12.77 -19.11 44.07
N LEU B 165 11.71 -18.46 43.58
CA LEU B 165 10.46 -18.36 44.35
C LEU B 165 9.85 -19.73 44.69
N VAL B 166 9.72 -20.58 43.69
CA VAL B 166 8.97 -21.82 43.82
C VAL B 166 9.70 -22.81 44.74
N SER B 167 11.01 -22.63 44.86
CA SER B 167 11.83 -23.50 45.67
C SER B 167 12.16 -22.85 47.01
N SER B 168 11.52 -21.72 47.29
CA SER B 168 11.55 -21.12 48.61
C SER B 168 10.53 -21.81 49.51
N THR B 169 10.47 -21.39 50.77
CA THR B 169 9.48 -21.92 51.69
C THR B 169 9.40 -21.04 52.94
N GLN B 178 3.63 -27.01 48.54
CA GLN B 178 2.39 -26.25 48.53
C GLN B 178 2.62 -24.83 47.99
N THR B 179 3.85 -24.54 47.60
CA THR B 179 4.16 -23.21 47.06
C THR B 179 3.98 -23.20 45.55
N ARG B 180 2.98 -22.44 45.10
CA ARG B 180 2.72 -22.31 43.67
C ARG B 180 2.99 -20.89 43.18
N VAL B 181 3.49 -20.81 41.94
CA VAL B 181 3.73 -19.53 41.29
C VAL B 181 2.82 -19.37 40.09
N LEU B 182 2.14 -18.23 39.99
CA LEU B 182 1.40 -17.92 38.78
C LEU B 182 2.23 -16.97 37.92
N TYR B 183 2.53 -17.38 36.69
CA TYR B 183 3.23 -16.53 35.75
C TYR B 183 2.24 -15.97 34.74
N VAL B 184 2.23 -14.65 34.61
CA VAL B 184 1.30 -13.96 33.73
C VAL B 184 2.08 -13.15 32.68
N ASP B 185 1.95 -13.54 31.42
CA ASP B 185 2.75 -12.95 30.35
C ASP B 185 1.89 -12.04 29.46
N LEU B 186 2.05 -10.74 29.63
CA LEU B 186 1.22 -9.77 28.92
C LEU B 186 1.84 -9.23 27.63
N ASP B 187 3.05 -9.69 27.34
CA ASP B 187 3.80 -9.26 26.16
C ASP B 187 3.01 -9.58 24.88
N LEU B 188 3.19 -8.79 23.83
CA LEU B 188 2.62 -9.11 22.51
C LEU B 188 2.94 -10.55 22.02
N HIS B 189 4.08 -11.07 22.45
CA HIS B 189 4.59 -12.35 21.97
C HIS B 189 4.36 -13.47 23.00
N HIS B 190 4.12 -14.69 22.50
CA HIS B 190 3.98 -15.86 23.36
C HIS B 190 5.23 -16.09 24.23
N GLY B 191 5.04 -16.27 25.53
CA GLY B 191 6.17 -16.50 26.41
C GLY B 191 6.67 -17.93 26.33
N ASP B 192 7.20 -18.33 25.17
CA ASP B 192 7.55 -19.74 24.95
C ASP B 192 8.67 -20.28 25.85
N GLY B 193 9.64 -19.44 26.19
CA GLY B 193 10.78 -19.89 26.97
C GLY B 193 10.42 -20.24 28.40
N VAL B 194 9.53 -19.45 29.00
CA VAL B 194 9.11 -19.71 30.39
C VAL B 194 8.13 -20.90 30.45
N GLU B 195 7.21 -20.97 29.49
CA GLU B 195 6.24 -22.06 29.43
C GLU B 195 6.96 -23.40 29.24
N GLU B 196 7.95 -23.39 28.35
CA GLU B 196 8.71 -24.59 28.07
C GLU B 196 9.50 -25.07 29.28
N ALA B 197 10.11 -24.14 30.01
CA ALA B 197 10.90 -24.51 31.19
C ALA B 197 10.05 -25.22 32.22
N PHE B 198 8.77 -24.84 32.34
CA PHE B 198 7.92 -25.41 33.39
C PHE B 198 6.81 -26.31 32.85
N TRP B 199 7.03 -26.85 31.65
CA TRP B 199 6.05 -27.67 30.97
C TRP B 199 5.66 -28.92 31.77
N TYR B 200 6.61 -29.46 32.52
CA TYR B 200 6.37 -30.66 33.33
C TYR B 200 6.14 -30.36 34.80
N SER B 201 5.91 -29.09 35.15
CA SER B 201 5.81 -28.69 36.55
C SER B 201 4.45 -28.10 36.86
N PRO B 202 3.69 -28.77 37.76
CA PRO B 202 2.37 -28.25 38.15
C PRO B 202 2.43 -27.01 39.02
N ARG B 203 3.56 -26.80 39.71
CA ARG B 203 3.62 -25.75 40.72
C ARG B 203 3.91 -24.36 40.14
N VAL B 204 4.36 -24.30 38.90
CA VAL B 204 4.45 -23.02 38.17
C VAL B 204 3.41 -23.03 37.06
N VAL B 205 2.34 -22.27 37.25
CA VAL B 205 1.31 -22.21 36.23
C VAL B 205 1.60 -21.01 35.37
N THR B 206 1.76 -21.25 34.07
CA THR B 206 2.06 -20.18 33.14
C THR B 206 0.83 -19.77 32.33
N PHE B 207 0.71 -18.48 32.09
CA PHE B 207 -0.43 -17.95 31.33
C PHE B 207 -0.01 -16.79 30.43
N SER B 208 -0.02 -17.03 29.14
CA SER B 208 0.41 -16.01 28.19
C SER B 208 -0.76 -15.58 27.31
N VAL B 209 -0.99 -14.28 27.22
CA VAL B 209 -1.93 -13.71 26.24
C VAL B 209 -1.06 -13.02 25.19
N HIS B 210 -1.41 -13.15 23.92
CA HIS B 210 -0.49 -12.70 22.88
C HIS B 210 -1.15 -12.72 21.54
N HIS B 211 -0.51 -12.08 20.57
CA HIS B 211 -0.87 -12.33 19.20
C HIS B 211 -0.26 -13.65 18.70
N ALA B 212 -1.01 -14.39 17.91
CA ALA B 212 -0.44 -15.52 17.20
C ALA B 212 -1.08 -15.61 15.83
N SER B 213 -0.27 -15.87 14.81
CA SER B 213 -0.74 -15.99 13.44
C SER B 213 0.37 -16.64 12.64
N PRO B 214 0.08 -17.13 11.43
CA PRO B 214 1.12 -17.85 10.70
C PRO B 214 2.35 -17.00 10.34
N GLY B 215 3.52 -17.47 10.76
CA GLY B 215 4.75 -16.76 10.50
C GLY B 215 5.12 -15.76 11.58
N PHE B 216 4.26 -15.58 12.56
CA PHE B 216 4.53 -14.59 13.60
C PHE B 216 5.38 -15.19 14.71
N PHE B 217 6.46 -14.49 15.09
CA PHE B 217 7.37 -14.97 16.15
C PHE B 217 6.63 -15.14 17.48
N PRO B 218 6.90 -16.26 18.19
CA PRO B 218 7.77 -17.36 17.82
C PRO B 218 7.02 -18.56 17.20
N GLY B 219 5.69 -18.54 17.14
CA GLY B 219 4.96 -19.58 16.46
C GLY B 219 4.10 -20.44 17.38
N THR B 220 4.41 -20.44 18.66
CA THR B 220 3.69 -21.26 19.61
C THR B 220 2.62 -20.44 20.38
N GLY B 221 1.99 -21.09 21.36
CA GLY B 221 0.92 -20.47 22.14
C GLY B 221 -0.38 -20.42 21.34
N THR B 222 -0.51 -21.33 20.39
CA THR B 222 -1.71 -21.39 19.58
C THR B 222 -2.11 -22.86 19.30
N TRP B 223 -3.11 -23.05 18.45
CA TRP B 223 -3.58 -24.39 18.12
C TRP B 223 -2.45 -25.28 17.60
N ASN B 224 -2.60 -26.59 17.74
CA ASN B 224 -1.57 -27.53 17.28
C ASN B 224 -2.12 -28.57 16.31
N ILE B 233 -6.15 -28.79 18.69
CA ILE B 233 -6.35 -28.49 20.11
C ILE B 233 -5.13 -27.75 20.67
N PHE B 234 -5.22 -27.33 21.92
CA PHE B 234 -4.06 -26.73 22.62
C PHE B 234 -3.26 -27.75 23.43
N LEU B 235 -1.94 -27.78 23.23
CA LEU B 235 -1.08 -28.46 24.19
C LEU B 235 -0.97 -27.55 25.41
N ASN B 236 -0.92 -28.14 26.60
CA ASN B 236 -1.03 -27.35 27.81
C ASN B 236 -0.20 -27.91 28.98
N GLY B 237 0.91 -28.55 28.65
CA GLY B 237 1.77 -29.16 29.66
C GLY B 237 1.73 -30.68 29.48
N ALA B 238 2.68 -31.39 30.09
CA ALA B 238 2.69 -32.85 30.03
C ALA B 238 3.17 -33.45 31.36
N GLY B 239 2.97 -34.76 31.51
CA GLY B 239 3.32 -35.43 32.74
C GLY B 239 2.55 -34.86 33.92
N ARG B 240 3.27 -34.57 35.00
CA ARG B 240 2.63 -33.95 36.15
C ARG B 240 2.26 -32.48 35.82
N GLY B 241 2.79 -31.98 34.70
CA GLY B 241 2.54 -30.61 34.28
C GLY B 241 1.33 -30.42 33.39
N ARG B 242 0.63 -31.50 33.09
CA ARG B 242 -0.54 -31.43 32.22
CA ARG B 242 -0.54 -31.43 32.23
C ARG B 242 -1.56 -30.44 32.78
N PHE B 243 -2.13 -29.63 31.89
CA PHE B 243 -3.12 -28.60 32.22
C PHE B 243 -2.54 -27.35 32.91
N SER B 244 -1.21 -27.26 33.01
CA SER B 244 -0.59 -26.17 33.76
C SER B 244 -0.07 -25.02 32.88
N ALA B 245 -0.18 -25.14 31.55
CA ALA B 245 0.28 -24.10 30.65
C ALA B 245 -0.88 -23.48 29.87
N PHE B 246 -1.32 -22.30 30.28
CA PHE B 246 -2.46 -21.65 29.63
C PHE B 246 -2.02 -20.64 28.56
N ASN B 247 -2.83 -20.52 27.51
CA ASN B 247 -2.54 -19.65 26.39
C ASN B 247 -3.82 -19.04 25.82
N LEU B 248 -3.76 -17.75 25.54
CA LEU B 248 -4.86 -17.04 24.89
C LEU B 248 -4.31 -16.25 23.71
N PRO B 249 -4.31 -16.85 22.52
CA PRO B 249 -3.89 -16.13 21.32
C PRO B 249 -5.02 -15.22 20.88
N LEU B 250 -4.72 -13.95 20.59
CA LEU B 250 -5.74 -13.03 20.14
C LEU B 250 -5.38 -12.53 18.74
N GLU B 251 -6.41 -12.11 18.00
CA GLU B 251 -6.23 -11.56 16.66
C GLU B 251 -5.73 -10.11 16.74
N GLU B 252 -5.20 -9.59 15.64
CA GLU B 252 -4.68 -8.23 15.67
C GLU B 252 -5.79 -7.17 15.69
N GLY B 253 -5.44 -5.98 16.16
CA GLY B 253 -6.36 -4.84 16.17
C GLY B 253 -7.07 -4.63 17.50
N ILE B 254 -6.79 -5.49 18.48
CA ILE B 254 -7.57 -5.48 19.72
C ILE B 254 -7.26 -4.24 20.60
N ASN B 255 -8.31 -3.64 21.16
CA ASN B 255 -8.16 -2.42 21.97
C ASN B 255 -8.14 -2.72 23.47
N ASP B 256 -7.97 -1.67 24.29
CA ASP B 256 -7.87 -1.81 25.75
C ASP B 256 -9.06 -2.53 26.38
N LEU B 257 -10.28 -2.15 26.00
CA LEU B 257 -11.47 -2.70 26.65
C LEU B 257 -11.66 -4.19 26.33
N ASP B 258 -11.45 -4.57 25.07
CA ASP B 258 -11.64 -5.96 24.68
C ASP B 258 -10.52 -6.85 25.25
N TRP B 259 -9.31 -6.33 25.27
CA TRP B 259 -8.16 -7.06 25.81
C TRP B 259 -8.37 -7.24 27.32
N SER B 260 -8.86 -6.19 27.98
CA SER B 260 -9.21 -6.25 29.39
C SER B 260 -10.29 -7.27 29.73
N ASN B 261 -11.37 -7.24 28.96
CA ASN B 261 -12.48 -8.19 29.14
C ASN B 261 -12.06 -9.61 28.84
N ALA B 262 -11.09 -9.74 27.94
CA ALA B 262 -10.65 -11.05 27.51
C ALA B 262 -9.83 -11.74 28.61
N ILE B 263 -8.99 -10.98 29.30
CA ILE B 263 -8.06 -11.61 30.23
C ILE B 263 -8.45 -11.42 31.72
N GLY B 264 -9.25 -10.42 32.01
CA GLY B 264 -9.69 -10.17 33.39
C GLY B 264 -10.32 -11.32 34.15
N PRO B 265 -11.39 -11.92 33.61
CA PRO B 265 -12.04 -13.07 34.26
C PRO B 265 -11.12 -14.28 34.36
N ILE B 266 -10.25 -14.45 33.38
CA ILE B 266 -9.35 -15.59 33.35
C ILE B 266 -8.33 -15.46 34.48
N LEU B 267 -7.82 -14.25 34.70
CA LEU B 267 -6.86 -13.98 35.76
C LEU B 267 -7.47 -14.23 37.14
N ASP B 268 -8.66 -13.71 37.38
CA ASP B 268 -9.34 -13.91 38.65
C ASP B 268 -9.61 -15.39 38.91
N SER B 269 -10.01 -16.11 37.86
CA SER B 269 -10.32 -17.53 38.00
C SER B 269 -9.06 -18.32 38.31
N LEU B 270 -7.97 -17.97 37.63
CA LEU B 270 -6.68 -18.59 37.90
C LEU B 270 -6.28 -18.33 39.36
N ASN B 271 -6.51 -17.12 39.85
CA ASN B 271 -6.12 -16.81 41.22
C ASN B 271 -6.99 -17.60 42.19
N ILE B 272 -8.28 -17.68 41.90
CA ILE B 272 -9.21 -18.39 42.80
C ILE B 272 -8.84 -19.86 42.93
N VAL B 273 -8.55 -20.51 41.81
CA VAL B 273 -8.31 -21.94 41.81
C VAL B 273 -6.89 -22.28 42.28
N ILE B 274 -5.90 -21.66 41.66
CA ILE B 274 -4.50 -21.99 41.92
C ILE B 274 -4.02 -21.50 43.29
N GLN B 275 -4.56 -20.37 43.76
CA GLN B 275 -4.09 -19.77 45.01
C GLN B 275 -2.58 -19.61 45.07
N PRO B 276 -1.99 -18.87 44.11
CA PRO B 276 -0.53 -18.72 44.05
C PRO B 276 0.06 -18.03 45.28
N SER B 277 1.26 -18.45 45.68
CA SER B 277 2.01 -17.82 46.75
C SER B 277 2.75 -16.58 46.23
N TYR B 278 3.03 -16.62 44.93
CA TYR B 278 3.67 -15.51 44.25
C TYR B 278 3.08 -15.40 42.86
N VAL B 279 3.00 -14.17 42.37
CA VAL B 279 2.71 -13.91 40.97
C VAL B 279 3.93 -13.28 40.29
N VAL B 280 4.24 -13.71 39.08
CA VAL B 280 5.25 -13.06 38.27
C VAL B 280 4.56 -12.55 36.99
N VAL B 281 4.70 -11.25 36.77
CA VAL B 281 4.08 -10.62 35.61
C VAL B 281 5.14 -10.07 34.66
N GLN B 282 5.18 -10.59 33.44
CA GLN B 282 5.97 -9.98 32.37
C GLN B 282 5.06 -8.93 31.68
N CYS B 283 5.53 -7.68 31.68
CA CYS B 283 4.74 -6.55 31.18
CA CYS B 283 4.75 -6.55 31.17
C CYS B 283 5.37 -5.93 29.94
N GLY B 284 5.62 -6.74 28.92
CA GLY B 284 6.18 -6.27 27.67
C GLY B 284 5.26 -5.24 27.04
N ALA B 285 5.82 -4.12 26.60
CA ALA B 285 5.02 -3.00 26.14
C ALA B 285 4.79 -2.98 24.63
N ASP B 286 5.05 -4.08 23.92
CA ASP B 286 4.86 -4.05 22.49
C ASP B 286 3.41 -4.27 22.07
N CYS B 287 2.50 -4.32 23.04
CA CYS B 287 1.07 -4.29 22.71
C CYS B 287 0.52 -2.87 22.52
N LEU B 288 1.33 -1.84 22.78
CA LEU B 288 0.89 -0.44 22.62
C LEU B 288 0.55 -0.15 21.18
N ALA B 289 -0.49 0.64 20.97
CA ALA B 289 -0.91 1.02 19.63
C ALA B 289 0.25 1.62 18.84
N THR B 290 1.14 2.33 19.53
CA THR B 290 2.21 3.08 18.90
C THR B 290 3.52 2.28 18.79
N ASP B 291 3.48 1.03 19.21
CA ASP B 291 4.65 0.19 19.02
C ASP B 291 4.89 0.00 17.54
N PRO B 292 6.17 -0.07 17.12
CA PRO B 292 6.50 -0.34 15.72
C PRO B 292 5.86 -1.62 15.18
N HIS B 293 5.57 -2.61 16.03
CA HIS B 293 4.84 -3.82 15.59
C HIS B 293 3.46 -3.48 15.02
N ARG B 294 2.74 -2.57 15.68
CA ARG B 294 1.41 -2.13 15.24
C ARG B 294 0.45 -3.30 15.10
N ILE B 295 0.38 -4.15 16.10
CA ILE B 295 -0.53 -5.27 16.04
C ILE B 295 -1.70 -5.09 17.00
N PHE B 296 -1.43 -4.85 18.28
CA PHE B 296 -2.51 -4.54 19.19
C PHE B 296 -2.67 -3.02 19.30
N ARG B 297 -3.75 -2.57 19.90
CA ARG B 297 -3.97 -1.14 20.01
C ARG B 297 -4.17 -0.75 21.45
N LEU B 298 -3.31 -1.25 22.33
CA LEU B 298 -3.43 -0.92 23.73
C LEU B 298 -2.87 0.49 23.97
N THR B 299 -3.18 1.07 25.12
CA THR B 299 -2.69 2.40 25.46
C THR B 299 -2.15 2.42 26.88
N ASN B 300 -1.67 3.59 27.30
CA ASN B 300 -1.33 3.83 28.69
C ASN B 300 -2.32 4.79 29.36
N PHE B 301 -3.51 4.97 28.79
CA PHE B 301 -4.46 5.95 29.32
C PHE B 301 -4.98 5.57 30.69
N TYR B 302 -5.10 6.56 31.57
CA TYR B 302 -5.64 6.38 32.91
C TYR B 302 -6.59 7.53 33.28
N PRO B 303 -7.89 7.27 33.27
CA PRO B 303 -8.88 8.32 33.59
C PRO B 303 -9.16 8.39 35.09
N SER B 316 -12.29 4.85 29.63
CA SER B 316 -11.31 4.35 28.68
C SER B 316 -9.95 4.11 29.35
N LEU B 317 -9.70 2.87 29.74
CA LEU B 317 -8.57 2.55 30.60
C LEU B 317 -7.55 1.64 29.93
N SER B 318 -6.27 1.88 30.21
CA SER B 318 -5.19 1.04 29.75
C SER B 318 -5.39 -0.43 30.10
N GLY B 319 -5.43 -1.27 29.08
CA GLY B 319 -5.52 -2.71 29.28
C GLY B 319 -4.46 -3.14 30.26
N TYR B 320 -3.24 -2.70 30.04
CA TYR B 320 -2.15 -2.93 31.00
C TYR B 320 -2.45 -2.55 32.45
N LEU B 321 -2.93 -1.31 32.65
CA LEU B 321 -3.14 -0.83 34.01
C LEU B 321 -4.29 -1.60 34.64
N TYR B 322 -5.25 -1.95 33.79
CA TYR B 322 -6.39 -2.77 34.23
C TYR B 322 -5.92 -4.12 34.77
N ALA B 323 -5.12 -4.85 33.99
CA ALA B 323 -4.57 -6.13 34.41
C ALA B 323 -3.72 -6.03 35.66
N ILE B 324 -2.83 -5.03 35.69
CA ILE B 324 -1.91 -4.88 36.83
C ILE B 324 -2.70 -4.58 38.10
N LYS B 325 -3.65 -3.65 38.01
CA LYS B 325 -4.49 -3.33 39.16
C LYS B 325 -5.25 -4.57 39.65
N LYS B 326 -5.80 -5.35 38.72
CA LYS B 326 -6.48 -6.60 39.09
C LYS B 326 -5.52 -7.56 39.81
N ILE B 327 -4.36 -7.80 39.23
CA ILE B 327 -3.40 -8.71 39.87
C ILE B 327 -3.02 -8.20 41.28
N LEU B 328 -2.77 -6.90 41.42
CA LEU B 328 -2.39 -6.35 42.72
C LEU B 328 -3.49 -6.42 43.79
N SER B 329 -4.75 -6.40 43.37
CA SER B 329 -5.88 -6.49 44.30
C SER B 329 -5.97 -7.85 45.01
N TRP B 330 -5.21 -8.84 44.54
CA TRP B 330 -5.18 -10.17 45.16
C TRP B 330 -4.35 -10.19 46.44
N LYS B 331 -3.53 -9.16 46.63
CA LYS B 331 -2.61 -9.06 47.77
C LYS B 331 -1.66 -10.27 47.83
N VAL B 332 -1.18 -10.69 46.68
CA VAL B 332 -0.20 -11.77 46.58
C VAL B 332 1.14 -11.16 46.17
N PRO B 333 2.24 -11.51 46.87
CA PRO B 333 3.57 -10.96 46.55
C PRO B 333 3.89 -11.12 45.06
N THR B 334 4.37 -10.05 44.45
CA THR B 334 4.38 -9.98 43.01
C THR B 334 5.67 -9.40 42.46
N LEU B 335 6.16 -10.02 41.39
CA LEU B 335 7.30 -9.53 40.66
C LEU B 335 6.81 -8.99 39.33
N ILE B 336 7.09 -7.71 39.07
CA ILE B 336 6.70 -7.11 37.79
C ILE B 336 7.92 -6.83 36.91
N LEU B 337 7.94 -7.46 35.74
CA LEU B 337 9.10 -7.43 34.84
C LEU B 337 8.76 -6.72 33.54
N GLY B 338 9.77 -6.10 32.92
CA GLY B 338 9.66 -5.53 31.60
C GLY B 338 9.51 -6.56 30.49
N GLY B 339 10.17 -6.30 29.37
CA GLY B 339 10.09 -7.18 28.22
C GLY B 339 10.18 -6.39 26.93
N GLY B 340 9.34 -6.77 25.96
CA GLY B 340 9.32 -6.12 24.67
C GLY B 340 8.84 -4.69 24.81
N GLY B 341 8.99 -3.92 23.73
CA GLY B 341 8.64 -2.51 23.69
C GLY B 341 9.68 -1.74 22.90
N TYR B 342 9.35 -1.42 21.67
CA TYR B 342 10.35 -0.92 20.74
C TYR B 342 10.10 0.54 20.36
N ASN B 343 9.10 1.14 21.01
CA ASN B 343 8.94 2.59 21.00
C ASN B 343 9.39 3.03 22.40
N PHE B 344 10.65 3.44 22.50
CA PHE B 344 11.26 3.64 23.81
C PHE B 344 10.53 4.70 24.68
N PRO B 345 10.22 5.90 24.12
CA PRO B 345 9.49 6.87 24.94
C PRO B 345 8.09 6.41 25.37
N ASP B 346 7.35 5.76 24.49
CA ASP B 346 6.04 5.26 24.85
C ASP B 346 6.13 4.09 25.86
N THR B 347 7.17 3.27 25.73
CA THR B 347 7.40 2.22 26.73
C THR B 347 7.64 2.85 28.11
N ALA B 348 8.49 3.87 28.15
CA ALA B 348 8.69 4.65 29.37
C ALA B 348 7.38 5.24 29.90
N ARG B 349 6.56 5.79 29.01
CA ARG B 349 5.26 6.36 29.40
C ARG B 349 4.37 5.31 30.08
N LEU B 350 4.37 4.09 29.54
CA LEU B 350 3.55 3.01 30.11
C LEU B 350 4.09 2.53 31.45
N TRP B 351 5.38 2.25 31.49
CA TRP B 351 5.95 1.63 32.68
C TRP B 351 6.01 2.60 33.83
N THR B 352 6.08 3.90 33.55
CA THR B 352 6.02 4.90 34.60
C THR B 352 4.63 4.88 35.24
N ARG B 353 3.58 4.79 34.43
CA ARG B 353 2.21 4.68 34.96
C ARG B 353 1.96 3.39 35.71
N VAL B 354 2.48 2.28 35.19
CA VAL B 354 2.46 1.00 35.93
C VAL B 354 3.10 1.14 37.31
N THR B 355 4.23 1.83 37.34
CA THR B 355 4.97 2.04 38.58
C THR B 355 4.15 2.90 39.55
N ALA B 356 3.57 3.99 39.04
CA ALA B 356 2.77 4.87 39.88
C ALA B 356 1.58 4.08 40.44
N LEU B 357 1.00 3.23 39.60
CA LEU B 357 -0.16 2.43 39.99
C LEU B 357 0.19 1.41 41.07
N THR B 358 1.34 0.78 40.92
CA THR B 358 1.77 -0.19 41.92
C THR B 358 1.92 0.48 43.29
N ILE B 359 2.50 1.67 43.31
CA ILE B 359 2.62 2.46 44.54
C ILE B 359 1.26 2.76 45.16
N GLU B 360 0.32 3.21 44.34
CA GLU B 360 -1.05 3.44 44.80
C GLU B 360 -1.67 2.20 45.40
N GLU B 361 -1.68 1.11 44.62
CA GLU B 361 -2.35 -0.11 45.04
C GLU B 361 -1.72 -0.76 46.26
N VAL B 362 -0.43 -0.55 46.49
CA VAL B 362 0.24 -1.26 47.58
C VAL B 362 0.37 -0.40 48.85
N LYS B 363 0.80 0.86 48.67
CA LYS B 363 0.97 1.78 49.78
C LYS B 363 -0.32 2.50 50.16
N GLY B 364 -1.35 2.37 49.32
CA GLY B 364 -2.60 3.09 49.52
C GLY B 364 -2.40 4.59 49.45
N LYS B 365 -1.52 5.02 48.56
CA LYS B 365 -1.06 6.40 48.51
C LYS B 365 -1.29 6.98 47.11
N LYS B 366 -2.10 8.03 47.01
CA LYS B 366 -2.44 8.60 45.71
C LYS B 366 -1.24 9.13 44.96
N MET B 367 -1.04 8.66 43.74
CA MET B 367 0.06 9.11 42.91
C MET B 367 -0.48 9.90 41.74
N THR B 368 -0.50 11.22 41.89
CA THR B 368 -1.01 12.09 40.86
C THR B 368 0.11 12.42 39.91
N ILE B 369 -0.09 12.06 38.66
CA ILE B 369 0.93 12.24 37.64
C ILE B 369 0.55 13.35 36.66
N SER B 370 1.35 14.40 36.60
CA SER B 370 1.17 15.47 35.62
C SER B 370 1.05 14.96 34.18
N PRO B 371 0.07 15.50 33.44
CA PRO B 371 -0.11 15.11 32.02
C PRO B 371 1.05 15.58 31.14
N GLU B 372 1.82 16.56 31.60
CA GLU B 372 2.95 17.03 30.83
C GLU B 372 4.22 16.37 31.35
N ILE B 373 5.06 15.89 30.43
CA ILE B 373 6.34 15.27 30.77
C ILE B 373 7.20 16.27 31.55
N PRO B 374 7.73 15.86 32.71
CA PRO B 374 8.54 16.75 33.56
C PRO B 374 9.92 17.05 32.96
N GLU B 375 10.51 18.15 33.39
CA GLU B 375 11.88 18.48 33.02
C GLU B 375 12.85 17.38 33.45
N HIS B 376 13.64 16.87 32.51
CA HIS B 376 14.76 15.97 32.79
C HIS B 376 15.54 15.78 31.50
N SER B 377 16.65 15.04 31.55
CA SER B 377 17.63 15.07 30.46
C SER B 377 17.18 14.32 29.20
N TYR B 378 16.18 13.46 29.35
CA TYR B 378 15.57 12.84 28.19
C TYR B 378 14.24 13.50 27.78
N PHE B 379 13.99 14.73 28.25
CA PHE B 379 12.74 15.46 27.91
C PHE B 379 12.50 15.55 26.40
N SER B 380 13.57 15.83 25.64
CA SER B 380 13.50 15.96 24.19
C SER B 380 12.99 14.72 23.46
N ARG B 381 13.03 13.56 24.10
CA ARG B 381 12.62 12.32 23.44
C ARG B 381 11.09 12.15 23.47
N TYR B 382 10.39 13.05 24.14
CA TYR B 382 8.95 12.90 24.28
C TYR B 382 8.18 13.82 23.36
N GLY B 383 8.84 14.31 22.32
CA GLY B 383 8.22 15.22 21.38
C GLY B 383 7.29 14.50 20.41
N PRO B 384 6.48 15.26 19.67
CA PRO B 384 6.40 16.73 19.70
C PRO B 384 5.39 17.25 20.72
N ASP B 385 4.69 16.35 21.38
CA ASP B 385 3.64 16.71 22.33
C ASP B 385 4.15 16.94 23.75
N PHE B 386 5.18 16.20 24.13
CA PHE B 386 5.70 16.21 25.51
C PHE B 386 4.62 15.89 26.55
N GLU B 387 3.73 14.97 26.20
CA GLU B 387 2.65 14.59 27.09
C GLU B 387 2.78 13.15 27.54
N LEU B 388 2.25 12.84 28.71
CA LEU B 388 2.35 11.48 29.24
C LEU B 388 1.52 10.45 28.47
N ASP B 389 0.29 10.80 28.06
CA ASP B 389 -0.53 9.86 27.25
C ASP B 389 0.18 9.59 25.94
N ILE B 390 0.21 8.35 25.49
CA ILE B 390 0.75 8.09 24.15
C ILE B 390 -0.08 8.82 23.10
N ASP B 391 0.55 9.17 22.00
CA ASP B 391 -0.08 9.95 20.95
C ASP B 391 -0.90 9.05 20.03
N TYR B 392 -2.03 8.57 20.56
CA TYR B 392 -2.88 7.66 19.80
C TYR B 392 -4.33 8.00 20.05
N PHE B 393 -5.15 7.80 19.03
CA PHE B 393 -6.57 8.11 19.09
C PHE B 393 -7.41 6.85 18.88
N PRO B 394 -7.85 6.22 19.97
CA PRO B 394 -8.58 4.95 19.90
C PRO B 394 -9.93 5.08 19.19
N HIS B 395 -10.30 4.02 18.49
CA HIS B 395 -11.50 4.06 17.66
C HIS B 395 -11.96 2.65 17.34
N GLU B 396 -13.08 2.52 16.65
CA GLU B 396 -13.60 1.20 16.27
C GLU B 396 -14.66 1.33 15.19
N ASP B 403 -15.68 -12.07 16.52
CA ASP B 403 -14.53 -11.39 17.13
C ASP B 403 -14.42 -11.68 18.62
N SER B 404 -15.50 -12.17 19.21
CA SER B 404 -15.47 -12.56 20.61
C SER B 404 -14.67 -13.84 20.76
N ILE B 405 -14.28 -14.14 22.00
CA ILE B 405 -13.47 -15.29 22.29
C ILE B 405 -14.07 -16.09 23.45
N GLN B 406 -15.40 -16.18 23.46
CA GLN B 406 -16.10 -16.91 24.52
C GLN B 406 -15.76 -18.41 24.52
N LYS B 407 -15.56 -19.00 23.36
CA LYS B 407 -15.12 -20.40 23.35
C LYS B 407 -13.73 -20.57 23.98
N HIS B 408 -12.85 -19.59 23.82
CA HIS B 408 -11.55 -19.64 24.50
C HIS B 408 -11.74 -19.62 26.01
N HIS B 409 -12.65 -18.79 26.51
CA HIS B 409 -12.95 -18.75 27.94
C HIS B 409 -13.41 -20.11 28.45
N ARG B 410 -14.24 -20.76 27.65
CA ARG B 410 -14.85 -22.01 28.05
C ARG B 410 -13.78 -23.08 28.06
N ARG B 411 -12.92 -23.04 27.04
CA ARG B 411 -11.81 -23.97 26.92
C ARG B 411 -10.82 -23.78 28.10
N ILE B 412 -10.49 -22.53 28.39
CA ILE B 412 -9.52 -22.25 29.44
C ILE B 412 -10.05 -22.64 30.83
N LEU B 413 -11.33 -22.39 31.07
CA LEU B 413 -11.95 -22.81 32.34
C LEU B 413 -11.99 -24.33 32.49
N GLU B 414 -12.13 -25.06 31.39
CA GLU B 414 -12.14 -26.53 31.44
C GLU B 414 -10.74 -27.03 31.73
N GLN B 415 -9.75 -26.39 31.14
CA GLN B 415 -8.38 -26.73 31.45
C GLN B 415 -8.09 -26.47 32.92
N LEU B 416 -8.59 -25.36 33.43
CA LEU B 416 -8.40 -25.04 34.85
C LEU B 416 -9.08 -26.09 35.73
N ARG B 417 -10.25 -26.55 35.30
CA ARG B 417 -10.96 -27.61 36.01
C ARG B 417 -10.08 -28.88 36.05
N ASN B 418 -9.53 -29.25 34.90
CA ASN B 418 -8.65 -30.42 34.80
C ASN B 418 -7.39 -30.28 35.64
N TYR B 419 -6.77 -29.10 35.59
CA TYR B 419 -5.60 -28.84 36.43
C TYR B 419 -5.94 -29.07 37.90
N ALA B 420 -7.08 -28.54 38.35
CA ALA B 420 -7.48 -28.66 39.74
C ALA B 420 -7.68 -30.13 40.13
N ASP B 421 -8.37 -30.89 39.27
CA ASP B 421 -8.62 -32.32 39.51
C ASP B 421 -7.32 -33.12 39.55
N LEU B 422 -6.41 -32.86 38.61
CA LEU B 422 -5.16 -33.62 38.57
C LEU B 422 -4.31 -33.37 39.82
N ASN B 423 -4.40 -32.16 40.38
CA ASN B 423 -3.55 -31.79 41.50
C ASN B 423 -4.28 -31.76 42.83
N LYS B 424 -5.52 -32.25 42.83
CA LYS B 424 -6.32 -32.35 44.04
C LYS B 424 -6.54 -30.99 44.69
N LEU B 425 -6.76 -29.96 43.87
CA LEU B 425 -7.12 -28.65 44.39
C LEU B 425 -8.63 -28.49 44.41
N ILE B 426 -9.13 -27.63 45.27
CA ILE B 426 -10.54 -27.31 45.25
C ILE B 426 -10.89 -26.43 44.03
N TYR B 427 -11.82 -26.90 43.22
CA TYR B 427 -12.39 -26.08 42.15
C TYR B 427 -13.71 -25.49 42.62
N ASP B 428 -13.63 -24.29 43.19
CA ASP B 428 -14.80 -23.58 43.70
C ASP B 428 -15.68 -23.11 42.54
N TYR B 429 -16.52 -24.01 42.03
CA TYR B 429 -17.45 -23.66 40.96
C TYR B 429 -18.29 -22.44 41.35
N ASP B 430 -18.67 -22.38 42.62
CA ASP B 430 -19.50 -21.28 43.11
C ASP B 430 -18.86 -19.93 42.86
N GLN B 431 -17.60 -19.77 43.27
CA GLN B 431 -16.94 -18.47 43.15
C GLN B 431 -16.58 -18.15 41.70
N VAL B 432 -16.17 -19.15 40.92
CA VAL B 432 -15.87 -18.91 39.52
C VAL B 432 -17.13 -18.56 38.74
N TYR B 433 -18.21 -19.30 38.99
CA TYR B 433 -19.49 -18.98 38.37
C TYR B 433 -19.86 -17.56 38.69
N GLN B 434 -19.85 -17.21 39.97
CA GLN B 434 -20.29 -15.87 40.37
C GLN B 434 -19.46 -14.80 39.69
N LEU B 435 -18.18 -15.08 39.51
CA LEU B 435 -17.28 -14.20 38.80
C LEU B 435 -17.72 -13.90 37.36
N TYR B 436 -17.89 -14.96 36.56
CA TYR B 436 -18.27 -14.78 35.17
C TYR B 436 -19.71 -14.29 35.06
N ASN B 437 -20.49 -14.50 36.12
CA ASN B 437 -21.87 -14.08 36.15
C ASN B 437 -21.98 -12.56 36.22
N LEU B 438 -20.92 -11.92 36.70
CA LEU B 438 -20.86 -10.46 36.75
C LEU B 438 -20.91 -9.85 35.35
N THR B 439 -20.74 -10.68 34.33
CA THR B 439 -20.88 -10.23 32.94
C THR B 439 -21.95 -11.02 32.18
N GLY B 440 -22.70 -11.84 32.90
CA GLY B 440 -23.74 -12.65 32.30
C GLY B 440 -23.19 -13.86 31.55
N MET B 441 -22.00 -14.31 31.93
CA MET B 441 -21.34 -15.40 31.23
C MET B 441 -21.04 -16.59 32.15
N GLY B 442 -21.75 -16.67 33.27
CA GLY B 442 -21.68 -17.81 34.16
C GLY B 442 -21.83 -19.17 33.50
N SER B 443 -22.57 -19.22 32.40
CA SER B 443 -22.79 -20.45 31.65
C SER B 443 -21.49 -21.04 31.11
N LEU B 444 -20.49 -20.20 30.90
CA LEU B 444 -19.23 -20.67 30.35
C LEU B 444 -18.46 -21.51 31.37
N VAL B 445 -18.85 -21.46 32.63
CA VAL B 445 -18.13 -22.17 33.71
C VAL B 445 -18.59 -23.63 33.94
N PRO B 446 -17.67 -24.58 33.77
CA PRO B 446 -17.98 -26.00 33.98
C PRO B 446 -18.13 -26.35 35.46
N ARG B 447 -18.90 -27.38 35.77
CA ARG B 447 -19.04 -27.87 37.14
C ARG B 447 -17.76 -28.55 37.59
N SER C 3 14.26 16.32 -46.92
CA SER C 3 14.64 17.23 -45.84
C SER C 3 13.78 16.99 -44.60
N VAL C 4 14.43 16.60 -43.51
CA VAL C 4 13.78 16.55 -42.20
C VAL C 4 14.24 17.74 -41.41
N GLY C 5 13.28 18.56 -40.99
CA GLY C 5 13.64 19.76 -40.27
C GLY C 5 13.49 19.55 -38.78
N ILE C 6 14.19 20.35 -37.99
CA ILE C 6 14.03 20.29 -36.55
C ILE C 6 14.13 21.72 -36.03
N VAL C 7 13.22 22.09 -35.13
CA VAL C 7 13.21 23.45 -34.63
C VAL C 7 14.23 23.64 -33.51
N TYR C 8 15.17 24.56 -33.69
CA TYR C 8 16.15 24.83 -32.65
C TYR C 8 16.78 26.21 -32.82
N GLY C 9 17.26 26.77 -31.71
CA GLY C 9 18.08 27.96 -31.72
C GLY C 9 18.60 28.19 -30.31
N ASP C 10 19.58 29.09 -30.18
CA ASP C 10 20.18 29.39 -28.89
C ASP C 10 19.18 30.02 -27.91
N GLN C 11 18.52 31.10 -28.32
CA GLN C 11 17.53 31.74 -27.46
C GLN C 11 16.36 30.79 -27.20
N TYR C 12 15.96 30.08 -28.25
CA TYR C 12 14.87 29.10 -28.17
C TYR C 12 15.13 28.08 -27.07
N ARG C 13 16.35 27.55 -27.04
CA ARG C 13 16.76 26.57 -26.04
C ARG C 13 16.61 27.13 -24.63
N GLN C 14 17.12 28.35 -24.41
CA GLN C 14 17.05 28.98 -23.09
C GLN C 14 15.59 29.17 -22.66
N LEU C 15 14.75 29.64 -23.57
CA LEU C 15 13.35 29.90 -23.22
C LEU C 15 12.60 28.61 -22.92
N CYS C 16 12.74 27.60 -23.78
CA CYS C 16 12.07 26.31 -23.57
C CYS C 16 12.51 25.70 -22.27
N CYS C 17 13.73 26.05 -21.83
CA CYS C 17 14.26 25.53 -20.57
C CYS C 17 13.98 26.45 -19.38
N SER C 18 13.14 27.47 -19.55
CA SER C 18 12.95 28.47 -18.50
C SER C 18 11.75 28.22 -17.58
N SER C 19 11.05 27.10 -17.75
CA SER C 19 9.84 26.85 -16.97
C SER C 19 10.10 25.94 -15.76
N PRO C 20 9.40 26.21 -14.65
CA PRO C 20 9.59 25.46 -13.39
C PRO C 20 9.21 23.99 -13.56
N LYS C 21 8.13 23.76 -14.29
CA LYS C 21 7.60 22.42 -14.51
C LYS C 21 8.51 21.55 -15.38
N PHE C 22 9.04 22.09 -16.47
CA PHE C 22 9.72 21.22 -17.43
C PHE C 22 11.25 21.34 -17.40
N GLY C 23 11.75 22.20 -16.51
CA GLY C 23 13.17 22.38 -16.29
C GLY C 23 13.97 22.39 -17.58
N ASP C 24 15.04 21.61 -17.59
CA ASP C 24 15.93 21.59 -18.74
C ASP C 24 15.62 20.43 -19.70
N ARG C 25 14.39 19.91 -19.70
CA ARG C 25 14.06 18.75 -20.52
C ARG C 25 14.45 18.92 -21.99
N TYR C 26 14.08 20.06 -22.55
CA TYR C 26 14.35 20.35 -23.95
C TYR C 26 15.84 20.30 -24.31
N ALA C 27 16.69 20.71 -23.37
CA ALA C 27 18.14 20.67 -23.55
C ALA C 27 18.66 19.24 -23.55
N LEU C 28 18.18 18.42 -22.61
CA LEU C 28 18.50 17.00 -22.61
C LEU C 28 18.14 16.34 -23.95
N VAL C 29 16.93 16.62 -24.44
CA VAL C 29 16.46 16.04 -25.67
C VAL C 29 17.38 16.41 -26.84
N MET C 30 17.55 17.72 -27.04
CA MET C 30 18.37 18.23 -28.14
C MET C 30 19.85 17.80 -28.01
N ASP C 31 20.38 17.77 -26.79
CA ASP C 31 21.77 17.36 -26.60
C ASP C 31 21.97 15.86 -26.83
N LEU C 32 20.96 15.04 -26.53
CA LEU C 32 21.07 13.61 -26.80
C LEU C 32 21.00 13.38 -28.31
N ILE C 33 20.09 14.09 -28.97
CA ILE C 33 20.00 14.05 -30.42
C ILE C 33 21.34 14.47 -31.03
N ASN C 34 21.92 15.54 -30.51
CA ASN C 34 23.24 15.99 -30.95
C ASN C 34 24.32 14.95 -30.64
N ALA C 35 24.27 14.35 -29.46
CA ALA C 35 25.25 13.36 -29.03
C ALA C 35 25.28 12.15 -29.94
N TYR C 36 24.11 11.74 -30.44
CA TYR C 36 24.06 10.61 -31.37
C TYR C 36 24.37 11.02 -32.82
N LYS C 37 24.82 12.27 -32.99
CA LYS C 37 25.24 12.81 -34.29
C LYS C 37 24.13 12.85 -35.31
N LEU C 38 22.92 13.18 -34.86
CA LEU C 38 21.79 13.25 -35.77
C LEU C 38 21.63 14.65 -36.38
N ILE C 39 22.14 15.67 -35.69
CA ILE C 39 21.96 17.07 -36.10
C ILE C 39 22.46 17.39 -37.51
N PRO C 40 23.65 16.86 -37.93
CA PRO C 40 24.06 17.04 -39.33
C PRO C 40 23.08 16.47 -40.36
N GLU C 41 22.23 15.54 -39.97
CA GLU C 41 21.25 14.96 -40.89
C GLU C 41 20.00 15.84 -41.04
N LEU C 42 19.88 16.83 -40.17
CA LEU C 42 18.64 17.58 -40.02
C LEU C 42 18.79 19.04 -40.47
N SER C 43 17.73 19.57 -41.03
CA SER C 43 17.72 20.95 -41.45
C SER C 43 17.17 21.79 -40.30
N ARG C 44 18.04 22.59 -39.69
CA ARG C 44 17.59 23.50 -38.63
CA ARG C 44 17.63 23.52 -38.65
C ARG C 44 16.51 24.44 -39.14
N VAL C 45 15.37 24.45 -38.44
CA VAL C 45 14.25 25.35 -38.75
C VAL C 45 14.25 26.42 -37.65
N PRO C 46 14.56 27.67 -38.01
CA PRO C 46 14.65 28.68 -36.95
C PRO C 46 13.25 29.15 -36.51
N PRO C 47 13.06 29.39 -35.20
CA PRO C 47 11.76 29.85 -34.70
C PRO C 47 11.35 31.17 -35.35
N LEU C 48 10.05 31.31 -35.61
CA LEU C 48 9.52 32.49 -36.29
C LEU C 48 9.65 33.74 -35.41
N GLN C 49 10.09 34.83 -36.00
CA GLN C 49 10.07 36.12 -35.32
C GLN C 49 9.24 37.12 -36.10
N TRP C 50 8.74 38.15 -35.43
CA TRP C 50 7.84 39.09 -36.08
C TRP C 50 8.47 40.48 -36.20
N ASP C 51 7.90 41.30 -37.07
CA ASP C 51 8.43 42.62 -37.35
C ASP C 51 7.84 43.70 -36.44
N SER C 52 6.93 43.31 -35.56
CA SER C 52 6.35 44.28 -34.61
C SER C 52 5.52 43.56 -33.56
N PRO C 53 5.31 44.21 -32.40
CA PRO C 53 4.41 43.62 -31.39
C PRO C 53 3.02 43.36 -31.97
N SER C 54 2.54 44.26 -32.83
CA SER C 54 1.19 44.12 -33.36
C SER C 54 1.09 42.89 -34.23
N ARG C 55 2.18 42.54 -34.91
CA ARG C 55 2.13 41.36 -35.77
C ARG C 55 2.20 40.09 -34.93
N MET C 56 2.99 40.12 -33.87
CA MET C 56 3.02 39.02 -32.92
C MET C 56 1.62 38.83 -32.33
N TYR C 57 1.03 39.93 -31.87
CA TYR C 57 -0.28 39.90 -31.23
C TYR C 57 -1.34 39.34 -32.16
N GLU C 58 -1.26 39.74 -33.43
CA GLU C 58 -2.18 39.27 -34.46
C GLU C 58 -2.04 37.76 -34.65
N ALA C 59 -0.81 37.27 -34.64
CA ALA C 59 -0.55 35.87 -34.87
C ALA C 59 -1.13 35.02 -33.75
N VAL C 60 -0.91 35.46 -32.50
CA VAL C 60 -1.37 34.69 -31.35
C VAL C 60 -2.88 34.81 -31.19
N THR C 61 -3.46 35.98 -31.47
CA THR C 61 -4.90 36.13 -31.27
C THR C 61 -5.69 35.60 -32.47
N ALA C 62 -5.03 34.89 -33.38
CA ALA C 62 -5.74 34.14 -34.42
C ALA C 62 -6.54 33.02 -33.77
N PHE C 63 -6.10 32.60 -32.58
CA PHE C 63 -6.83 31.67 -31.75
C PHE C 63 -7.22 32.22 -30.37
N HIS C 64 -6.27 32.78 -29.64
CA HIS C 64 -6.53 33.22 -28.26
C HIS C 64 -7.20 34.59 -28.23
N SER C 65 -8.02 34.82 -27.21
CA SER C 65 -8.61 36.13 -26.99
C SER C 65 -7.55 37.18 -26.65
N THR C 66 -7.85 38.41 -27.05
CA THR C 66 -7.06 39.58 -26.69
C THR C 66 -6.91 39.69 -25.18
N GLU C 67 -8.01 39.48 -24.45
CA GLU C 67 -7.98 39.66 -23.00
C GLU C 67 -7.12 38.61 -22.30
N TYR C 68 -7.11 37.37 -22.81
CA TYR C 68 -6.27 36.33 -22.22
C TYR C 68 -4.77 36.59 -22.44
N VAL C 69 -4.42 36.97 -23.66
CA VAL C 69 -3.05 37.31 -24.03
C VAL C 69 -2.55 38.57 -23.28
N ASP C 70 -3.41 39.59 -23.18
CA ASP C 70 -3.13 40.74 -22.31
C ASP C 70 -2.81 40.28 -20.89
N ALA C 71 -3.63 39.37 -20.35
CA ALA C 71 -3.46 38.89 -18.98
C ALA C 71 -2.13 38.16 -18.81
N LEU C 72 -1.82 37.33 -19.80
CA LEU C 72 -0.62 36.52 -19.79
C LEU C 72 0.61 37.40 -19.89
N LYS C 73 0.48 38.47 -20.68
CA LYS C 73 1.55 39.48 -20.77
C LYS C 73 1.78 40.16 -19.43
N LYS C 74 0.70 40.57 -18.79
CA LYS C 74 0.77 41.24 -17.49
C LYS C 74 1.36 40.32 -16.43
N LEU C 75 1.01 39.04 -16.48
CA LEU C 75 1.48 38.07 -15.51
C LEU C 75 3.00 37.98 -15.55
N GLN C 76 3.56 37.98 -16.76
CA GLN C 76 5.00 37.98 -16.92
C GLN C 76 5.62 39.23 -16.31
N MET C 77 5.02 40.38 -16.59
CA MET C 77 5.51 41.65 -16.07
C MET C 77 5.51 41.64 -14.54
N LEU C 78 4.42 41.16 -13.95
CA LEU C 78 4.31 41.09 -12.49
C LEU C 78 5.41 40.24 -11.84
N HIS C 79 5.67 39.06 -12.38
CA HIS C 79 6.69 38.20 -11.78
C HIS C 79 8.11 38.74 -12.01
N CYS C 80 8.21 39.75 -12.87
CA CYS C 80 9.48 40.45 -13.13
C CYS C 80 9.61 41.73 -12.31
N GLU C 81 8.83 41.87 -11.24
CA GLU C 81 8.93 43.04 -10.39
C GLU C 81 8.92 42.67 -8.91
N GLU C 84 4.29 41.61 -5.28
CA GLU C 84 2.99 41.02 -4.95
C GLU C 84 1.90 41.57 -5.84
N LEU C 85 0.88 40.75 -6.09
CA LEU C 85 -0.28 41.18 -6.89
C LEU C 85 -1.31 41.90 -6.04
N THR C 86 -2.03 42.83 -6.64
CA THR C 86 -3.19 43.42 -5.98
C THR C 86 -4.34 42.40 -6.00
N ALA C 87 -5.33 42.59 -5.14
CA ALA C 87 -6.50 41.72 -5.09
C ALA C 87 -7.14 41.54 -6.46
N ASP C 88 -7.19 42.61 -7.26
CA ASP C 88 -7.85 42.53 -8.57
C ASP C 88 -6.96 41.93 -9.67
N ASP C 89 -5.66 42.16 -9.62
CA ASP C 89 -4.78 41.42 -10.54
C ASP C 89 -4.91 39.92 -10.26
N GLU C 90 -5.04 39.57 -8.99
CA GLU C 90 -5.24 38.18 -8.60
C GLU C 90 -6.53 37.62 -9.20
N LEU C 91 -7.62 38.37 -9.10
CA LEU C 91 -8.89 37.96 -9.68
C LEU C 91 -8.78 37.86 -11.20
N LEU C 92 -8.04 38.79 -11.78
CA LEU C 92 -7.80 38.77 -13.22
C LEU C 92 -7.08 37.48 -13.64
N MET C 93 -6.00 37.15 -12.94
CA MET C 93 -5.29 35.92 -13.22
C MET C 93 -6.18 34.68 -12.98
N ASP C 94 -6.92 34.67 -11.87
CA ASP C 94 -7.78 33.53 -11.57
C ASP C 94 -8.85 33.31 -12.65
N SER C 95 -9.35 34.40 -13.23
CA SER C 95 -10.35 34.25 -14.28
C SER C 95 -9.79 33.56 -15.53
N PHE C 96 -8.47 33.48 -15.66
CA PHE C 96 -7.89 32.85 -16.86
C PHE C 96 -7.18 31.54 -16.52
N SER C 97 -7.43 31.06 -15.31
CA SER C 97 -6.77 29.89 -14.76
C SER C 97 -5.25 30.07 -14.81
N LEU C 98 -4.81 31.32 -14.68
CA LEU C 98 -3.38 31.60 -14.57
C LEU C 98 -2.97 31.41 -13.12
N ASN C 99 -3.17 30.19 -12.64
CA ASN C 99 -2.96 29.81 -11.25
C ASN C 99 -2.74 28.30 -11.12
N TYR C 100 -2.51 27.82 -9.90
CA TYR C 100 -2.43 26.39 -9.60
C TYR C 100 -1.55 25.60 -10.57
N ASP C 101 -2.17 24.93 -11.56
CA ASP C 101 -1.46 24.12 -12.55
C ASP C 101 -0.64 24.99 -13.52
N CYS C 102 -1.04 26.24 -13.65
CA CYS C 102 -0.37 27.14 -14.58
C CYS C 102 -0.04 28.47 -13.93
N PRO C 103 0.90 28.46 -12.97
CA PRO C 103 1.27 29.70 -12.29
C PRO C 103 2.11 30.63 -13.17
N GLY C 104 2.23 31.88 -12.76
CA GLY C 104 3.12 32.79 -13.43
C GLY C 104 4.53 32.47 -13.00
N PHE C 105 5.49 32.97 -13.78
CA PHE C 105 6.91 32.91 -13.47
C PHE C 105 7.56 33.92 -14.44
N PRO C 106 8.78 34.40 -14.10
CA PRO C 106 9.47 35.49 -14.81
C PRO C 106 9.41 35.48 -16.34
N SER C 107 9.38 34.29 -16.96
CA SER C 107 9.43 34.21 -18.40
C SER C 107 8.21 33.50 -18.98
N VAL C 108 7.10 33.51 -18.25
CA VAL C 108 5.93 32.68 -18.62
C VAL C 108 5.37 33.02 -19.99
N PHE C 109 5.39 34.29 -20.39
CA PHE C 109 4.88 34.66 -21.71
C PHE C 109 5.92 34.37 -22.79
N ASP C 110 7.19 34.67 -22.52
CA ASP C 110 8.26 34.39 -23.47
C ASP C 110 8.38 32.89 -23.72
N TYR C 111 8.36 32.12 -22.64
CA TYR C 111 8.31 30.68 -22.69
C TYR C 111 7.16 30.15 -23.55
N SER C 112 5.96 30.63 -23.30
CA SER C 112 4.75 30.20 -24.02
C SER C 112 4.80 30.61 -25.48
N LEU C 113 5.27 31.83 -25.72
CA LEU C 113 5.38 32.32 -27.08
C LEU C 113 6.37 31.53 -27.92
N ALA C 114 7.47 31.10 -27.28
CA ALA C 114 8.54 30.39 -27.97
C ALA C 114 8.01 29.17 -28.67
N ALA C 115 7.20 28.37 -27.97
CA ALA C 115 6.60 27.19 -28.58
C ALA C 115 5.76 27.58 -29.80
N VAL C 116 5.01 28.66 -29.69
CA VAL C 116 4.29 29.17 -30.85
C VAL C 116 5.24 29.53 -31.98
N GLN C 117 6.32 30.25 -31.65
CA GLN C 117 7.34 30.57 -32.62
C GLN C 117 7.90 29.31 -33.31
N GLY C 118 8.19 28.27 -32.53
CA GLY C 118 8.69 27.03 -33.10
C GLY C 118 7.70 26.32 -34.02
N SER C 119 6.47 26.15 -33.56
CA SER C 119 5.49 25.39 -34.31
C SER C 119 4.97 26.13 -35.55
N LEU C 120 4.91 27.46 -35.50
CA LEU C 120 4.54 28.26 -36.68
C LEU C 120 5.62 28.20 -37.76
N ALA C 121 6.88 28.33 -37.35
CA ALA C 121 7.99 28.24 -38.30
C ALA C 121 8.00 26.87 -38.94
N ALA C 122 7.74 25.84 -38.12
CA ALA C 122 7.65 24.47 -38.58
C ALA C 122 6.54 24.31 -39.60
N ALA C 123 5.36 24.82 -39.28
CA ALA C 123 4.29 24.78 -40.25
C ALA C 123 4.70 25.50 -41.56
N SER C 124 5.43 26.62 -41.44
CA SER C 124 5.81 27.37 -42.63
C SER C 124 6.80 26.61 -43.50
N ALA C 125 7.74 25.89 -42.88
CA ALA C 125 8.70 25.07 -43.63
C ALA C 125 7.99 23.98 -44.46
N LEU C 126 6.95 23.39 -43.88
CA LEU C 126 6.15 22.39 -44.57
C LEU C 126 5.41 23.02 -45.73
N ILE C 127 4.80 24.17 -45.48
CA ILE C 127 3.98 24.86 -46.50
C ILE C 127 4.80 25.24 -47.73
N CYS C 128 5.95 25.86 -47.51
CA CYS C 128 6.79 26.25 -48.65
C CYS C 128 7.63 25.06 -49.15
N ARG C 129 7.36 23.87 -48.64
CA ARG C 129 7.99 22.64 -49.12
C ARG C 129 9.51 22.61 -48.92
N HIS C 130 9.99 23.30 -47.89
CA HIS C 130 11.42 23.25 -47.56
C HIS C 130 11.73 21.94 -46.84
N CYS C 131 10.75 21.43 -46.08
CA CYS C 131 10.91 20.17 -45.38
C CYS C 131 9.68 19.29 -45.63
N GLU C 132 9.90 17.98 -45.70
CA GLU C 132 8.80 17.04 -45.85
C GLU C 132 8.28 16.67 -44.46
N VAL C 133 9.16 16.76 -43.46
CA VAL C 133 8.81 16.56 -42.06
C VAL C 133 9.56 17.58 -41.19
N VAL C 134 8.88 18.12 -40.18
CA VAL C 134 9.54 19.00 -39.24
C VAL C 134 9.19 18.56 -37.83
N ILE C 135 10.23 18.48 -37.00
CA ILE C 135 10.13 18.12 -35.59
C ILE C 135 10.27 19.36 -34.69
N ASN C 136 9.36 19.52 -33.73
CA ASN C 136 9.55 20.54 -32.69
C ASN C 136 9.32 19.96 -31.30
N TRP C 137 10.40 19.60 -30.64
CA TRP C 137 10.35 19.03 -29.30
C TRP C 137 10.10 20.07 -28.22
N GLY C 138 10.02 21.34 -28.61
CA GLY C 138 9.62 22.38 -27.68
C GLY C 138 8.12 22.68 -27.71
N GLY C 139 7.42 22.07 -28.65
CA GLY C 139 6.00 22.35 -28.84
C GLY C 139 5.13 21.18 -28.43
N GLY C 140 3.82 21.31 -28.70
CA GLY C 140 2.87 20.26 -28.42
C GLY C 140 2.01 20.52 -27.20
N TRP C 141 1.73 21.78 -26.92
CA TRP C 141 0.96 22.15 -25.73
C TRP C 141 -0.54 22.15 -26.02
N HIS C 142 -1.13 20.95 -25.92
CA HIS C 142 -2.44 20.68 -26.47
C HIS C 142 -3.59 21.05 -25.53
N HIS C 143 -3.28 21.40 -24.28
CA HIS C 143 -4.37 21.69 -23.31
C HIS C 143 -4.86 23.14 -23.31
N ALA C 144 -4.12 24.05 -23.93
CA ALA C 144 -4.40 25.49 -23.79
C ALA C 144 -5.66 25.85 -24.54
N LYS C 145 -6.55 26.59 -23.90
CA LYS C 145 -7.81 27.01 -24.52
C LYS C 145 -7.75 28.46 -24.97
N ARG C 146 -8.76 28.87 -25.72
CA ARG C 146 -8.94 30.25 -26.19
C ARG C 146 -8.63 31.33 -25.15
N SER C 147 -9.23 31.18 -23.97
CA SER C 147 -9.09 32.16 -22.91
C SER C 147 -8.72 31.52 -21.60
N GLU C 148 -7.94 30.44 -21.66
CA GLU C 148 -7.68 29.71 -20.45
C GLU C 148 -6.41 28.86 -20.54
N ALA C 149 -5.54 29.00 -19.56
CA ALA C 149 -4.36 28.13 -19.42
C ALA C 149 -4.79 26.84 -18.78
N SER C 150 -4.14 25.73 -19.13
CA SER C 150 -4.54 24.43 -18.61
C SER C 150 -3.42 23.40 -18.72
N GLY C 151 -3.23 22.58 -17.68
CA GLY C 151 -2.29 21.47 -17.71
C GLY C 151 -0.94 21.93 -18.19
N PHE C 152 -0.44 22.98 -17.52
N PHE C 152 -0.45 23.01 -17.59
CA PHE C 152 0.78 23.74 -17.84
CA PHE C 152 0.87 23.59 -17.90
C PHE C 152 0.93 24.12 -19.32
C PHE C 152 0.92 24.23 -19.29
N CYS C 153 -0.19 24.23 -20.02
CA CYS C 153 -0.22 24.81 -21.35
C CYS C 153 -0.81 26.23 -21.28
N TYR C 154 -0.07 27.22 -21.78
CA TYR C 154 -0.51 28.63 -21.73
C TYR C 154 -0.94 29.14 -23.08
N LEU C 155 -0.22 28.75 -24.12
CA LEU C 155 -0.55 29.13 -25.49
C LEU C 155 -0.59 27.86 -26.30
N ASN C 156 -1.54 27.75 -27.21
CA ASN C 156 -1.71 26.49 -27.93
C ASN C 156 -1.01 26.56 -29.27
N ASP C 157 0.28 26.18 -29.27
CA ASP C 157 1.10 26.22 -30.46
C ASP C 157 0.56 25.28 -31.53
N ILE C 158 -0.02 24.16 -31.10
CA ILE C 158 -0.60 23.21 -32.04
C ILE C 158 -1.79 23.80 -32.82
N VAL C 159 -2.73 24.40 -32.11
CA VAL C 159 -3.86 25.03 -32.80
C VAL C 159 -3.36 26.07 -33.78
N LEU C 160 -2.38 26.87 -33.35
CA LEU C 160 -1.88 27.95 -34.21
C LEU C 160 -1.17 27.38 -35.43
N ALA C 161 -0.42 26.30 -35.25
CA ALA C 161 0.28 25.66 -36.35
C ALA C 161 -0.70 25.06 -37.37
N ILE C 162 -1.68 24.31 -36.85
CA ILE C 162 -2.69 23.67 -37.67
C ILE C 162 -3.44 24.72 -38.49
N HIS C 163 -3.76 25.84 -37.84
CA HIS C 163 -4.47 26.93 -38.50
C HIS C 163 -3.68 27.51 -39.67
N ARG C 164 -2.38 27.67 -39.48
CA ARG C 164 -1.53 28.12 -40.57
C ARG C 164 -1.55 27.10 -41.70
N LEU C 165 -1.46 25.81 -41.36
CA LEU C 165 -1.46 24.75 -42.37
C LEU C 165 -2.76 24.72 -43.18
N VAL C 166 -3.87 24.72 -42.45
CA VAL C 166 -5.17 24.53 -43.05
C VAL C 166 -5.63 25.74 -43.87
N SER C 167 -4.96 26.87 -43.69
CA SER C 167 -5.25 28.09 -44.45
C SER C 167 -4.37 28.28 -45.68
N SER C 168 -3.39 27.41 -45.84
CA SER C 168 -2.46 27.46 -46.98
C SER C 168 -3.10 26.90 -48.26
N THR C 169 -2.60 27.34 -49.41
CA THR C 169 -3.09 26.86 -50.69
C THR C 169 -2.07 27.08 -51.80
N GLN C 178 -10.43 21.86 -49.98
CA GLN C 178 -9.91 20.52 -50.23
C GLN C 178 -8.69 20.20 -49.38
N THR C 179 -8.13 21.20 -48.73
CA THR C 179 -6.97 21.00 -47.85
C THR C 179 -7.39 20.56 -46.45
N ARG C 180 -7.07 19.32 -46.12
CA ARG C 180 -7.45 18.76 -44.82
CA ARG C 180 -7.45 18.75 -44.82
C ARG C 180 -6.23 18.39 -43.97
N VAL C 181 -6.35 18.61 -42.66
CA VAL C 181 -5.25 18.28 -41.76
C VAL C 181 -5.74 17.19 -40.82
N LEU C 182 -4.94 16.14 -40.67
CA LEU C 182 -5.17 15.12 -39.65
C LEU C 182 -4.31 15.39 -38.43
N TYR C 183 -4.98 15.55 -37.29
CA TYR C 183 -4.27 15.73 -36.04
C TYR C 183 -4.33 14.46 -35.22
N VAL C 184 -3.15 13.99 -34.83
CA VAL C 184 -2.99 12.74 -34.10
C VAL C 184 -2.33 13.02 -32.75
N ASP C 185 -3.06 12.75 -31.69
CA ASP C 185 -2.58 13.03 -30.36
C ASP C 185 -2.23 11.75 -29.57
N LEU C 186 -0.94 11.43 -29.49
CA LEU C 186 -0.46 10.20 -28.82
C LEU C 186 -0.14 10.38 -27.34
N ASP C 187 -0.32 11.58 -26.82
CA ASP C 187 -0.06 11.87 -25.41
C ASP C 187 -0.92 10.98 -24.50
N LEU C 188 -0.43 10.67 -23.31
CA LEU C 188 -1.24 10.00 -22.28
C LEU C 188 -2.60 10.69 -22.04
N HIS C 189 -2.65 12.00 -22.25
CA HIS C 189 -3.85 12.79 -21.95
C HIS C 189 -4.67 13.14 -23.18
N HIS C 190 -5.98 13.25 -22.99
CA HIS C 190 -6.86 13.74 -24.07
C HIS C 190 -6.42 15.12 -24.56
N GLY C 191 -6.24 15.25 -25.88
CA GLY C 191 -5.89 16.53 -26.47
C GLY C 191 -7.08 17.48 -26.57
N ASP C 192 -7.62 17.88 -25.43
CA ASP C 192 -8.90 18.61 -25.38
C ASP C 192 -8.85 19.99 -26.02
N GLY C 193 -7.72 20.69 -25.87
CA GLY C 193 -7.60 22.04 -26.37
C GLY C 193 -7.63 22.08 -27.89
N VAL C 194 -6.96 21.11 -28.52
CA VAL C 194 -6.93 21.07 -29.97
C VAL C 194 -8.31 20.65 -30.49
N GLU C 195 -8.90 19.66 -29.85
CA GLU C 195 -10.21 19.13 -30.26
C GLU C 195 -11.31 20.20 -30.21
N GLU C 196 -11.35 20.90 -29.09
CA GLU C 196 -12.29 21.97 -28.86
C GLU C 196 -12.09 23.12 -29.86
N ALA C 197 -10.85 23.44 -30.19
CA ALA C 197 -10.61 24.55 -31.12
C ALA C 197 -11.18 24.28 -32.49
N PHE C 198 -11.13 23.02 -32.93
CA PHE C 198 -11.61 22.66 -34.27
C PHE C 198 -12.91 21.88 -34.27
N TRP C 199 -13.62 21.94 -33.14
CA TRP C 199 -14.88 21.23 -32.94
C TRP C 199 -15.91 21.48 -34.06
N TYR C 200 -15.90 22.68 -34.66
CA TYR C 200 -16.92 23.00 -35.65
C TYR C 200 -16.34 22.97 -37.04
N SER C 201 -15.14 22.39 -37.17
CA SER C 201 -14.46 22.43 -38.46
C SER C 201 -14.13 21.05 -39.03
N PRO C 202 -14.62 20.77 -40.25
CA PRO C 202 -14.42 19.50 -40.95
C PRO C 202 -13.05 19.33 -41.59
N ARG C 203 -12.29 20.41 -41.74
CA ARG C 203 -11.03 20.36 -42.47
C ARG C 203 -9.85 20.02 -41.54
N VAL C 204 -10.11 20.03 -40.24
CA VAL C 204 -9.18 19.53 -39.25
C VAL C 204 -9.80 18.35 -38.53
N VAL C 205 -9.36 17.15 -38.87
CA VAL C 205 -9.85 15.98 -38.18
C VAL C 205 -8.92 15.69 -37.02
N THR C 206 -9.48 15.61 -35.82
CA THR C 206 -8.66 15.32 -34.65
C THR C 206 -8.83 13.87 -34.19
N PHE C 207 -7.73 13.23 -33.81
CA PHE C 207 -7.78 11.89 -33.25
C PHE C 207 -6.91 11.77 -32.02
N SER C 208 -7.51 11.47 -30.88
CA SER C 208 -6.76 11.35 -29.64
C SER C 208 -6.92 9.97 -29.02
N VAL C 209 -5.78 9.35 -28.69
CA VAL C 209 -5.76 8.11 -27.92
C VAL C 209 -5.14 8.46 -26.60
N HIS C 210 -5.67 7.95 -25.50
CA HIS C 210 -5.27 8.46 -24.18
C HIS C 210 -5.84 7.58 -23.11
N HIS C 211 -5.37 7.79 -21.89
CA HIS C 211 -6.09 7.27 -20.76
C HIS C 211 -7.28 8.17 -20.39
N ALA C 212 -8.40 7.55 -20.03
CA ALA C 212 -9.50 8.27 -19.39
C ALA C 212 -10.11 7.40 -18.31
N SER C 213 -10.40 8.02 -17.17
CA SER C 213 -10.99 7.35 -16.02
C SER C 213 -11.47 8.43 -15.06
N PRO C 214 -12.42 8.10 -14.17
CA PRO C 214 -12.97 9.08 -13.22
C PRO C 214 -11.92 9.87 -12.46
N GLY C 215 -11.95 11.19 -12.61
CA GLY C 215 -11.02 12.06 -11.90
C GLY C 215 -9.72 12.34 -12.61
N PHE C 216 -9.45 11.63 -13.70
CA PHE C 216 -8.18 11.79 -14.42
C PHE C 216 -8.24 12.96 -15.40
N PHE C 217 -7.26 13.85 -15.31
CA PHE C 217 -7.15 15.04 -16.17
C PHE C 217 -7.09 14.73 -17.67
N PRO C 218 -7.79 15.54 -18.50
CA PRO C 218 -8.65 16.67 -18.16
C PRO C 218 -10.13 16.28 -18.00
N GLY C 219 -10.46 15.00 -18.22
CA GLY C 219 -11.79 14.49 -17.96
C GLY C 219 -12.57 14.12 -19.21
N THR C 220 -12.20 14.74 -20.33
CA THR C 220 -12.88 14.54 -21.61
C THR C 220 -12.26 13.43 -22.42
N GLY C 221 -12.80 13.20 -23.63
CA GLY C 221 -12.27 12.21 -24.55
C GLY C 221 -12.81 10.82 -24.25
N THR C 222 -14.00 10.76 -23.65
CA THR C 222 -14.57 9.49 -23.23
C THR C 222 -16.10 9.56 -23.33
N TRP C 223 -16.78 8.58 -22.77
CA TRP C 223 -18.25 8.58 -22.79
C TRP C 223 -18.82 9.81 -22.09
N ASN C 224 -19.90 10.36 -22.65
CA ASN C 224 -20.59 11.50 -22.05
C ASN C 224 -21.99 11.12 -21.60
N ILE C 233 -22.77 7.60 -25.26
CA ILE C 233 -22.27 7.87 -26.60
C ILE C 233 -21.07 8.83 -26.56
N PHE C 234 -20.35 8.92 -27.68
CA PHE C 234 -19.29 9.91 -27.84
C PHE C 234 -19.73 11.16 -28.56
N LEU C 235 -19.47 12.33 -27.98
CA LEU C 235 -19.54 13.57 -28.76
C LEU C 235 -18.37 13.61 -29.75
N ASN C 236 -18.59 14.18 -30.95
CA ASN C 236 -17.55 14.07 -31.98
C ASN C 236 -17.52 15.26 -32.94
N GLY C 237 -17.96 16.41 -32.46
CA GLY C 237 -17.97 17.61 -33.28
C GLY C 237 -19.39 18.11 -33.47
N ALA C 238 -19.55 19.33 -33.99
CA ALA C 238 -20.87 19.90 -34.11
C ALA C 238 -20.99 20.72 -35.38
N GLY C 239 -22.22 20.95 -35.85
CA GLY C 239 -22.43 21.67 -37.08
C GLY C 239 -21.73 20.98 -38.23
N ARG C 240 -20.96 21.74 -39.02
CA ARG C 240 -20.21 21.16 -40.12
C ARG C 240 -19.09 20.23 -39.62
N GLY C 241 -18.73 20.37 -38.33
CA GLY C 241 -17.63 19.60 -37.77
C GLY C 241 -18.07 18.24 -37.23
N ARG C 242 -19.36 17.93 -37.39
CA ARG C 242 -19.87 16.68 -36.86
C ARG C 242 -19.05 15.50 -37.38
N PHE C 243 -18.77 14.54 -36.48
CA PHE C 243 -18.06 13.30 -36.82
C PHE C 243 -16.57 13.51 -37.09
N SER C 244 -16.09 14.72 -36.86
CA SER C 244 -14.70 15.08 -37.23
C SER C 244 -13.72 15.01 -36.06
N ALA C 245 -14.23 14.73 -34.86
CA ALA C 245 -13.41 14.63 -33.66
C ALA C 245 -13.43 13.18 -33.10
N PHE C 246 -12.30 12.48 -33.23
CA PHE C 246 -12.20 11.06 -32.88
C PHE C 246 -11.48 10.85 -31.55
N ASN C 247 -11.96 9.89 -30.78
CA ASN C 247 -11.35 9.62 -29.49
C ASN C 247 -11.26 8.13 -29.19
N LEU C 248 -10.14 7.71 -28.65
CA LEU C 248 -9.98 6.32 -28.21
C LEU C 248 -9.41 6.29 -26.81
N PRO C 249 -10.28 6.27 -25.81
CA PRO C 249 -9.80 6.22 -24.42
C PRO C 249 -9.44 4.77 -24.05
N LEU C 250 -8.29 4.58 -23.40
CA LEU C 250 -7.85 3.24 -23.05
C LEU C 250 -7.62 3.07 -21.56
N GLU C 251 -7.83 1.86 -21.08
CA GLU C 251 -7.64 1.56 -19.67
C GLU C 251 -6.14 1.54 -19.32
N GLU C 252 -5.85 1.71 -18.03
CA GLU C 252 -4.49 1.62 -17.51
C GLU C 252 -3.80 0.30 -17.84
N GLY C 253 -2.49 0.34 -18.07
CA GLY C 253 -1.69 -0.87 -18.06
C GLY C 253 -1.26 -1.38 -19.42
N ILE C 254 -1.70 -0.71 -20.47
CA ILE C 254 -1.49 -1.19 -21.83
C ILE C 254 -0.02 -1.18 -22.28
N ASN C 255 0.39 -2.24 -23.00
CA ASN C 255 1.76 -2.38 -23.48
C ASN C 255 1.91 -1.89 -24.94
N ASP C 256 3.13 -1.99 -25.47
CA ASP C 256 3.46 -1.50 -26.81
C ASP C 256 2.58 -2.14 -27.89
N LEU C 257 2.53 -3.48 -27.87
CA LEU C 257 1.82 -4.29 -28.85
C LEU C 257 0.31 -4.04 -28.88
N ASP C 258 -0.32 -4.03 -27.71
CA ASP C 258 -1.74 -3.77 -27.65
C ASP C 258 -2.07 -2.32 -28.05
N TRP C 259 -1.26 -1.36 -27.62
CA TRP C 259 -1.46 0.04 -27.99
C TRP C 259 -1.31 0.19 -29.51
N SER C 260 -0.28 -0.46 -30.04
CA SER C 260 0.00 -0.53 -31.47
C SER C 260 -1.16 -1.15 -32.23
N ASN C 261 -1.64 -2.30 -31.76
CA ASN C 261 -2.81 -2.96 -32.34
C ASN C 261 -4.08 -2.09 -32.23
N ALA C 262 -4.13 -1.24 -31.21
CA ALA C 262 -5.32 -0.42 -30.99
C ALA C 262 -5.40 0.76 -31.97
N ILE C 263 -4.31 1.44 -32.25
CA ILE C 263 -4.42 2.64 -33.09
C ILE C 263 -3.91 2.48 -34.53
N GLY C 264 -3.10 1.47 -34.79
CA GLY C 264 -2.61 1.20 -36.15
C GLY C 264 -3.69 1.21 -37.23
N PRO C 265 -4.69 0.32 -37.11
CA PRO C 265 -5.71 0.25 -38.16
C PRO C 265 -6.59 1.51 -38.19
N ILE C 266 -6.80 2.14 -37.04
CA ILE C 266 -7.55 3.38 -37.03
C ILE C 266 -6.80 4.50 -37.78
N LEU C 267 -5.48 4.55 -37.60
CA LEU C 267 -4.65 5.55 -38.29
C LEU C 267 -4.64 5.37 -39.80
N ASP C 268 -4.43 4.14 -40.25
CA ASP C 268 -4.46 3.80 -41.66
C ASP C 268 -5.83 4.11 -42.29
N SER C 269 -6.90 3.77 -41.58
CA SER C 269 -8.27 4.13 -42.01
C SER C 269 -8.48 5.64 -42.10
N LEU C 270 -8.06 6.38 -41.08
CA LEU C 270 -8.15 7.84 -41.11
C LEU C 270 -7.44 8.37 -42.36
N ASN C 271 -6.27 7.82 -42.69
CA ASN C 271 -5.51 8.31 -43.85
C ASN C 271 -6.19 7.98 -45.15
N ILE C 272 -6.71 6.76 -45.25
CA ILE C 272 -7.42 6.33 -46.46
C ILE C 272 -8.62 7.23 -46.79
N VAL C 273 -9.43 7.51 -45.78
CA VAL C 273 -10.72 8.16 -45.99
C VAL C 273 -10.61 9.67 -46.08
N ILE C 274 -9.86 10.25 -45.15
CA ILE C 274 -9.75 11.69 -45.01
C ILE C 274 -8.75 12.30 -46.01
N GLN C 275 -7.75 11.51 -46.41
CA GLN C 275 -6.76 11.99 -47.37
C GLN C 275 -6.08 13.32 -46.97
N PRO C 276 -5.51 13.38 -45.75
CA PRO C 276 -4.93 14.64 -45.25
C PRO C 276 -3.85 15.24 -46.18
N SER C 277 -3.78 16.57 -46.23
CA SER C 277 -2.69 17.28 -46.90
C SER C 277 -1.50 17.43 -45.96
N TYR C 278 -1.78 17.36 -44.67
CA TYR C 278 -0.75 17.46 -43.65
C TYR C 278 -1.17 16.59 -42.50
N VAL C 279 -0.19 16.02 -41.81
CA VAL C 279 -0.43 15.34 -40.55
C VAL C 279 0.35 16.08 -39.46
N VAL C 280 -0.32 16.35 -38.34
CA VAL C 280 0.33 16.93 -37.19
C VAL C 280 0.22 15.89 -36.11
N VAL C 281 1.36 15.51 -35.54
CA VAL C 281 1.40 14.45 -34.55
C VAL C 281 1.96 14.98 -33.25
N GLN C 282 1.16 14.91 -32.18
CA GLN C 282 1.66 15.26 -30.87
C GLN C 282 2.16 13.96 -30.27
N CYS C 283 3.43 13.93 -29.86
CA CYS C 283 4.08 12.70 -29.43
C CYS C 283 4.51 12.79 -27.96
N GLY C 284 3.64 13.32 -27.10
CA GLY C 284 3.83 13.32 -25.66
C GLY C 284 4.33 11.99 -25.11
N ALA C 285 5.40 12.03 -24.31
CA ALA C 285 6.10 10.82 -23.91
C ALA C 285 5.64 10.29 -22.56
N ASP C 286 4.49 10.74 -22.07
CA ASP C 286 4.10 10.26 -20.75
C ASP C 286 3.30 8.95 -20.80
N CYS C 287 3.27 8.28 -21.95
CA CYS C 287 2.77 6.90 -22.01
C CYS C 287 3.87 5.88 -21.66
N LEU C 288 5.09 6.37 -21.47
CA LEU C 288 6.22 5.48 -21.15
C LEU C 288 6.03 4.81 -19.80
N ALA C 289 6.40 3.54 -19.74
CA ALA C 289 6.29 2.75 -18.52
C ALA C 289 7.00 3.39 -17.36
N THR C 290 8.05 4.16 -17.67
CA THR C 290 8.88 4.77 -16.65
C THR C 290 8.49 6.21 -16.34
N ASP C 291 7.41 6.68 -16.94
CA ASP C 291 6.91 8.00 -16.56
C ASP C 291 6.37 7.92 -15.13
N PRO C 292 6.60 8.98 -14.33
CA PRO C 292 6.03 8.97 -12.98
C PRO C 292 4.49 8.83 -12.95
N HIS C 293 3.79 9.11 -14.03
CA HIS C 293 2.33 8.79 -14.09
C HIS C 293 2.08 7.29 -13.89
N ARG C 294 2.96 6.47 -14.45
CA ARG C 294 2.89 5.00 -14.31
C ARG C 294 1.56 4.42 -14.76
N ILE C 295 0.95 4.98 -15.81
CA ILE C 295 -0.34 4.49 -16.27
C ILE C 295 -0.26 3.54 -17.48
N PHE C 296 0.36 3.97 -18.58
CA PHE C 296 0.60 3.04 -19.69
C PHE C 296 1.99 2.38 -19.52
N ARG C 297 2.31 1.44 -20.40
CA ARG C 297 3.57 0.74 -20.31
C ARG C 297 4.25 0.68 -21.66
N LEU C 298 4.36 1.83 -22.31
CA LEU C 298 5.02 1.87 -23.60
C LEU C 298 6.53 1.92 -23.36
N THR C 299 7.30 1.61 -24.38
CA THR C 299 8.75 1.70 -24.29
C THR C 299 9.26 2.54 -25.44
N ASN C 300 10.58 2.68 -25.50
CA ASN C 300 11.25 3.14 -26.71
C ASN C 300 12.08 2.02 -27.38
N PHE C 301 11.69 0.75 -27.21
CA PHE C 301 12.51 -0.34 -27.72
C PHE C 301 12.45 -0.43 -29.24
N TYR C 302 13.57 -0.79 -29.85
CA TYR C 302 13.68 -0.87 -31.31
C TYR C 302 14.68 -1.97 -31.71
N PRO C 303 14.18 -3.08 -32.22
CA PRO C 303 15.03 -4.20 -32.68
C PRO C 303 15.79 -3.90 -33.98
N LEU C 317 8.70 -3.92 -29.85
CA LEU C 317 8.77 -2.65 -30.57
C LEU C 317 7.94 -1.57 -29.89
N SER C 318 8.56 -0.40 -29.69
CA SER C 318 7.86 0.75 -29.13
C SER C 318 6.57 1.10 -29.87
N GLY C 319 5.47 1.25 -29.14
CA GLY C 319 4.22 1.77 -29.71
C GLY C 319 4.41 3.05 -30.48
N TYR C 320 5.08 4.01 -29.84
CA TYR C 320 5.42 5.28 -30.48
C TYR C 320 6.11 5.11 -31.83
N LEU C 321 7.17 4.30 -31.85
CA LEU C 321 7.94 4.13 -33.06
C LEU C 321 7.08 3.51 -34.14
N TYR C 322 6.30 2.51 -33.75
CA TYR C 322 5.34 1.87 -34.66
C TYR C 322 4.36 2.88 -35.27
N ALA C 323 3.83 3.77 -34.43
CA ALA C 323 2.86 4.76 -34.91
C ALA C 323 3.51 5.77 -35.82
N ILE C 324 4.70 6.24 -35.43
CA ILE C 324 5.38 7.24 -36.23
C ILE C 324 5.81 6.64 -37.56
N LYS C 325 6.33 5.42 -37.52
CA LYS C 325 6.71 4.73 -38.75
C LYS C 325 5.50 4.61 -39.68
N LYS C 326 4.37 4.19 -39.14
CA LYS C 326 3.13 4.09 -39.94
C LYS C 326 2.74 5.44 -40.57
N ILE C 327 2.72 6.50 -39.77
CA ILE C 327 2.30 7.82 -40.27
C ILE C 327 3.25 8.33 -41.36
N LEU C 328 4.54 8.12 -41.16
CA LEU C 328 5.54 8.47 -42.18
C LEU C 328 5.43 7.66 -43.47
N SER C 329 4.92 6.43 -43.38
CA SER C 329 4.79 5.60 -44.56
C SER C 329 3.77 6.18 -45.56
N TRP C 330 2.88 7.05 -45.10
CA TRP C 330 1.87 7.68 -45.96
C TRP C 330 2.46 8.71 -46.92
N LYS C 331 3.70 9.13 -46.65
CA LYS C 331 4.38 10.18 -47.42
C LYS C 331 3.58 11.48 -47.51
N VAL C 332 2.97 11.86 -46.39
CA VAL C 332 2.23 13.11 -46.27
C VAL C 332 3.07 14.07 -45.43
N PRO C 333 3.22 15.34 -45.86
CA PRO C 333 3.98 16.32 -45.06
C PRO C 333 3.50 16.35 -43.61
N THR C 334 4.44 16.28 -42.68
CA THR C 334 4.13 15.92 -41.32
C THR C 334 4.86 16.78 -40.30
N LEU C 335 4.12 17.18 -39.28
CA LEU C 335 4.68 17.95 -38.19
C LEU C 335 4.70 17.06 -36.97
N ILE C 336 5.88 16.91 -36.35
CA ILE C 336 6.00 16.09 -35.15
C ILE C 336 6.34 16.95 -33.93
N LEU C 337 5.49 16.91 -32.91
CA LEU C 337 5.63 17.78 -31.74
C LEU C 337 5.86 16.97 -30.48
N GLY C 338 6.40 17.63 -29.45
CA GLY C 338 6.55 17.03 -28.13
C GLY C 338 5.27 17.06 -27.31
N GLY C 339 5.38 17.41 -26.04
CA GLY C 339 4.23 17.39 -25.14
C GLY C 339 4.62 16.95 -23.75
N GLY C 340 3.76 16.16 -23.13
CA GLY C 340 4.02 15.61 -21.80
C GLY C 340 5.20 14.68 -21.80
N GLY C 341 5.65 14.30 -20.60
CA GLY C 341 6.84 13.46 -20.41
C GLY C 341 7.63 14.01 -19.25
N TYR C 342 7.56 13.34 -18.11
CA TYR C 342 8.04 13.92 -16.87
C TYR C 342 9.21 13.14 -16.27
N ASN C 343 9.62 12.10 -16.98
CA ASN C 343 10.91 11.43 -16.75
C ASN C 343 11.80 11.97 -17.85
N PHE C 344 12.62 12.97 -17.54
CA PHE C 344 13.28 13.74 -18.60
C PHE C 344 14.28 12.90 -19.40
N PRO C 345 15.13 12.09 -18.74
CA PRO C 345 16.04 11.27 -19.54
C PRO C 345 15.32 10.28 -20.45
N ASP C 346 14.19 9.72 -19.99
CA ASP C 346 13.52 8.70 -20.77
C ASP C 346 12.75 9.34 -21.90
N THR C 347 12.29 10.59 -21.68
CA THR C 347 11.68 11.36 -22.78
C THR C 347 12.74 11.65 -23.86
N ALA C 348 13.93 12.09 -23.45
CA ALA C 348 15.03 12.26 -24.40
C ALA C 348 15.35 10.95 -25.11
N ARG C 349 15.34 9.85 -24.38
CA ARG C 349 15.61 8.52 -24.98
C ARG C 349 14.58 8.16 -26.07
N LEU C 350 13.32 8.46 -25.82
CA LEU C 350 12.29 8.15 -26.81
C LEU C 350 12.34 9.10 -28.02
N TRP C 351 12.43 10.39 -27.76
CA TRP C 351 12.38 11.37 -28.85
C TRP C 351 13.63 11.30 -29.70
N THR C 352 14.75 10.89 -29.09
CA THR C 352 15.97 10.69 -29.89
C THR C 352 15.74 9.58 -30.91
N ARG C 353 15.13 8.48 -30.45
CA ARG C 353 14.78 7.35 -31.33
C ARG C 353 13.76 7.74 -32.38
N VAL C 354 12.74 8.48 -31.98
CA VAL C 354 11.76 9.02 -32.92
C VAL C 354 12.48 9.85 -34.00
N THR C 355 13.46 10.63 -33.57
CA THR C 355 14.18 11.50 -34.48
C THR C 355 14.99 10.70 -35.51
N ALA C 356 15.70 9.68 -35.05
CA ALA C 356 16.48 8.82 -35.94
C ALA C 356 15.56 8.11 -36.92
N LEU C 357 14.42 7.67 -36.41
CA LEU C 357 13.44 6.94 -37.23
C LEU C 357 12.92 7.82 -38.36
N THR C 358 12.63 9.09 -38.04
CA THR C 358 12.14 10.00 -39.06
C THR C 358 13.19 10.20 -40.15
N ILE C 359 14.46 10.33 -39.75
CA ILE C 359 15.54 10.49 -40.72
C ILE C 359 15.60 9.27 -41.63
N GLU C 360 15.65 8.10 -41.00
CA GLU C 360 15.64 6.83 -41.70
C GLU C 360 14.49 6.73 -42.68
N GLU C 361 13.27 7.00 -42.20
CA GLU C 361 12.08 6.83 -43.00
C GLU C 361 11.93 7.85 -44.13
N VAL C 362 12.44 9.07 -43.93
CA VAL C 362 12.22 10.11 -44.92
C VAL C 362 13.37 10.17 -45.90
N LYS C 363 14.59 10.05 -45.41
CA LYS C 363 15.77 10.12 -46.28
C LYS C 363 16.15 8.76 -46.91
N GLY C 364 15.69 7.66 -46.31
CA GLY C 364 16.13 6.33 -46.73
C GLY C 364 17.51 5.98 -46.19
N LYS C 365 17.96 6.76 -45.22
CA LYS C 365 19.33 6.67 -44.72
C LYS C 365 19.35 5.94 -43.37
N LYS C 366 20.02 4.79 -43.33
CA LYS C 366 20.09 3.99 -42.11
C LYS C 366 20.69 4.78 -40.95
N MET C 367 19.98 4.83 -39.82
CA MET C 367 20.51 5.53 -38.65
C MET C 367 20.83 4.60 -37.48
N THR C 368 22.00 3.97 -37.53
CA THR C 368 22.45 3.08 -36.47
C THR C 368 22.74 3.85 -35.19
N ILE C 369 21.99 3.52 -34.14
CA ILE C 369 22.16 4.19 -32.87
C ILE C 369 22.75 3.27 -31.79
N SER C 370 23.87 3.66 -31.22
CA SER C 370 24.54 2.87 -30.18
C SER C 370 23.67 2.66 -28.95
N PRO C 371 23.64 1.43 -28.41
CA PRO C 371 22.92 1.13 -27.16
C PRO C 371 23.50 1.85 -25.95
N GLU C 372 24.75 2.29 -26.01
CA GLU C 372 25.34 3.10 -24.96
C GLU C 372 25.14 4.58 -25.22
N ILE C 373 24.70 5.30 -24.20
CA ILE C 373 24.59 6.76 -24.28
C ILE C 373 25.96 7.37 -24.56
N PRO C 374 26.05 8.21 -25.61
CA PRO C 374 27.32 8.85 -25.97
C PRO C 374 27.74 9.89 -24.94
N GLU C 375 29.05 10.09 -24.83
CA GLU C 375 29.60 11.16 -24.02
C GLU C 375 28.99 12.52 -24.39
N HIS C 376 28.47 13.23 -23.40
CA HIS C 376 28.05 14.62 -23.59
C HIS C 376 27.76 15.20 -22.23
N SER C 377 27.52 16.49 -22.17
CA SER C 377 27.51 17.17 -20.88
C SER C 377 26.34 16.72 -19.98
N TYR C 378 25.33 16.09 -20.58
CA TYR C 378 24.23 15.52 -19.80
C TYR C 378 24.34 13.99 -19.64
N PHE C 379 25.53 13.42 -19.86
CA PHE C 379 25.73 11.97 -19.73
C PHE C 379 25.31 11.41 -18.38
N SER C 380 25.62 12.16 -17.32
CA SER C 380 25.35 11.70 -15.95
C SER C 380 23.86 11.57 -15.65
N ARG C 381 23.01 12.16 -16.49
CA ARG C 381 21.58 12.09 -16.23
C ARG C 381 20.96 10.77 -16.70
N TYR C 382 21.77 9.92 -17.34
CA TYR C 382 21.26 8.65 -17.87
C TYR C 382 21.71 7.46 -17.06
N GLY C 383 22.16 7.71 -15.83
CA GLY C 383 22.54 6.65 -14.94
C GLY C 383 21.33 5.89 -14.45
N PRO C 384 21.53 4.72 -13.85
CA PRO C 384 22.85 4.10 -13.59
C PRO C 384 23.31 3.17 -14.71
N ASP C 385 22.47 2.96 -15.72
CA ASP C 385 22.77 2.04 -16.82
C ASP C 385 23.52 2.72 -17.95
N PHE C 386 23.20 3.98 -18.20
CA PHE C 386 23.76 4.75 -19.32
C PHE C 386 23.49 4.10 -20.68
N GLU C 387 22.34 3.46 -20.83
CA GLU C 387 21.93 2.93 -22.13
C GLU C 387 20.68 3.62 -22.69
N LEU C 388 20.43 3.44 -23.99
CA LEU C 388 19.37 4.16 -24.69
C LEU C 388 17.98 3.58 -24.47
N ASP C 389 17.86 2.25 -24.40
CA ASP C 389 16.60 1.61 -23.99
C ASP C 389 16.21 2.04 -22.59
N ILE C 390 14.93 2.37 -22.37
CA ILE C 390 14.51 2.71 -21.00
C ILE C 390 14.64 1.51 -20.04
N ASP C 391 14.80 1.80 -18.75
CA ASP C 391 15.04 0.76 -17.76
C ASP C 391 13.71 0.10 -17.37
N TYR C 392 13.23 -0.79 -18.21
CA TYR C 392 11.94 -1.40 -17.97
C TYR C 392 11.88 -2.81 -18.53
N PHE C 393 11.23 -3.70 -17.79
CA PHE C 393 11.07 -5.09 -18.19
C PHE C 393 9.60 -5.43 -18.44
N PRO C 394 9.21 -5.43 -19.72
CA PRO C 394 7.81 -5.69 -20.09
C PRO C 394 7.39 -7.08 -19.67
N HIS C 395 6.16 -7.18 -19.20
CA HIS C 395 5.60 -8.42 -18.70
C HIS C 395 4.09 -8.41 -18.96
N LEU C 402 -10.59 -10.40 -23.97
CA LEU C 402 -11.30 -9.84 -22.82
C LEU C 402 -11.04 -8.33 -22.63
N ASP C 403 -9.77 -7.93 -22.58
CA ASP C 403 -9.41 -6.53 -22.41
C ASP C 403 -9.40 -5.79 -23.75
N SER C 404 -10.09 -6.34 -24.74
CA SER C 404 -9.99 -5.81 -26.09
C SER C 404 -10.95 -4.63 -26.32
N ILE C 405 -10.80 -3.99 -27.46
CA ILE C 405 -11.50 -2.73 -27.75
C ILE C 405 -12.11 -2.76 -29.14
N GLN C 406 -12.50 -3.96 -29.58
CA GLN C 406 -12.99 -4.15 -30.94
C GLN C 406 -14.28 -3.38 -31.16
N LYS C 407 -15.08 -3.21 -30.12
CA LYS C 407 -16.27 -2.37 -30.26
C LYS C 407 -15.92 -0.89 -30.49
N HIS C 408 -14.74 -0.47 -30.04
CA HIS C 408 -14.32 0.91 -30.27
C HIS C 408 -13.94 1.11 -31.74
N HIS C 409 -13.24 0.13 -32.30
CA HIS C 409 -12.95 0.13 -33.75
C HIS C 409 -14.23 0.24 -34.58
N ARG C 410 -15.22 -0.57 -34.25
CA ARG C 410 -16.48 -0.56 -34.96
C ARG C 410 -17.12 0.83 -34.85
N ARG C 411 -17.20 1.35 -33.63
CA ARG C 411 -17.72 2.69 -33.38
C ARG C 411 -16.98 3.76 -34.18
N ILE C 412 -15.65 3.69 -34.16
CA ILE C 412 -14.81 4.67 -34.80
C ILE C 412 -14.92 4.64 -36.33
N LEU C 413 -14.92 3.44 -36.90
CA LEU C 413 -15.12 3.28 -38.34
C LEU C 413 -16.53 3.74 -38.75
N GLU C 414 -17.50 3.58 -37.87
CA GLU C 414 -18.85 4.04 -38.21
C GLU C 414 -18.84 5.55 -38.27
N GLN C 415 -18.19 6.19 -37.29
CA GLN C 415 -18.05 7.63 -37.27
C GLN C 415 -17.30 8.14 -38.50
N LEU C 416 -16.30 7.38 -38.94
CA LEU C 416 -15.52 7.80 -40.10
C LEU C 416 -16.39 7.75 -41.38
N ARG C 417 -17.26 6.76 -41.45
CA ARG C 417 -18.23 6.67 -42.53
C ARG C 417 -19.19 7.87 -42.49
N ASN C 418 -19.67 8.20 -41.29
CA ASN C 418 -20.55 9.34 -41.12
C ASN C 418 -19.89 10.64 -41.53
N TYR C 419 -18.62 10.80 -41.15
CA TYR C 419 -17.82 11.94 -41.56
C TYR C 419 -17.72 12.01 -43.08
N ALA C 420 -17.39 10.88 -43.70
CA ALA C 420 -17.17 10.85 -45.14
C ALA C 420 -18.44 11.26 -45.88
N ASP C 421 -19.59 10.77 -45.43
CA ASP C 421 -20.86 11.11 -46.07
C ASP C 421 -21.23 12.57 -45.87
N LEU C 422 -21.09 13.07 -44.65
CA LEU C 422 -21.40 14.46 -44.37
C LEU C 422 -20.62 15.40 -45.29
N ASN C 423 -19.37 15.04 -45.56
CA ASN C 423 -18.49 15.93 -46.31
C ASN C 423 -18.39 15.57 -47.78
N LYS C 424 -19.17 14.58 -48.19
CA LYS C 424 -19.20 14.12 -49.58
C LYS C 424 -17.84 13.61 -50.03
N LEU C 425 -17.27 12.68 -49.27
CA LEU C 425 -15.99 12.07 -49.62
C LEU C 425 -16.16 10.60 -49.96
N ILE C 426 -15.23 10.07 -50.77
CA ILE C 426 -15.24 8.64 -51.06
C ILE C 426 -14.93 7.84 -49.80
N TYR C 427 -15.85 6.95 -49.42
CA TYR C 427 -15.58 5.96 -48.40
C TYR C 427 -15.18 4.66 -49.06
N ASP C 428 -13.87 4.42 -49.19
CA ASP C 428 -13.38 3.21 -49.83
C ASP C 428 -13.58 1.99 -48.92
N TYR C 429 -14.78 1.41 -48.95
CA TYR C 429 -15.08 0.25 -48.11
C TYR C 429 -14.05 -0.86 -48.26
N ASP C 430 -13.78 -1.26 -49.50
CA ASP C 430 -12.93 -2.42 -49.76
C ASP C 430 -11.51 -2.25 -49.21
N GLN C 431 -10.94 -1.06 -49.38
CA GLN C 431 -9.59 -0.81 -48.91
C GLN C 431 -9.54 -0.84 -47.39
N VAL C 432 -10.57 -0.25 -46.77
CA VAL C 432 -10.66 -0.28 -45.32
C VAL C 432 -10.90 -1.72 -44.87
N TYR C 433 -11.83 -2.42 -45.54
CA TYR C 433 -12.05 -3.84 -45.24
C TYR C 433 -10.76 -4.64 -45.32
N GLN C 434 -10.03 -4.50 -46.42
CA GLN C 434 -8.83 -5.30 -46.64
C GLN C 434 -7.79 -4.98 -45.59
N LEU C 435 -7.79 -3.73 -45.16
CA LEU C 435 -6.92 -3.28 -44.09
C LEU C 435 -7.16 -4.04 -42.79
N TYR C 436 -8.41 -4.03 -42.34
CA TYR C 436 -8.79 -4.75 -41.13
C TYR C 436 -8.72 -6.26 -41.31
N ASN C 437 -8.81 -6.73 -42.54
CA ASN C 437 -8.81 -8.17 -42.76
C ASN C 437 -7.41 -8.76 -42.61
N LEU C 438 -6.39 -7.91 -42.58
CA LEU C 438 -5.03 -8.38 -42.33
C LEU C 438 -4.97 -9.04 -40.96
N THR C 439 -5.74 -8.49 -40.02
CA THR C 439 -5.82 -9.05 -38.67
C THR C 439 -7.07 -9.90 -38.47
N GLY C 440 -7.79 -10.16 -39.57
CA GLY C 440 -8.99 -10.98 -39.54
C GLY C 440 -10.19 -10.28 -38.94
N MET C 441 -10.19 -8.95 -38.97
CA MET C 441 -11.26 -8.17 -38.35
C MET C 441 -12.04 -7.30 -39.35
N GLY C 442 -12.00 -7.70 -40.61
CA GLY C 442 -12.70 -7.00 -41.68
C GLY C 442 -14.18 -6.81 -41.39
N SER C 443 -14.76 -7.73 -40.62
CA SER C 443 -16.19 -7.67 -40.27
C SER C 443 -16.55 -6.46 -39.42
N LEU C 444 -15.54 -5.79 -38.88
CA LEU C 444 -15.78 -4.62 -38.05
C LEU C 444 -16.11 -3.41 -38.91
N VAL C 445 -15.78 -3.49 -40.20
CA VAL C 445 -15.92 -2.35 -41.10
C VAL C 445 -17.36 -2.20 -41.66
N PRO C 446 -17.99 -1.04 -41.45
CA PRO C 446 -19.33 -0.80 -42.02
C PRO C 446 -19.26 -0.44 -43.50
N ARG C 447 -20.32 -0.69 -44.25
CA ARG C 447 -20.31 -0.33 -45.68
C ARG C 447 -20.52 1.17 -45.89
N SER D 3 -9.65 37.29 -0.45
CA SER D 3 -10.24 36.70 -1.65
C SER D 3 -11.33 35.70 -1.27
N VAL D 4 -12.39 35.67 -2.07
CA VAL D 4 -13.43 34.68 -1.90
C VAL D 4 -13.45 33.78 -3.13
N GLY D 5 -13.29 32.48 -2.90
CA GLY D 5 -13.25 31.54 -4.00
C GLY D 5 -14.62 30.90 -4.17
N ILE D 6 -14.88 30.38 -5.36
CA ILE D 6 -16.06 29.59 -5.60
C ILE D 6 -15.71 28.52 -6.61
N VAL D 7 -16.19 27.31 -6.37
CA VAL D 7 -15.82 26.18 -7.20
C VAL D 7 -16.72 26.12 -8.41
N TYR D 8 -16.14 26.21 -9.61
CA TYR D 8 -16.93 25.90 -10.80
C TYR D 8 -16.08 25.53 -12.01
N GLY D 9 -16.77 25.09 -13.06
CA GLY D 9 -16.14 24.60 -14.27
C GLY D 9 -17.20 23.98 -15.16
N ASP D 10 -16.96 23.95 -16.47
CA ASP D 10 -17.96 23.51 -17.44
C ASP D 10 -18.32 22.05 -17.25
N GLN D 11 -17.30 21.22 -17.08
CA GLN D 11 -17.52 19.81 -16.82
C GLN D 11 -18.15 19.64 -15.44
N TYR D 12 -17.70 20.46 -14.50
CA TYR D 12 -18.14 20.35 -13.11
C TYR D 12 -19.63 20.58 -13.05
N ARG D 13 -20.05 21.60 -13.79
CA ARG D 13 -21.46 21.95 -13.91
C ARG D 13 -22.28 20.80 -14.50
N GLN D 14 -21.74 20.19 -15.56
CA GLN D 14 -22.39 19.08 -16.24
C GLN D 14 -22.57 17.89 -15.30
N LEU D 15 -21.53 17.58 -14.54
CA LEU D 15 -21.60 16.47 -13.57
C LEU D 15 -22.57 16.74 -12.41
N CYS D 16 -22.47 17.91 -11.79
CA CYS D 16 -23.38 18.29 -10.73
C CYS D 16 -24.84 18.35 -11.18
N CYS D 17 -25.07 18.42 -12.50
CA CYS D 17 -26.45 18.40 -13.02
C CYS D 17 -26.84 17.06 -13.65
N SER D 18 -26.13 15.99 -13.32
CA SER D 18 -26.37 14.69 -13.95
CA SER D 18 -26.38 14.69 -13.95
C SER D 18 -27.24 13.74 -13.11
N SER D 19 -27.62 14.15 -11.91
CA SER D 19 -28.40 13.25 -11.05
C SER D 19 -29.91 13.45 -11.22
N PRO D 20 -30.69 12.38 -11.04
CA PRO D 20 -32.15 12.50 -11.18
C PRO D 20 -32.79 13.22 -9.99
N LYS D 21 -32.08 13.25 -8.86
CA LYS D 21 -32.62 13.84 -7.64
C LYS D 21 -32.49 15.37 -7.57
N PHE D 22 -31.35 15.89 -8.00
CA PHE D 22 -31.11 17.33 -7.88
C PHE D 22 -31.12 18.04 -9.23
N GLY D 23 -31.31 17.28 -10.30
CA GLY D 23 -31.44 17.82 -11.64
C GLY D 23 -30.49 18.97 -11.95
N ASP D 24 -31.04 20.11 -12.39
CA ASP D 24 -30.23 21.24 -12.82
C ASP D 24 -30.09 22.33 -11.75
N ARG D 25 -30.32 21.96 -10.50
CA ARG D 25 -30.26 22.93 -9.40
C ARG D 25 -28.95 23.72 -9.39
N TYR D 26 -27.85 23.01 -9.56
CA TYR D 26 -26.53 23.65 -9.52
C TYR D 26 -26.36 24.71 -10.62
N ALA D 27 -26.90 24.42 -11.80
CA ALA D 27 -26.92 25.38 -12.89
C ALA D 27 -27.78 26.59 -12.55
N LEU D 28 -28.88 26.38 -11.83
CA LEU D 28 -29.74 27.49 -11.45
C LEU D 28 -29.01 28.38 -10.46
N VAL D 29 -28.32 27.74 -9.52
CA VAL D 29 -27.59 28.48 -8.52
C VAL D 29 -26.50 29.33 -9.18
N MET D 30 -25.68 28.71 -10.01
CA MET D 30 -24.51 29.42 -10.53
C MET D 30 -24.91 30.49 -11.52
N ASP D 31 -26.02 30.27 -12.22
CA ASP D 31 -26.52 31.24 -13.19
C ASP D 31 -27.16 32.46 -12.51
N LEU D 32 -27.88 32.24 -11.41
CA LEU D 32 -28.41 33.36 -10.64
C LEU D 32 -27.26 34.22 -10.12
N ILE D 33 -26.26 33.57 -9.54
CA ILE D 33 -25.07 34.25 -9.04
C ILE D 33 -24.42 35.06 -10.16
N ASN D 34 -24.40 34.47 -11.34
CA ASN D 34 -23.85 35.11 -12.52
C ASN D 34 -24.75 36.28 -12.96
N ALA D 35 -26.06 36.03 -13.04
CA ALA D 35 -27.03 37.08 -13.36
C ALA D 35 -26.86 38.32 -12.49
N TYR D 36 -26.55 38.13 -11.22
CA TYR D 36 -26.36 39.25 -10.30
C TYR D 36 -24.93 39.81 -10.27
N LYS D 37 -24.14 39.50 -11.30
CA LYS D 37 -22.79 40.04 -11.47
C LYS D 37 -21.85 39.85 -10.26
N LEU D 38 -21.99 38.72 -9.57
CA LEU D 38 -21.11 38.41 -8.44
C LEU D 38 -19.81 37.72 -8.88
N ILE D 39 -19.85 37.07 -10.04
CA ILE D 39 -18.74 36.21 -10.48
C ILE D 39 -17.42 36.98 -10.69
N PRO D 40 -17.46 38.22 -11.22
CA PRO D 40 -16.19 38.95 -11.29
C PRO D 40 -15.57 39.27 -9.92
N GLU D 41 -16.37 39.23 -8.86
CA GLU D 41 -15.88 39.46 -7.51
C GLU D 41 -15.23 38.20 -6.88
N LEU D 42 -15.42 37.04 -7.50
CA LEU D 42 -14.94 35.80 -6.90
C LEU D 42 -13.80 35.19 -7.69
N SER D 43 -12.92 34.49 -6.99
CA SER D 43 -11.83 33.74 -7.60
C SER D 43 -12.30 32.33 -7.97
N ARG D 44 -12.20 31.97 -9.26
CA ARG D 44 -12.56 30.61 -9.65
C ARG D 44 -11.61 29.60 -9.01
N VAL D 45 -12.20 28.63 -8.29
CA VAL D 45 -11.42 27.50 -7.77
C VAL D 45 -11.77 26.25 -8.58
N PRO D 46 -10.84 25.77 -9.42
CA PRO D 46 -11.17 24.61 -10.27
C PRO D 46 -11.17 23.31 -9.46
N PRO D 47 -12.06 22.38 -9.80
CA PRO D 47 -12.09 21.07 -9.13
C PRO D 47 -10.75 20.34 -9.25
N LEU D 48 -10.39 19.61 -8.20
CA LEU D 48 -9.14 18.88 -8.19
C LEU D 48 -9.24 17.72 -9.17
N GLN D 49 -8.15 17.45 -9.86
CA GLN D 49 -8.08 16.27 -10.70
C GLN D 49 -6.81 15.53 -10.29
N TRP D 50 -6.72 14.26 -10.68
CA TRP D 50 -5.64 13.39 -10.20
C TRP D 50 -4.74 12.85 -11.32
N ASP D 51 -3.54 12.45 -10.95
CA ASP D 51 -2.52 12.02 -11.88
C ASP D 51 -2.75 10.60 -12.37
N SER D 52 -3.55 9.84 -11.64
CA SER D 52 -3.78 8.44 -11.99
C SER D 52 -4.98 7.90 -11.25
N PRO D 53 -5.53 6.76 -11.73
CA PRO D 53 -6.51 6.01 -10.94
C PRO D 53 -6.07 5.74 -9.50
N SER D 54 -4.79 5.39 -9.29
CA SER D 54 -4.30 5.05 -7.95
C SER D 54 -4.35 6.23 -6.99
N ARG D 55 -3.98 7.40 -7.47
CA ARG D 55 -4.01 8.58 -6.62
C ARG D 55 -5.45 8.99 -6.32
N MET D 56 -6.35 8.84 -7.29
CA MET D 56 -7.75 9.11 -7.02
C MET D 56 -8.26 8.17 -5.92
N TYR D 57 -8.03 6.87 -6.08
CA TYR D 57 -8.47 5.90 -5.08
C TYR D 57 -7.89 6.19 -3.71
N GLU D 58 -6.63 6.62 -3.67
CA GLU D 58 -5.97 6.94 -2.41
C GLU D 58 -6.65 8.12 -1.73
N ALA D 59 -7.04 9.10 -2.53
CA ALA D 59 -7.69 10.28 -1.99
C ALA D 59 -9.04 9.87 -1.44
N VAL D 60 -9.80 9.12 -2.22
CA VAL D 60 -11.16 8.79 -1.77
C VAL D 60 -11.14 7.77 -0.61
N THR D 61 -10.18 6.84 -0.61
CA THR D 61 -10.22 5.81 0.42
C THR D 61 -9.52 6.25 1.70
N ALA D 62 -9.26 7.55 1.79
CA ALA D 62 -8.85 8.17 3.05
C ALA D 62 -10.01 8.15 4.04
N PHE D 63 -11.23 7.98 3.52
CA PHE D 63 -12.39 7.79 4.35
C PHE D 63 -13.17 6.51 3.96
N HIS D 64 -13.53 6.41 2.68
CA HIS D 64 -14.36 5.31 2.19
C HIS D 64 -13.55 4.01 2.03
N SER D 65 -14.18 2.86 2.27
CA SER D 65 -13.50 1.59 2.02
C SER D 65 -13.28 1.39 0.52
N THR D 66 -12.21 0.71 0.17
CA THR D 66 -11.93 0.36 -1.22
C THR D 66 -13.06 -0.45 -1.86
N GLU D 67 -13.61 -1.40 -1.12
CA GLU D 67 -14.65 -2.26 -1.69
C GLU D 67 -15.91 -1.44 -1.99
N TYR D 68 -16.20 -0.44 -1.16
CA TYR D 68 -17.34 0.45 -1.45
C TYR D 68 -17.06 1.31 -2.69
N VAL D 69 -15.86 1.87 -2.80
CA VAL D 69 -15.54 2.67 -3.98
C VAL D 69 -15.59 1.79 -5.23
N ASP D 70 -15.08 0.57 -5.12
CA ASP D 70 -15.21 -0.43 -6.18
C ASP D 70 -16.68 -0.67 -6.55
N ALA D 71 -17.54 -0.88 -5.55
CA ALA D 71 -18.97 -1.12 -5.82
C ALA D 71 -19.63 0.07 -6.51
N LEU D 72 -19.30 1.27 -6.05
CA LEU D 72 -19.84 2.48 -6.66
C LEU D 72 -19.40 2.61 -8.13
N LYS D 73 -18.12 2.35 -8.41
CA LYS D 73 -17.68 2.38 -9.80
C LYS D 73 -18.30 1.25 -10.63
N LYS D 74 -18.53 0.09 -10.01
CA LYS D 74 -19.18 -0.97 -10.76
C LYS D 74 -20.62 -0.57 -11.06
N LEU D 75 -21.29 0.05 -10.08
CA LEU D 75 -22.67 0.49 -10.25
C LEU D 75 -22.85 1.47 -11.42
N GLN D 76 -21.91 2.39 -11.58
CA GLN D 76 -21.95 3.31 -12.71
C GLN D 76 -21.82 2.58 -14.04
N MET D 77 -20.80 1.74 -14.17
CA MET D 77 -20.63 0.96 -15.39
C MET D 77 -21.86 0.08 -15.73
N LEU D 78 -22.46 -0.52 -14.71
CA LEU D 78 -23.65 -1.35 -14.94
C LEU D 78 -24.82 -0.53 -15.46
N HIS D 79 -24.91 0.72 -15.03
CA HIS D 79 -26.01 1.58 -15.45
C HIS D 79 -25.73 2.21 -16.81
N CYS D 80 -24.49 2.09 -17.28
CA CYS D 80 -24.12 2.64 -18.58
C CYS D 80 -24.46 1.68 -19.71
N GLU D 81 -24.52 0.38 -19.41
CA GLU D 81 -24.95 -0.59 -20.40
C GLU D 81 -26.47 -0.83 -20.30
N GLU D 82 -26.95 -1.87 -20.96
CA GLU D 82 -28.38 -2.12 -21.10
C GLU D 82 -29.08 -2.24 -19.75
N GLU D 84 -30.02 -4.67 -17.07
CA GLU D 84 -30.40 -4.91 -15.68
C GLU D 84 -29.35 -5.76 -14.96
N LEU D 85 -29.26 -5.55 -13.64
CA LEU D 85 -28.26 -6.22 -12.81
C LEU D 85 -28.60 -7.68 -12.57
N THR D 86 -27.58 -8.49 -12.34
CA THR D 86 -27.77 -9.87 -11.91
C THR D 86 -28.16 -9.91 -10.44
N ALA D 87 -28.58 -11.08 -9.98
CA ALA D 87 -28.94 -11.28 -8.58
C ALA D 87 -27.74 -11.02 -7.66
N ASP D 88 -26.56 -11.45 -8.07
CA ASP D 88 -25.34 -11.28 -7.26
C ASP D 88 -24.91 -9.82 -7.15
N ASP D 89 -24.97 -9.09 -8.27
CA ASP D 89 -24.68 -7.66 -8.26
C ASP D 89 -25.69 -6.92 -7.38
N GLU D 90 -26.96 -7.35 -7.45
CA GLU D 90 -28.01 -6.72 -6.66
C GLU D 90 -27.68 -6.85 -5.18
N LEU D 91 -27.29 -8.06 -4.77
CA LEU D 91 -26.86 -8.32 -3.40
C LEU D 91 -25.67 -7.43 -3.00
N LEU D 92 -24.66 -7.41 -3.87
CA LEU D 92 -23.47 -6.60 -3.65
C LEU D 92 -23.87 -5.15 -3.38
N MET D 93 -24.70 -4.59 -4.26
CA MET D 93 -25.10 -3.18 -4.13
C MET D 93 -25.89 -2.94 -2.84
N ASP D 94 -26.78 -3.87 -2.51
CA ASP D 94 -27.56 -3.80 -1.28
C ASP D 94 -26.67 -3.73 -0.04
N SER D 95 -25.53 -4.40 -0.07
CA SER D 95 -24.70 -4.46 1.13
C SER D 95 -24.01 -3.11 1.36
N PHE D 96 -23.99 -2.25 0.34
CA PHE D 96 -23.50 -0.89 0.51
C PHE D 96 -24.64 0.14 0.46
N SER D 97 -25.88 -0.34 0.51
CA SER D 97 -27.08 0.50 0.45
C SER D 97 -27.10 1.34 -0.82
N LEU D 98 -26.61 0.76 -1.91
CA LEU D 98 -26.70 1.41 -3.18
C LEU D 98 -28.03 1.01 -3.82
N ASN D 99 -29.11 1.45 -3.16
CA ASN D 99 -30.47 1.06 -3.49
C ASN D 99 -31.45 2.10 -2.95
N TYR D 100 -32.74 1.92 -3.23
CA TYR D 100 -33.84 2.73 -2.66
C TYR D 100 -33.62 4.24 -2.79
N ASP D 101 -33.26 4.90 -1.69
CA ASP D 101 -32.92 6.33 -1.71
C ASP D 101 -31.70 6.66 -2.59
N CYS D 102 -30.74 5.74 -2.67
CA CYS D 102 -29.51 5.97 -3.41
C CYS D 102 -29.31 4.99 -4.57
N PRO D 103 -30.18 5.07 -5.58
CA PRO D 103 -30.03 4.13 -6.71
C PRO D 103 -28.82 4.47 -7.57
N GLY D 104 -28.54 3.63 -8.56
CA GLY D 104 -27.52 3.93 -9.53
C GLY D 104 -28.12 4.70 -10.69
N PHE D 105 -27.27 5.39 -11.43
CA PHE D 105 -27.66 6.04 -12.66
C PHE D 105 -26.39 6.18 -13.51
N PRO D 106 -26.54 6.46 -14.82
CA PRO D 106 -25.40 6.41 -15.75
C PRO D 106 -24.11 7.12 -15.30
N SER D 107 -24.19 8.17 -14.51
CA SER D 107 -22.97 8.83 -14.08
C SER D 107 -22.85 8.98 -12.57
N VAL D 108 -23.39 8.01 -11.83
CA VAL D 108 -23.40 8.11 -10.37
C VAL D 108 -21.99 8.26 -9.73
N PHE D 109 -20.98 7.56 -10.24
CA PHE D 109 -19.65 7.69 -9.64
C PHE D 109 -18.99 9.03 -10.03
N ASP D 110 -19.08 9.42 -11.30
CA ASP D 110 -18.51 10.72 -11.72
C ASP D 110 -19.16 11.88 -10.96
N TYR D 111 -20.50 11.89 -10.92
CA TYR D 111 -21.26 12.86 -10.15
C TYR D 111 -20.85 12.95 -8.68
N SER D 112 -20.74 11.81 -8.02
CA SER D 112 -20.37 11.78 -6.62
C SER D 112 -18.95 12.27 -6.46
N LEU D 113 -18.11 11.86 -7.41
CA LEU D 113 -16.68 12.16 -7.34
C LEU D 113 -16.46 13.66 -7.60
N ALA D 114 -17.27 14.24 -8.47
CA ALA D 114 -17.13 15.68 -8.78
C ALA D 114 -17.19 16.55 -7.50
N ALA D 115 -18.17 16.30 -6.64
CA ALA D 115 -18.30 17.04 -5.39
C ALA D 115 -17.05 16.89 -4.50
N VAL D 116 -16.45 15.70 -4.51
CA VAL D 116 -15.18 15.49 -3.83
C VAL D 116 -14.07 16.31 -4.44
N GLN D 117 -14.00 16.30 -5.77
CA GLN D 117 -13.00 17.09 -6.49
C GLN D 117 -13.12 18.56 -6.13
N GLY D 118 -14.34 19.06 -6.06
CA GLY D 118 -14.53 20.46 -5.75
C GLY D 118 -14.23 20.85 -4.31
N SER D 119 -14.62 20.01 -3.36
CA SER D 119 -14.42 20.40 -1.97
C SER D 119 -12.97 20.18 -1.53
N LEU D 120 -12.26 19.27 -2.20
CA LEU D 120 -10.82 19.10 -1.96
C LEU D 120 -10.04 20.28 -2.53
N ALA D 121 -10.48 20.77 -3.68
CA ALA D 121 -9.85 21.96 -4.27
C ALA D 121 -10.12 23.17 -3.39
N ALA D 122 -11.31 23.23 -2.81
CA ALA D 122 -11.66 24.29 -1.86
C ALA D 122 -10.75 24.28 -0.62
N ALA D 123 -10.63 23.11 0.01
CA ALA D 123 -9.74 22.95 1.16
C ALA D 123 -8.32 23.40 0.85
N SER D 124 -7.83 23.06 -0.35
CA SER D 124 -6.47 23.40 -0.75
C SER D 124 -6.27 24.89 -0.92
N ALA D 125 -7.28 25.55 -1.45
CA ALA D 125 -7.24 26.98 -1.65
C ALA D 125 -7.14 27.69 -0.29
N LEU D 126 -7.78 27.13 0.72
CA LEU D 126 -7.65 27.67 2.08
C LEU D 126 -6.27 27.47 2.69
N ILE D 127 -5.75 26.26 2.55
CA ILE D 127 -4.51 25.86 3.21
C ILE D 127 -3.33 26.66 2.67
N CYS D 128 -3.27 26.81 1.35
N CYS D 128 -3.27 26.81 1.35
CA CYS D 128 -2.25 27.63 0.70
CA CYS D 128 -2.25 27.63 0.71
C CYS D 128 -2.59 29.11 0.81
C CYS D 128 -2.59 29.11 0.81
N ARG D 129 -3.69 29.41 1.48
CA ARG D 129 -4.12 30.80 1.73
C ARG D 129 -4.32 31.64 0.47
N HIS D 130 -4.66 31.01 -0.66
CA HIS D 130 -5.06 31.75 -1.85
C HIS D 130 -6.40 32.44 -1.63
N CYS D 131 -7.28 31.78 -0.86
CA CYS D 131 -8.59 32.33 -0.54
C CYS D 131 -8.83 32.32 0.96
N GLU D 132 -9.49 33.35 1.46
CA GLU D 132 -9.86 33.42 2.88
C GLU D 132 -11.14 32.60 3.13
N VAL D 133 -12.06 32.62 2.17
CA VAL D 133 -13.27 31.82 2.20
C VAL D 133 -13.45 31.19 0.82
N VAL D 134 -13.94 29.95 0.76
CA VAL D 134 -14.26 29.27 -0.51
C VAL D 134 -15.66 28.67 -0.46
N ILE D 135 -16.43 28.85 -1.54
CA ILE D 135 -17.80 28.35 -1.67
C ILE D 135 -17.87 27.17 -2.65
N ASN D 136 -18.54 26.09 -2.26
CA ASN D 136 -18.78 25.01 -3.20
C ASN D 136 -20.21 24.54 -3.12
N TRP D 137 -21.07 25.13 -3.96
CA TRP D 137 -22.48 24.79 -3.96
C TRP D 137 -22.74 23.45 -4.65
N GLY D 138 -21.67 22.80 -5.12
CA GLY D 138 -21.82 21.46 -5.65
C GLY D 138 -21.55 20.40 -4.60
N GLY D 139 -21.21 20.84 -3.40
CA GLY D 139 -20.75 19.94 -2.34
C GLY D 139 -21.62 19.95 -1.10
N GLY D 140 -21.16 19.29 -0.05
CA GLY D 140 -21.89 19.27 1.22
C GLY D 140 -22.73 18.02 1.48
N TRP D 141 -22.26 16.89 0.98
CA TRP D 141 -23.05 15.66 1.06
C TRP D 141 -22.75 14.87 2.34
N HIS D 142 -23.44 15.28 3.42
CA HIS D 142 -23.06 14.95 4.79
C HIS D 142 -23.53 13.58 5.31
N HIS D 143 -24.41 12.90 4.59
CA HIS D 143 -24.94 11.62 5.07
C HIS D 143 -24.09 10.38 4.73
N ALA D 144 -23.18 10.49 3.77
CA ALA D 144 -22.47 9.31 3.29
C ALA D 144 -21.53 8.77 4.36
N LYS D 145 -21.45 7.46 4.45
CA LYS D 145 -20.59 6.81 5.44
C LYS D 145 -19.48 6.02 4.76
N ARG D 146 -18.50 5.58 5.54
CA ARG D 146 -17.34 4.84 5.05
C ARG D 146 -17.66 3.81 3.97
N SER D 147 -18.65 2.97 4.23
CA SER D 147 -19.06 1.93 3.30
C SER D 147 -20.57 1.91 3.03
N GLU D 148 -21.22 3.08 3.06
CA GLU D 148 -22.65 3.15 2.81
C GLU D 148 -23.10 4.48 2.24
N ALA D 149 -23.92 4.41 1.20
CA ALA D 149 -24.61 5.58 0.66
C ALA D 149 -25.84 5.80 1.51
N SER D 150 -26.23 7.06 1.69
CA SER D 150 -27.38 7.37 2.51
C SER D 150 -27.91 8.76 2.14
N GLY D 151 -29.23 8.91 2.09
CA GLY D 151 -29.83 10.23 1.88
C GLY D 151 -29.33 11.00 0.65
N PHE D 152 -29.24 10.30 -0.48
CA PHE D 152 -28.80 10.87 -1.75
C PHE D 152 -27.29 11.21 -1.75
N CYS D 153 -26.61 10.86 -0.67
CA CYS D 153 -25.16 11.08 -0.55
C CYS D 153 -24.40 9.79 -0.86
N TYR D 154 -23.49 9.83 -1.83
CA TYR D 154 -22.76 8.62 -2.19
C TYR D 154 -21.31 8.63 -1.68
N LEU D 155 -20.66 9.79 -1.74
CA LEU D 155 -19.30 10.01 -1.25
C LEU D 155 -19.32 11.24 -0.35
N ASN D 156 -18.64 11.16 0.79
CA ASN D 156 -18.74 12.26 1.73
C ASN D 156 -17.65 13.28 1.45
N ASP D 157 -17.97 14.26 0.61
CA ASP D 157 -17.01 15.31 0.24
C ASP D 157 -16.56 16.14 1.45
N ILE D 158 -17.45 16.31 2.43
CA ILE D 158 -17.15 17.13 3.60
C ILE D 158 -16.10 16.48 4.51
N VAL D 159 -16.29 15.20 4.80
CA VAL D 159 -15.32 14.43 5.58
C VAL D 159 -13.93 14.46 4.93
N LEU D 160 -13.88 14.20 3.63
CA LEU D 160 -12.62 14.26 2.91
C LEU D 160 -12.02 15.68 2.92
N ALA D 161 -12.85 16.70 2.73
CA ALA D 161 -12.33 18.07 2.81
C ALA D 161 -11.75 18.36 4.19
N ILE D 162 -12.47 17.94 5.24
CA ILE D 162 -12.05 18.23 6.60
C ILE D 162 -10.79 17.47 6.93
N HIS D 163 -10.70 16.22 6.47
CA HIS D 163 -9.51 15.43 6.71
C HIS D 163 -8.29 16.12 6.09
N ARG D 164 -8.41 16.62 4.87
CA ARG D 164 -7.30 17.37 4.27
C ARG D 164 -6.97 18.63 5.09
N LEU D 165 -7.98 19.31 5.61
CA LEU D 165 -7.71 20.50 6.42
C LEU D 165 -6.90 20.15 7.68
N VAL D 166 -7.36 19.17 8.45
CA VAL D 166 -6.66 18.82 9.70
C VAL D 166 -5.33 18.14 9.40
N SER D 167 -5.18 17.60 8.20
CA SER D 167 -3.95 16.89 7.85
C SER D 167 -2.88 17.83 7.28
N SER D 168 -3.22 19.10 7.11
CA SER D 168 -2.22 20.12 6.79
C SER D 168 -1.42 20.40 8.06
N THR D 169 -0.37 21.22 7.94
CA THR D 169 0.56 21.48 9.04
C THR D 169 1.20 20.18 9.56
N GLN D 178 -1.60 22.69 16.93
CA GLN D 178 -2.66 21.69 16.73
C GLN D 178 -3.80 22.27 15.88
N THR D 179 -3.84 21.88 14.60
CA THR D 179 -4.92 22.28 13.72
C THR D 179 -6.26 21.72 14.24
N ARG D 180 -7.22 22.61 14.48
CA ARG D 180 -8.56 22.21 14.88
CA ARG D 180 -8.56 22.19 14.87
C ARG D 180 -9.59 22.74 13.88
N VAL D 181 -10.60 21.93 13.58
CA VAL D 181 -11.64 22.31 12.63
C VAL D 181 -13.02 22.34 13.30
N LEU D 182 -13.79 23.37 13.02
CA LEU D 182 -15.18 23.44 13.48
C LEU D 182 -16.11 23.24 12.30
N TYR D 183 -16.94 22.20 12.39
CA TYR D 183 -17.91 21.90 11.35
C TYR D 183 -19.31 22.32 11.80
N VAL D 184 -19.96 23.14 10.98
CA VAL D 184 -21.27 23.67 11.34
C VAL D 184 -22.22 23.22 10.28
N ASP D 185 -23.22 22.45 10.69
CA ASP D 185 -24.16 21.84 9.75
C ASP D 185 -25.56 22.48 9.91
N LEU D 186 -25.91 23.37 8.98
CA LEU D 186 -27.17 24.12 9.08
C LEU D 186 -28.33 23.44 8.35
N ASP D 187 -28.09 22.27 7.78
CA ASP D 187 -29.11 21.51 7.05
C ASP D 187 -30.31 21.10 7.95
N LEU D 188 -31.49 21.01 7.35
CA LEU D 188 -32.66 20.48 8.05
C LEU D 188 -32.39 19.12 8.69
N HIS D 189 -31.51 18.35 8.08
CA HIS D 189 -31.23 17.01 8.55
C HIS D 189 -29.94 16.94 9.37
N HIS D 190 -29.91 15.97 10.27
CA HIS D 190 -28.73 15.76 11.07
C HIS D 190 -27.57 15.34 10.18
N GLY D 191 -26.42 16.00 10.34
CA GLY D 191 -25.23 15.63 9.60
C GLY D 191 -24.55 14.41 10.21
N ASP D 192 -25.17 13.25 10.06
CA ASP D 192 -24.71 12.05 10.74
C ASP D 192 -23.41 11.47 10.19
N GLY D 193 -23.18 11.54 8.88
CA GLY D 193 -21.98 10.96 8.30
C GLY D 193 -20.70 11.69 8.76
N VAL D 194 -20.76 13.02 8.79
CA VAL D 194 -19.63 13.81 9.24
C VAL D 194 -19.37 13.58 10.71
N GLU D 195 -20.43 13.62 11.50
CA GLU D 195 -20.35 13.39 12.93
C GLU D 195 -19.71 12.04 13.25
N GLU D 196 -20.19 11.00 12.56
CA GLU D 196 -19.66 9.65 12.78
C GLU D 196 -18.18 9.53 12.37
N ALA D 197 -17.81 10.18 11.27
CA ALA D 197 -16.42 10.09 10.79
C ALA D 197 -15.46 10.62 11.82
N PHE D 198 -15.86 11.68 12.53
CA PHE D 198 -14.95 12.29 13.48
C PHE D 198 -15.37 12.02 14.93
N TRP D 199 -16.12 10.93 15.13
CA TRP D 199 -16.64 10.52 16.44
C TRP D 199 -15.55 10.36 17.49
N TYR D 200 -14.36 9.97 17.05
CA TYR D 200 -13.25 9.69 17.96
C TYR D 200 -12.15 10.74 17.94
N SER D 201 -12.35 11.82 17.20
CA SER D 201 -11.33 12.85 17.07
CA SER D 201 -11.35 12.86 17.03
C SER D 201 -11.73 14.13 17.76
N PRO D 202 -10.88 14.59 18.70
CA PRO D 202 -11.11 15.87 19.37
C PRO D 202 -10.76 17.06 18.48
N ARG D 203 -9.99 16.81 17.42
CA ARG D 203 -9.51 17.88 16.54
C ARG D 203 -10.59 18.43 15.58
N VAL D 204 -11.67 17.67 15.40
CA VAL D 204 -12.78 18.11 14.56
C VAL D 204 -14.04 18.18 15.40
N VAL D 205 -14.46 19.38 15.77
CA VAL D 205 -15.70 19.50 16.53
C VAL D 205 -16.86 19.66 15.57
N THR D 206 -17.84 18.76 15.67
CA THR D 206 -19.00 18.82 14.79
C THR D 206 -20.21 19.38 15.55
N PHE D 207 -21.00 20.20 14.86
CA PHE D 207 -22.19 20.80 15.46
C PHE D 207 -23.26 20.89 14.38
N SER D 208 -24.38 20.23 14.64
CA SER D 208 -25.48 20.17 13.70
C SER D 208 -26.74 20.68 14.37
N VAL D 209 -27.43 21.60 13.71
CA VAL D 209 -28.75 21.99 14.18
C VAL D 209 -29.69 21.43 13.15
N HIS D 210 -30.80 20.87 13.58
CA HIS D 210 -31.63 20.11 12.66
C HIS D 210 -32.98 19.83 13.26
N HIS D 211 -33.92 19.45 12.39
CA HIS D 211 -35.13 18.85 12.92
C HIS D 211 -34.84 17.41 13.36
N ALA D 212 -35.45 16.99 14.45
CA ALA D 212 -35.46 15.57 14.81
C ALA D 212 -36.82 15.24 15.42
N SER D 213 -37.35 14.06 15.07
CA SER D 213 -38.62 13.57 15.60
C SER D 213 -38.78 12.12 15.16
N PRO D 214 -39.69 11.36 15.81
CA PRO D 214 -39.73 9.92 15.53
C PRO D 214 -40.06 9.59 14.08
N GLY D 215 -39.17 8.85 13.43
CA GLY D 215 -39.39 8.42 12.06
C GLY D 215 -38.76 9.32 11.02
N PHE D 216 -38.20 10.44 11.47
CA PHE D 216 -37.62 11.42 10.56
C PHE D 216 -36.14 11.14 10.29
N PHE D 217 -35.77 11.13 9.02
CA PHE D 217 -34.41 10.84 8.57
C PHE D 217 -33.36 11.81 9.15
N PRO D 218 -32.15 11.30 9.49
CA PRO D 218 -31.80 9.87 9.49
C PRO D 218 -32.09 9.22 10.84
N GLY D 219 -32.58 10.00 11.80
CA GLY D 219 -33.06 9.41 13.04
C GLY D 219 -32.16 9.78 14.20
N THR D 220 -30.97 10.27 13.88
CA THR D 220 -29.97 10.56 14.90
C THR D 220 -29.92 12.07 15.22
N GLY D 221 -28.90 12.47 15.99
CA GLY D 221 -28.76 13.84 16.42
C GLY D 221 -29.77 14.27 17.47
N THR D 222 -30.16 13.33 18.33
CA THR D 222 -31.10 13.63 19.39
C THR D 222 -30.97 12.63 20.55
N TRP D 223 -31.85 12.75 21.53
CA TRP D 223 -31.87 11.84 22.68
C TRP D 223 -31.83 10.41 22.20
N ASN D 224 -31.09 9.56 22.91
CA ASN D 224 -30.78 8.23 22.40
C ASN D 224 -30.98 7.13 23.43
N LEU D 231 -34.97 7.68 31.15
CA LEU D 231 -34.01 8.77 30.97
C LEU D 231 -32.93 8.42 29.96
N PRO D 232 -33.17 8.75 28.68
CA PRO D 232 -32.11 8.68 27.68
C PRO D 232 -31.17 9.87 27.81
N ILE D 233 -30.16 9.99 26.96
CA ILE D 233 -29.29 11.15 26.96
C ILE D 233 -28.53 11.26 25.64
N PHE D 234 -27.82 12.37 25.42
CA PHE D 234 -27.10 12.61 24.17
C PHE D 234 -25.72 11.96 24.12
N LEU D 235 -25.49 11.11 23.13
CA LEU D 235 -24.13 10.69 22.81
C LEU D 235 -23.41 11.91 22.20
N ASN D 236 -22.09 11.96 22.30
CA ASN D 236 -21.37 13.17 21.94
C ASN D 236 -19.90 12.96 21.62
N GLY D 237 -19.55 11.73 21.19
CA GLY D 237 -18.17 11.38 20.91
C GLY D 237 -17.72 10.23 21.79
N ALA D 238 -16.65 9.56 21.40
CA ALA D 238 -16.09 8.49 22.22
C ALA D 238 -14.56 8.58 22.23
N GLY D 239 -13.92 7.79 23.10
CA GLY D 239 -12.48 7.84 23.23
C GLY D 239 -12.04 9.26 23.53
N ARG D 240 -10.95 9.69 22.90
CA ARG D 240 -10.48 11.06 23.07
C ARG D 240 -11.41 12.06 22.36
N GLY D 241 -12.40 11.54 21.66
CA GLY D 241 -13.38 12.38 20.99
C GLY D 241 -14.60 12.69 21.85
N ARG D 242 -14.59 12.22 23.10
CA ARG D 242 -15.74 12.46 23.98
C ARG D 242 -16.07 13.95 24.12
N PHE D 243 -17.37 14.24 24.11
CA PHE D 243 -17.94 15.60 24.15
C PHE D 243 -17.61 16.45 22.93
N SER D 244 -17.14 15.85 21.84
CA SER D 244 -16.74 16.65 20.68
C SER D 244 -17.78 16.67 19.56
N ALA D 245 -18.89 15.94 19.75
CA ALA D 245 -20.00 16.00 18.82
C ALA D 245 -21.17 16.76 19.47
N PHE D 246 -21.58 17.85 18.84
CA PHE D 246 -22.62 18.71 19.39
C PHE D 246 -23.87 18.62 18.52
N ASN D 247 -25.01 18.60 19.16
CA ASN D 247 -26.27 18.50 18.45
C ASN D 247 -27.34 19.38 19.08
N LEU D 248 -28.09 20.07 18.22
CA LEU D 248 -29.24 20.83 18.65
C LEU D 248 -30.46 20.49 17.80
N PRO D 249 -31.31 19.58 18.31
CA PRO D 249 -32.51 19.21 17.56
C PRO D 249 -33.66 20.15 17.88
N LEU D 250 -34.41 20.57 16.88
CA LEU D 250 -35.48 21.54 17.09
C LEU D 250 -36.82 21.03 16.57
N GLU D 251 -37.91 21.48 17.21
CA GLU D 251 -39.25 21.09 16.79
C GLU D 251 -39.64 21.79 15.49
N GLU D 252 -40.58 21.21 14.77
CA GLU D 252 -41.01 21.78 13.51
C GLU D 252 -41.66 23.15 13.73
N GLY D 253 -41.60 23.98 12.69
CA GLY D 253 -42.30 25.25 12.65
C GLY D 253 -41.47 26.44 13.08
N ILE D 254 -40.20 26.20 13.43
CA ILE D 254 -39.37 27.26 14.00
C ILE D 254 -39.06 28.32 12.94
N ASN D 255 -39.07 29.58 13.35
CA ASN D 255 -38.88 30.69 12.41
C ASN D 255 -37.48 31.24 12.45
N ASP D 256 -37.21 32.25 11.61
CA ASP D 256 -35.87 32.83 11.48
C ASP D 256 -35.29 33.25 12.82
N LEU D 257 -36.07 34.06 13.55
CA LEU D 257 -35.63 34.65 14.81
C LEU D 257 -35.38 33.63 15.91
N ASP D 258 -36.31 32.69 16.09
CA ASP D 258 -36.15 31.70 17.16
C ASP D 258 -34.98 30.76 16.84
N TRP D 259 -34.78 30.47 15.55
CA TRP D 259 -33.69 29.59 15.10
C TRP D 259 -32.35 30.29 15.35
N SER D 260 -32.31 31.58 15.01
CA SER D 260 -31.12 32.42 15.17
C SER D 260 -30.67 32.47 16.61
N ASN D 261 -31.62 32.79 17.49
CA ASN D 261 -31.37 32.87 18.92
C ASN D 261 -30.98 31.52 19.52
N ALA D 262 -31.55 30.46 18.96
CA ALA D 262 -31.21 29.11 19.39
C ALA D 262 -29.74 28.79 19.06
N ILE D 263 -29.31 29.16 17.87
CA ILE D 263 -27.98 28.76 17.37
C ILE D 263 -26.89 29.80 17.71
N GLY D 264 -27.26 31.09 17.77
CA GLY D 264 -26.31 32.19 17.98
C GLY D 264 -25.30 32.05 19.11
N PRO D 265 -25.80 31.90 20.35
CA PRO D 265 -24.94 31.70 21.53
C PRO D 265 -24.03 30.45 21.46
N ILE D 266 -24.54 29.35 20.92
CA ILE D 266 -23.73 28.14 20.76
C ILE D 266 -22.55 28.35 19.81
N LEU D 267 -22.83 28.92 18.64
CA LEU D 267 -21.79 29.20 17.66
C LEU D 267 -20.70 30.09 18.25
N ASP D 268 -21.11 31.17 18.92
CA ASP D 268 -20.14 32.11 19.50
C ASP D 268 -19.25 31.46 20.56
N SER D 269 -19.82 30.59 21.38
CA SER D 269 -19.04 29.97 22.43
C SER D 269 -18.17 28.82 21.90
N LEU D 270 -18.60 28.16 20.82
CA LEU D 270 -17.76 27.13 20.24
C LEU D 270 -16.49 27.77 19.72
N ASN D 271 -16.64 28.94 19.10
CA ASN D 271 -15.50 29.63 18.52
C ASN D 271 -14.54 30.13 19.60
N ILE D 272 -15.10 30.78 20.61
CA ILE D 272 -14.33 31.19 21.78
C ILE D 272 -13.50 30.01 22.33
N VAL D 273 -14.18 28.91 22.66
CA VAL D 273 -13.50 27.80 23.32
C VAL D 273 -12.61 27.03 22.35
N ILE D 274 -13.14 26.64 21.20
CA ILE D 274 -12.38 25.76 20.31
C ILE D 274 -11.26 26.51 19.59
N GLN D 275 -11.48 27.80 19.34
CA GLN D 275 -10.57 28.61 18.53
C GLN D 275 -10.10 27.87 17.28
N PRO D 276 -11.03 27.60 16.36
CA PRO D 276 -10.69 26.77 15.21
C PRO D 276 -9.75 27.45 14.25
N SER D 277 -8.99 26.63 13.51
CA SER D 277 -8.12 27.09 12.43
C SER D 277 -8.92 27.21 11.16
N TYR D 278 -9.95 26.37 11.05
CA TYR D 278 -10.86 26.41 9.90
C TYR D 278 -12.29 26.19 10.35
N VAL D 279 -13.22 26.78 9.59
CA VAL D 279 -14.64 26.49 9.78
C VAL D 279 -15.22 25.96 8.48
N VAL D 280 -15.85 24.78 8.57
CA VAL D 280 -16.55 24.22 7.42
C VAL D 280 -18.04 24.28 7.70
N VAL D 281 -18.79 24.93 6.80
CA VAL D 281 -20.22 25.15 7.00
C VAL D 281 -21.02 24.47 5.90
N GLN D 282 -21.91 23.56 6.31
CA GLN D 282 -22.86 22.94 5.40
C GLN D 282 -24.12 23.80 5.44
N CYS D 283 -24.52 24.32 4.30
CA CYS D 283 -25.59 25.32 4.25
C CYS D 283 -26.82 24.80 3.53
N GLY D 284 -27.23 23.58 3.86
CA GLY D 284 -28.39 22.97 3.24
C GLY D 284 -29.61 23.86 3.34
N ALA D 285 -30.29 24.05 2.22
CA ALA D 285 -31.38 25.02 2.11
C ALA D 285 -32.74 24.41 2.39
N ASP D 286 -32.79 23.19 2.94
CA ASP D 286 -34.10 22.60 3.14
C ASP D 286 -34.82 23.10 4.40
N CYS D 287 -34.21 24.01 5.13
CA CYS D 287 -34.92 24.65 6.26
C CYS D 287 -35.83 25.79 5.79
N LEU D 288 -35.73 26.16 4.51
CA LEU D 288 -36.53 27.26 3.96
C LEU D 288 -38.03 26.96 4.11
N ALA D 289 -38.81 27.98 4.46
CA ALA D 289 -40.27 27.85 4.58
C ALA D 289 -40.92 27.24 3.33
N THR D 290 -40.29 27.46 2.18
CA THR D 290 -40.85 27.07 0.90
C THR D 290 -40.25 25.77 0.35
N ASP D 291 -39.37 25.14 1.10
CA ASP D 291 -38.91 23.81 0.75
C ASP D 291 -40.11 22.87 0.82
N PRO D 292 -40.19 21.89 -0.09
CA PRO D 292 -41.33 20.97 -0.02
C PRO D 292 -41.35 20.12 1.28
N HIS D 293 -40.26 20.10 2.05
CA HIS D 293 -40.29 19.43 3.35
C HIS D 293 -41.33 20.09 4.26
N ARG D 294 -41.40 21.42 4.18
CA ARG D 294 -42.32 22.21 4.98
C ARG D 294 -42.20 21.91 6.46
N ILE D 295 -40.97 21.94 6.97
CA ILE D 295 -40.69 21.69 8.38
C ILE D 295 -40.32 22.95 9.17
N PHE D 296 -39.21 23.58 8.81
CA PHE D 296 -38.79 24.85 9.42
C PHE D 296 -39.35 26.00 8.59
N ARG D 297 -39.30 27.22 9.13
CA ARG D 297 -39.80 28.38 8.41
C ARG D 297 -38.75 29.48 8.28
N LEU D 298 -37.53 29.11 7.90
CA LEU D 298 -36.50 30.09 7.64
C LEU D 298 -36.71 30.75 6.26
N THR D 299 -36.17 31.96 6.11
CA THR D 299 -36.23 32.69 4.85
C THR D 299 -34.83 32.98 4.31
N ASN D 300 -34.79 33.63 3.15
CA ASN D 300 -33.56 34.23 2.67
C ASN D 300 -33.62 35.76 2.84
N PHE D 301 -34.35 36.25 3.84
CA PHE D 301 -34.57 37.70 3.97
C PHE D 301 -33.35 38.43 4.53
N TYR D 302 -33.09 39.61 3.98
CA TYR D 302 -31.98 40.45 4.41
C TYR D 302 -32.48 41.89 4.57
N PRO D 303 -33.07 42.20 5.74
CA PRO D 303 -33.68 43.51 6.01
C PRO D 303 -32.74 44.69 5.75
N SER D 316 -38.26 39.50 9.25
CA SER D 316 -37.06 39.31 10.05
C SER D 316 -35.87 39.00 9.14
N LEU D 317 -34.73 38.68 9.76
CA LEU D 317 -33.52 38.33 9.02
C LEU D 317 -33.32 36.82 8.94
N SER D 318 -33.03 36.35 7.73
CA SER D 318 -32.67 34.95 7.45
C SER D 318 -31.78 34.31 8.51
N GLY D 319 -32.23 33.20 9.09
CA GLY D 319 -31.39 32.42 9.98
C GLY D 319 -30.06 32.08 9.34
N TYR D 320 -30.11 31.69 8.09
CA TYR D 320 -28.90 31.37 7.34
C TYR D 320 -27.89 32.52 7.28
N LEU D 321 -28.37 33.68 6.86
CA LEU D 321 -27.51 34.85 6.70
C LEU D 321 -26.99 35.32 8.05
N TYR D 322 -27.85 35.28 9.06
CA TYR D 322 -27.44 35.57 10.42
C TYR D 322 -26.27 34.66 10.84
N ALA D 323 -26.39 33.36 10.60
CA ALA D 323 -25.36 32.39 11.01
C ALA D 323 -24.08 32.58 10.24
N ILE D 324 -24.20 32.76 8.92
CA ILE D 324 -23.03 32.95 8.07
C ILE D 324 -22.26 34.23 8.44
N LYS D 325 -22.99 35.35 8.58
CA LYS D 325 -22.39 36.62 9.00
C LYS D 325 -21.65 36.47 10.35
N LYS D 326 -22.25 35.73 11.27
CA LYS D 326 -21.64 35.49 12.55
C LYS D 326 -20.34 34.69 12.41
N ILE D 327 -20.39 33.61 11.64
CA ILE D 327 -19.20 32.77 11.41
C ILE D 327 -18.13 33.55 10.66
N LEU D 328 -18.53 34.31 9.64
CA LEU D 328 -17.60 35.14 8.89
C LEU D 328 -16.95 36.24 9.75
N SER D 329 -17.65 36.65 10.80
CA SER D 329 -17.16 37.75 11.62
C SER D 329 -15.95 37.30 12.44
N TRP D 330 -15.74 35.99 12.51
CA TRP D 330 -14.64 35.41 13.29
C TRP D 330 -13.29 35.54 12.60
N LYS D 331 -13.31 35.82 11.30
CA LYS D 331 -12.09 35.97 10.50
C LYS D 331 -11.26 34.69 10.49
N VAL D 332 -11.93 33.56 10.35
CA VAL D 332 -11.26 32.26 10.23
C VAL D 332 -11.45 31.73 8.80
N PRO D 333 -10.39 31.17 8.20
CA PRO D 333 -10.58 30.59 6.86
C PRO D 333 -11.71 29.57 6.86
N THR D 334 -12.70 29.83 6.01
CA THR D 334 -13.96 29.14 6.08
C THR D 334 -14.36 28.48 4.76
N LEU D 335 -14.87 27.26 4.85
CA LEU D 335 -15.36 26.55 3.70
C LEU D 335 -16.89 26.52 3.77
N ILE D 336 -17.55 27.06 2.75
CA ILE D 336 -19.02 27.01 2.71
C ILE D 336 -19.53 26.06 1.64
N LEU D 337 -20.35 25.09 2.05
CA LEU D 337 -20.86 24.08 1.14
C LEU D 337 -22.39 24.12 1.05
N GLY D 338 -22.94 23.58 -0.04
CA GLY D 338 -24.36 23.38 -0.20
C GLY D 338 -24.86 22.18 0.59
N GLY D 339 -25.81 21.45 0.02
CA GLY D 339 -26.39 20.32 0.68
C GLY D 339 -27.81 20.15 0.19
N GLY D 340 -28.73 19.84 1.12
CA GLY D 340 -30.13 19.71 0.76
C GLY D 340 -30.73 20.99 0.24
N GLY D 341 -31.98 20.89 -0.22
CA GLY D 341 -32.66 22.04 -0.80
C GLY D 341 -33.35 21.60 -2.08
N TYR D 342 -34.65 21.37 -2.00
CA TYR D 342 -35.38 20.70 -3.08
C TYR D 342 -36.34 21.63 -3.80
N ASN D 343 -36.45 22.86 -3.29
CA ASN D 343 -37.06 23.95 -4.06
C ASN D 343 -35.93 24.68 -4.78
N PHE D 344 -35.66 24.29 -6.02
CA PHE D 344 -34.42 24.72 -6.69
C PHE D 344 -34.29 26.25 -6.88
N PRO D 345 -35.34 26.93 -7.39
CA PRO D 345 -35.21 28.40 -7.49
C PRO D 345 -35.02 29.07 -6.13
N ASP D 346 -35.68 28.55 -5.10
CA ASP D 346 -35.55 29.13 -3.77
C ASP D 346 -34.20 28.80 -3.12
N THR D 347 -33.61 27.65 -3.46
CA THR D 347 -32.24 27.35 -3.04
C THR D 347 -31.29 28.32 -3.72
N ALA D 348 -31.49 28.52 -5.02
CA ALA D 348 -30.76 29.53 -5.78
C ALA D 348 -30.86 30.92 -5.14
N ARG D 349 -32.06 31.31 -4.71
CA ARG D 349 -32.28 32.60 -4.06
C ARG D 349 -31.49 32.76 -2.77
N LEU D 350 -31.49 31.71 -1.95
CA LEU D 350 -30.77 31.78 -0.68
C LEU D 350 -29.26 31.82 -0.90
N TRP D 351 -28.76 30.91 -1.73
CA TRP D 351 -27.31 30.78 -1.86
C TRP D 351 -26.72 31.96 -2.62
N THR D 352 -27.52 32.56 -3.49
CA THR D 352 -27.13 33.81 -4.15
C THR D 352 -26.91 34.89 -3.10
N ARG D 353 -27.79 34.94 -2.11
CA ARG D 353 -27.64 35.93 -1.06
C ARG D 353 -26.49 35.60 -0.11
N VAL D 354 -26.29 34.32 0.21
CA VAL D 354 -25.14 33.91 1.03
C VAL D 354 -23.83 34.30 0.36
N THR D 355 -23.77 34.12 -0.96
CA THR D 355 -22.57 34.39 -1.72
C THR D 355 -22.23 35.89 -1.68
N ALA D 356 -23.26 36.72 -1.90
CA ALA D 356 -23.10 38.17 -1.84
C ALA D 356 -22.64 38.62 -0.46
N LEU D 357 -23.19 38.01 0.58
CA LEU D 357 -22.84 38.36 1.96
C LEU D 357 -21.37 38.03 2.25
N THR D 358 -20.94 36.89 1.75
CA THR D 358 -19.56 36.46 1.92
C THR D 358 -18.64 37.50 1.26
N ILE D 359 -18.94 37.86 0.02
CA ILE D 359 -18.19 38.89 -0.68
C ILE D 359 -18.12 40.19 0.12
N GLU D 360 -19.25 40.63 0.66
CA GLU D 360 -19.29 41.84 1.51
C GLU D 360 -18.44 41.71 2.75
N GLU D 361 -18.65 40.63 3.49
CA GLU D 361 -17.97 40.42 4.77
C GLU D 361 -16.47 40.21 4.64
N VAL D 362 -16.02 39.72 3.49
CA VAL D 362 -14.60 39.43 3.34
C VAL D 362 -13.86 40.58 2.68
N LYS D 363 -14.38 41.09 1.57
CA LYS D 363 -13.72 42.15 0.82
C LYS D 363 -14.06 43.54 1.32
N GLY D 364 -15.05 43.66 2.19
CA GLY D 364 -15.47 44.95 2.71
C GLY D 364 -16.26 45.74 1.67
N LYS D 365 -16.42 45.13 0.51
CA LYS D 365 -17.04 45.77 -0.65
C LYS D 365 -18.54 45.55 -0.58
N LYS D 366 -19.32 46.62 -0.55
CA LYS D 366 -20.77 46.49 -0.45
C LYS D 366 -21.40 45.96 -1.75
N MET D 367 -22.18 44.89 -1.61
CA MET D 367 -22.87 44.29 -2.74
C MET D 367 -24.31 44.71 -2.74
N THR D 368 -24.76 45.27 -3.85
CA THR D 368 -26.13 45.74 -3.97
C THR D 368 -26.86 44.76 -4.86
N ILE D 369 -27.78 44.00 -4.28
CA ILE D 369 -28.58 43.07 -5.07
C ILE D 369 -30.01 43.59 -5.29
N SER D 370 -30.39 43.78 -6.55
CA SER D 370 -31.75 44.16 -6.87
C SER D 370 -32.76 43.16 -6.32
N PRO D 371 -33.87 43.66 -5.75
CA PRO D 371 -34.93 42.80 -5.21
C PRO D 371 -35.66 41.97 -6.28
N GLU D 372 -35.47 42.32 -7.55
CA GLU D 372 -36.10 41.56 -8.63
C GLU D 372 -35.08 40.70 -9.34
N ILE D 373 -35.48 39.51 -9.76
CA ILE D 373 -34.61 38.59 -10.51
C ILE D 373 -34.24 39.20 -11.85
N PRO D 374 -32.94 39.30 -12.13
CA PRO D 374 -32.54 39.85 -13.44
C PRO D 374 -32.83 38.86 -14.53
N GLU D 375 -32.85 39.31 -15.77
CA GLU D 375 -32.97 38.40 -16.90
C GLU D 375 -31.74 37.51 -17.00
N HIS D 376 -31.98 36.23 -17.27
CA HIS D 376 -30.94 35.26 -17.58
C HIS D 376 -31.65 34.01 -18.11
N SER D 377 -30.89 32.97 -18.41
CA SER D 377 -31.44 31.81 -19.12
C SER D 377 -32.49 31.06 -18.32
N TYR D 378 -32.44 31.20 -17.00
CA TYR D 378 -33.34 30.47 -16.12
C TYR D 378 -34.40 31.36 -15.48
N PHE D 379 -34.50 32.62 -15.95
CA PHE D 379 -35.42 33.60 -15.38
C PHE D 379 -36.87 33.10 -15.27
N SER D 380 -37.31 32.31 -16.25
CA SER D 380 -38.67 31.80 -16.25
C SER D 380 -38.97 30.98 -15.00
N ARG D 381 -37.95 30.32 -14.45
CA ARG D 381 -38.14 29.46 -13.29
C ARG D 381 -38.50 30.22 -12.02
N TYR D 382 -38.35 31.54 -12.03
CA TYR D 382 -38.47 32.29 -10.78
C TYR D 382 -39.83 32.97 -10.66
N GLY D 383 -40.79 32.52 -11.47
CA GLY D 383 -42.16 32.96 -11.33
C GLY D 383 -42.77 32.54 -9.99
N PRO D 384 -43.98 33.05 -9.69
CA PRO D 384 -44.74 33.92 -10.59
C PRO D 384 -44.41 35.40 -10.42
N ASP D 385 -43.78 35.76 -9.30
CA ASP D 385 -43.51 37.15 -8.99
C ASP D 385 -42.11 37.61 -9.36
N PHE D 386 -41.20 36.67 -9.60
CA PHE D 386 -39.85 36.98 -10.07
C PHE D 386 -39.07 37.87 -9.11
N GLU D 387 -39.28 37.70 -7.81
CA GLU D 387 -38.52 38.45 -6.82
C GLU D 387 -37.46 37.57 -6.15
N LEU D 388 -36.45 38.22 -5.56
CA LEU D 388 -35.34 37.50 -4.95
C LEU D 388 -35.74 36.95 -3.57
N ASP D 389 -36.54 37.71 -2.84
CA ASP D 389 -37.15 37.21 -1.62
C ASP D 389 -37.97 35.96 -1.98
N ILE D 390 -37.96 34.94 -1.13
CA ILE D 390 -38.84 33.81 -1.35
C ILE D 390 -40.26 34.25 -1.03
N ASP D 391 -41.23 33.63 -1.70
CA ASP D 391 -42.65 33.96 -1.54
C ASP D 391 -43.22 33.42 -0.24
N TYR D 392 -43.08 34.16 0.86
CA TYR D 392 -43.59 33.65 2.14
C TYR D 392 -43.94 34.79 3.09
N PHE D 393 -45.12 34.72 3.69
CA PHE D 393 -45.48 35.69 4.74
C PHE D 393 -45.26 35.05 6.11
N PRO D 394 -44.25 35.55 6.84
CA PRO D 394 -43.87 34.99 8.13
C PRO D 394 -44.84 35.41 9.23
N ASP D 403 -37.13 27.64 26.56
CA ASP D 403 -37.65 26.63 27.47
C ASP D 403 -36.99 25.28 27.19
N SER D 404 -37.43 24.65 26.11
CA SER D 404 -36.78 23.46 25.57
C SER D 404 -35.38 23.81 25.10
N ILE D 405 -35.25 25.01 24.54
CA ILE D 405 -33.98 25.46 23.99
C ILE D 405 -33.09 25.95 25.13
N GLN D 406 -33.73 26.43 26.20
CA GLN D 406 -32.99 26.82 27.37
C GLN D 406 -32.31 25.62 28.05
N LYS D 407 -33.01 24.50 28.14
CA LYS D 407 -32.41 23.28 28.68
C LYS D 407 -31.31 22.76 27.76
N HIS D 408 -31.56 22.84 26.45
CA HIS D 408 -30.55 22.47 25.47
C HIS D 408 -29.32 23.34 25.60
N HIS D 409 -29.52 24.62 25.89
CA HIS D 409 -28.38 25.52 26.04
C HIS D 409 -27.53 25.18 27.28
N ARG D 410 -28.17 24.93 28.42
CA ARG D 410 -27.43 24.52 29.60
C ARG D 410 -26.72 23.16 29.36
N ARG D 411 -27.42 22.23 28.70
CA ARG D 411 -26.82 20.95 28.33
C ARG D 411 -25.58 21.14 27.46
N ILE D 412 -25.73 21.90 26.39
CA ILE D 412 -24.63 22.17 25.46
C ILE D 412 -23.46 22.92 26.12
N LEU D 413 -23.79 23.81 27.05
CA LEU D 413 -22.75 24.54 27.76
C LEU D 413 -21.94 23.62 28.63
N GLU D 414 -22.61 22.65 29.25
CA GLU D 414 -21.93 21.69 30.10
C GLU D 414 -21.04 20.79 29.26
N GLN D 415 -21.51 20.43 28.06
CA GLN D 415 -20.72 19.59 27.16
C GLN D 415 -19.45 20.32 26.76
N LEU D 416 -19.58 21.62 26.51
CA LEU D 416 -18.46 22.44 26.05
C LEU D 416 -17.44 22.58 27.17
N ARG D 417 -17.94 22.74 28.39
CA ARG D 417 -17.09 22.74 29.58
C ARG D 417 -16.33 21.42 29.67
N ASN D 418 -17.06 20.31 29.50
CA ASN D 418 -16.45 18.99 29.57
C ASN D 418 -15.42 18.78 28.46
N TYR D 419 -15.71 19.27 27.25
CA TYR D 419 -14.78 19.11 26.15
C TYR D 419 -13.47 19.84 26.44
N ALA D 420 -13.59 21.10 26.85
CA ALA D 420 -12.44 21.91 27.25
C ALA D 420 -11.64 21.28 28.37
N ASP D 421 -12.31 20.80 29.42
CA ASP D 421 -11.66 20.07 30.51
C ASP D 421 -10.80 18.93 29.97
N LEU D 422 -11.45 18.02 29.25
CA LEU D 422 -10.80 16.86 28.66
C LEU D 422 -9.61 17.22 27.79
N ASN D 423 -9.68 18.38 27.16
CA ASN D 423 -8.71 18.75 26.15
C ASN D 423 -7.75 19.86 26.56
N LYS D 424 -7.74 20.20 27.85
CA LYS D 424 -6.76 21.15 28.40
C LYS D 424 -6.86 22.50 27.69
N LEU D 425 -8.08 22.92 27.41
CA LEU D 425 -8.29 24.22 26.77
C LEU D 425 -8.54 25.30 27.82
N ILE D 426 -7.91 26.44 27.64
CA ILE D 426 -8.16 27.58 28.52
C ILE D 426 -9.24 28.47 27.93
N TYR D 427 -10.10 28.94 28.80
CA TYR D 427 -11.24 29.78 28.45
C TYR D 427 -11.69 30.43 29.74
N ASP D 428 -12.64 31.34 29.69
CA ASP D 428 -13.14 31.91 30.93
C ASP D 428 -14.11 30.95 31.60
N TYR D 429 -15.35 31.39 31.78
CA TYR D 429 -16.35 30.61 32.50
C TYR D 429 -17.67 31.37 32.48
N ASP D 430 -17.60 32.65 32.82
CA ASP D 430 -18.77 33.51 32.80
C ASP D 430 -18.75 34.36 31.54
N GLN D 431 -17.58 34.50 30.94
CA GLN D 431 -17.47 35.15 29.63
C GLN D 431 -18.14 34.27 28.58
N VAL D 432 -17.96 32.95 28.73
CA VAL D 432 -18.68 31.99 27.91
C VAL D 432 -20.17 32.05 28.24
N TYR D 433 -20.47 32.07 29.53
CA TYR D 433 -21.84 32.03 30.02
C TYR D 433 -22.61 33.32 29.70
N GLN D 434 -21.89 34.43 29.61
CA GLN D 434 -22.49 35.74 29.34
C GLN D 434 -23.31 35.79 28.04
N LEU D 435 -22.84 35.08 27.03
CA LEU D 435 -23.51 35.09 25.71
C LEU D 435 -24.95 34.58 25.77
N TYR D 436 -25.31 33.94 26.88
CA TYR D 436 -26.66 33.41 27.04
C TYR D 436 -27.52 34.35 27.91
#